data_4JMH
# 
_entry.id   4JMH 
# 
_audit_conform.dict_name       mmcif_pdbx.dic 
_audit_conform.dict_version    5.399 
_audit_conform.dict_location   http://mmcif.pdb.org/dictionaries/ascii/mmcif_pdbx.dic 
# 
loop_
_database_2.database_id 
_database_2.database_code 
_database_2.pdbx_database_accession 
_database_2.pdbx_DOI 
PDB   4JMH         pdb_00004jmh 10.2210/pdb4jmh/pdb 
RCSB  RCSB078231   ?            ?                   
WWPDB D_1000078231 ?            ?                   
# 
loop_
_pdbx_audit_revision_history.ordinal 
_pdbx_audit_revision_history.data_content_type 
_pdbx_audit_revision_history.major_revision 
_pdbx_audit_revision_history.minor_revision 
_pdbx_audit_revision_history.revision_date 
1 'Structure model' 1 0 2014-04-23 
2 'Structure model' 1 1 2014-07-30 
3 'Structure model' 1 2 2014-08-06 
4 'Structure model' 1 3 2023-09-20 
5 'Structure model' 1 4 2023-12-06 
6 'Structure model' 1 5 2024-11-20 
# 
_pdbx_audit_revision_details.ordinal             1 
_pdbx_audit_revision_details.revision_ordinal    1 
_pdbx_audit_revision_details.data_content_type   'Structure model' 
_pdbx_audit_revision_details.provider            repository 
_pdbx_audit_revision_details.type                'Initial release' 
_pdbx_audit_revision_details.description         ? 
_pdbx_audit_revision_details.details             ? 
# 
loop_
_pdbx_audit_revision_group.ordinal 
_pdbx_audit_revision_group.revision_ordinal 
_pdbx_audit_revision_group.data_content_type 
_pdbx_audit_revision_group.group 
1 2 'Structure model' 'Database references'    
2 3 'Structure model' 'Data collection'        
3 4 'Structure model' 'Data collection'        
4 4 'Structure model' 'Database references'    
5 4 'Structure model' 'Derived calculations'   
6 4 'Structure model' 'Refinement description' 
7 5 'Structure model' 'Data collection'        
8 6 'Structure model' 'Structure summary'      
# 
loop_
_pdbx_audit_revision_category.ordinal 
_pdbx_audit_revision_category.revision_ordinal 
_pdbx_audit_revision_category.data_content_type 
_pdbx_audit_revision_category.category 
1 4 'Structure model' chem_comp_atom                
2 4 'Structure model' chem_comp_bond                
3 4 'Structure model' database_2                    
4 4 'Structure model' pdbx_initial_refinement_model 
5 4 'Structure model' struct_conn                   
6 5 'Structure model' chem_comp_atom                
7 5 'Structure model' chem_comp_bond                
8 6 'Structure model' pdbx_entry_details            
9 6 'Structure model' pdbx_modification_feature     
# 
loop_
_pdbx_audit_revision_item.ordinal 
_pdbx_audit_revision_item.revision_ordinal 
_pdbx_audit_revision_item.data_content_type 
_pdbx_audit_revision_item.item 
1 4 'Structure model' '_database_2.pdbx_DOI'                
2 4 'Structure model' '_database_2.pdbx_database_accession' 
3 4 'Structure model' '_struct_conn.pdbx_leaving_atom_flag' 
4 5 'Structure model' '_chem_comp_atom.atom_id'             
5 5 'Structure model' '_chem_comp_bond.atom_id_2'           
# 
_pdbx_database_status.status_code                     REL 
_pdbx_database_status.entry_id                        4JMH 
_pdbx_database_status.recvd_initial_deposition_date   2013-03-14 
_pdbx_database_status.deposit_site                    RCSB 
_pdbx_database_status.process_site                    RCSB 
_pdbx_database_status.status_code_sf                  REL 
_pdbx_database_status.status_code_mr                  ? 
_pdbx_database_status.SG_entry                        ? 
_pdbx_database_status.status_code_cs                  ? 
_pdbx_database_status.methods_development_category    ? 
_pdbx_database_status.pdb_format_compatible           Y 
_pdbx_database_status.status_code_nmr_data            ? 
# 
_pdbx_database_related.db_name        PDB 
_pdbx_database_related.db_id          4JMG 
_pdbx_database_related.details        . 
_pdbx_database_related.content_type   unspecified 
# 
loop_
_audit_author.name 
_audit_author.pdbx_ordinal 
'Yasui, N.' 1 
'Smith, L.' 2 
'Koide, S.' 3 
# 
_citation.id                        primary 
_citation.title                     
'Directed network wiring identifies a key protein interaction in embryonic stem cell differentiation.' 
_citation.journal_abbrev            Mol.Cell 
_citation.journal_volume            54 
_citation.page_first                1034 
_citation.page_last                 1041 
_citation.year                      2014 
_citation.journal_id_ASTM           MOCEFL 
_citation.country                   US 
_citation.journal_id_ISSN           1097-2765 
_citation.journal_id_CSD            2168 
_citation.book_publisher            ? 
_citation.pdbx_database_id_PubMed   24910098 
_citation.pdbx_database_id_DOI      10.1016/j.molcel.2014.05.002 
# 
loop_
_citation_author.citation_id 
_citation_author.name 
_citation_author.ordinal 
_citation_author.identifier_ORCID 
primary 'Yasui, N.'       1  ? 
primary 'Findlay, G.M.'   2  ? 
primary 'Gish, G.D.'      3  ? 
primary 'Hsiung, M.S.'    4  ? 
primary 'Huang, J.'       5  ? 
primary 'Tucholska, M.'   6  ? 
primary 'Taylor, L.'      7  ? 
primary 'Smith, L.'       8  ? 
primary 'Boldridge, W.C.' 9  ? 
primary 'Koide, A.'       10 ? 
primary 'Pawson, T.'      11 ? 
primary 'Koide, S.'       12 ? 
# 
loop_
_entity.id 
_entity.type 
_entity.src_method 
_entity.pdbx_description 
_entity.formula_weight 
_entity.pdbx_number_of_molecules 
_entity.pdbx_ec 
_entity.pdbx_mutation 
_entity.pdbx_fragment 
_entity.details 
1 polymer man 'Clamp Shc1_pY239/240'       22333.920 1 ? ? ?                      ? 
2 polymer man 'SHC-transforming protein 1' 1739.625  1 ? ? 'unp residues 344-356' ? 
3 water   nat water                        18.015    7 ? ? ?                      ? 
# 
_entity_name_com.entity_id   2 
_entity_name_com.name        
;SHC-transforming protein 3, SHC-transforming protein A, Src homology 2 domain-containing-transforming protein C1, SH2 domain protein C1
;
# 
loop_
_entity_poly.entity_id 
_entity_poly.type 
_entity_poly.nstd_linkage 
_entity_poly.nstd_monomer 
_entity_poly.pdbx_seq_one_letter_code 
_entity_poly.pdbx_seq_one_letter_code_can 
_entity_poly.pdbx_strand_id 
_entity_poly.pdbx_target_identifier 
1 'polypeptide(L)' no no  
;GSVKFNSLDELVDYHRSTSVSRNQQIFLRDIGGSGGGHPWYKGKIPRAKAEEMLSKQRHDGAFLIRESESAPGDFSLSVK
FGNDVQHFKVLRDGAGKYFLWVGGSGGSVSSVPTKLEVVAATPTSLLISWDAIWYPYYVSYYRITYGETGGNSPVQEFTV
PGYSSTATISGLSPGVDYTITIYAKYHRAKYYSSPISINYRT
;
;GSVKFNSLDELVDYHRSTSVSRNQQIFLRDIGGSGGGHPWYKGKIPRAKAEEMLSKQRHDGAFLIRESESAPGDFSLSVK
FGNDVQHFKVLRDGAGKYFLWVGGSGGSVSSVPTKLEVVAATPTSLLISWDAIWYPYYVSYYRITYGETGGNSPVQEFTV
PGYSSTATISGLSPGVDYTITIYAKYHRAKYYSSPISINYRT
;
A ? 
2 'polypeptide(L)' no yes 'PPDHQ(PTR)(PTR)NDFPGK' PPDHQYYNDFPGK B ? 
# 
_pdbx_entity_nonpoly.entity_id   3 
_pdbx_entity_nonpoly.name        water 
_pdbx_entity_nonpoly.comp_id     HOH 
# 
loop_
_entity_poly_seq.entity_id 
_entity_poly_seq.num 
_entity_poly_seq.mon_id 
_entity_poly_seq.hetero 
1 1   GLY n 
1 2   SER n 
1 3   VAL n 
1 4   LYS n 
1 5   PHE n 
1 6   ASN n 
1 7   SER n 
1 8   LEU n 
1 9   ASP n 
1 10  GLU n 
1 11  LEU n 
1 12  VAL n 
1 13  ASP n 
1 14  TYR n 
1 15  HIS n 
1 16  ARG n 
1 17  SER n 
1 18  THR n 
1 19  SER n 
1 20  VAL n 
1 21  SER n 
1 22  ARG n 
1 23  ASN n 
1 24  GLN n 
1 25  GLN n 
1 26  ILE n 
1 27  PHE n 
1 28  LEU n 
1 29  ARG n 
1 30  ASP n 
1 31  ILE n 
1 32  GLY n 
1 33  GLY n 
1 34  SER n 
1 35  GLY n 
1 36  GLY n 
1 37  GLY n 
1 38  HIS n 
1 39  PRO n 
1 40  TRP n 
1 41  TYR n 
1 42  LYS n 
1 43  GLY n 
1 44  LYS n 
1 45  ILE n 
1 46  PRO n 
1 47  ARG n 
1 48  ALA n 
1 49  LYS n 
1 50  ALA n 
1 51  GLU n 
1 52  GLU n 
1 53  MET n 
1 54  LEU n 
1 55  SER n 
1 56  LYS n 
1 57  GLN n 
1 58  ARG n 
1 59  HIS n 
1 60  ASP n 
1 61  GLY n 
1 62  ALA n 
1 63  PHE n 
1 64  LEU n 
1 65  ILE n 
1 66  ARG n 
1 67  GLU n 
1 68  SER n 
1 69  GLU n 
1 70  SER n 
1 71  ALA n 
1 72  PRO n 
1 73  GLY n 
1 74  ASP n 
1 75  PHE n 
1 76  SER n 
1 77  LEU n 
1 78  SER n 
1 79  VAL n 
1 80  LYS n 
1 81  PHE n 
1 82  GLY n 
1 83  ASN n 
1 84  ASP n 
1 85  VAL n 
1 86  GLN n 
1 87  HIS n 
1 88  PHE n 
1 89  LYS n 
1 90  VAL n 
1 91  LEU n 
1 92  ARG n 
1 93  ASP n 
1 94  GLY n 
1 95  ALA n 
1 96  GLY n 
1 97  LYS n 
1 98  TYR n 
1 99  PHE n 
1 100 LEU n 
1 101 TRP n 
1 102 VAL n 
1 103 GLY n 
1 104 GLY n 
1 105 SER n 
1 106 GLY n 
1 107 GLY n 
1 108 SER n 
1 109 VAL n 
1 110 SER n 
1 111 SER n 
1 112 VAL n 
1 113 PRO n 
1 114 THR n 
1 115 LYS n 
1 116 LEU n 
1 117 GLU n 
1 118 VAL n 
1 119 VAL n 
1 120 ALA n 
1 121 ALA n 
1 122 THR n 
1 123 PRO n 
1 124 THR n 
1 125 SER n 
1 126 LEU n 
1 127 LEU n 
1 128 ILE n 
1 129 SER n 
1 130 TRP n 
1 131 ASP n 
1 132 ALA n 
1 133 ILE n 
1 134 TRP n 
1 135 TYR n 
1 136 PRO n 
1 137 TYR n 
1 138 TYR n 
1 139 VAL n 
1 140 SER n 
1 141 TYR n 
1 142 TYR n 
1 143 ARG n 
1 144 ILE n 
1 145 THR n 
1 146 TYR n 
1 147 GLY n 
1 148 GLU n 
1 149 THR n 
1 150 GLY n 
1 151 GLY n 
1 152 ASN n 
1 153 SER n 
1 154 PRO n 
1 155 VAL n 
1 156 GLN n 
1 157 GLU n 
1 158 PHE n 
1 159 THR n 
1 160 VAL n 
1 161 PRO n 
1 162 GLY n 
1 163 TYR n 
1 164 SER n 
1 165 SER n 
1 166 THR n 
1 167 ALA n 
1 168 THR n 
1 169 ILE n 
1 170 SER n 
1 171 GLY n 
1 172 LEU n 
1 173 SER n 
1 174 PRO n 
1 175 GLY n 
1 176 VAL n 
1 177 ASP n 
1 178 TYR n 
1 179 THR n 
1 180 ILE n 
1 181 THR n 
1 182 ILE n 
1 183 TYR n 
1 184 ALA n 
1 185 LYS n 
1 186 TYR n 
1 187 HIS n 
1 188 ARG n 
1 189 ALA n 
1 190 LYS n 
1 191 TYR n 
1 192 TYR n 
1 193 SER n 
1 194 SER n 
1 195 PRO n 
1 196 ILE n 
1 197 SER n 
1 198 ILE n 
1 199 ASN n 
1 200 TYR n 
1 201 ARG n 
1 202 THR n 
2 1   PRO n 
2 2   PRO n 
2 3   ASP n 
2 4   HIS n 
2 5   GLN n 
2 6   PTR n 
2 7   PTR n 
2 8   ASN n 
2 9   ASP n 
2 10  PHE n 
2 11  PRO n 
2 12  GLY n 
2 13  LYS n 
# 
loop_
_entity_src_gen.entity_id 
_entity_src_gen.pdbx_src_id 
_entity_src_gen.pdbx_alt_source_flag 
_entity_src_gen.pdbx_seq_type 
_entity_src_gen.pdbx_beg_seq_num 
_entity_src_gen.pdbx_end_seq_num 
_entity_src_gen.gene_src_common_name 
_entity_src_gen.gene_src_genus 
_entity_src_gen.pdbx_gene_src_gene 
_entity_src_gen.gene_src_species 
_entity_src_gen.gene_src_strain 
_entity_src_gen.gene_src_tissue 
_entity_src_gen.gene_src_tissue_fraction 
_entity_src_gen.gene_src_details 
_entity_src_gen.pdbx_gene_src_fragment 
_entity_src_gen.pdbx_gene_src_scientific_name 
_entity_src_gen.pdbx_gene_src_ncbi_taxonomy_id 
_entity_src_gen.pdbx_gene_src_variant 
_entity_src_gen.pdbx_gene_src_cell_line 
_entity_src_gen.pdbx_gene_src_atcc 
_entity_src_gen.pdbx_gene_src_organ 
_entity_src_gen.pdbx_gene_src_organelle 
_entity_src_gen.pdbx_gene_src_cell 
_entity_src_gen.pdbx_gene_src_cellular_location 
_entity_src_gen.host_org_common_name 
_entity_src_gen.pdbx_host_org_scientific_name 
_entity_src_gen.pdbx_host_org_ncbi_taxonomy_id 
_entity_src_gen.host_org_genus 
_entity_src_gen.pdbx_host_org_gene 
_entity_src_gen.pdbx_host_org_organ 
_entity_src_gen.host_org_species 
_entity_src_gen.pdbx_host_org_tissue 
_entity_src_gen.pdbx_host_org_tissue_fraction 
_entity_src_gen.pdbx_host_org_strain 
_entity_src_gen.pdbx_host_org_variant 
_entity_src_gen.pdbx_host_org_cell_line 
_entity_src_gen.pdbx_host_org_atcc 
_entity_src_gen.pdbx_host_org_culture_collection 
_entity_src_gen.pdbx_host_org_cell 
_entity_src_gen.pdbx_host_org_organelle 
_entity_src_gen.pdbx_host_org_cellular_location 
_entity_src_gen.pdbx_host_org_vector_type 
_entity_src_gen.pdbx_host_org_vector 
_entity_src_gen.host_org_details 
_entity_src_gen.expression_system_id 
_entity_src_gen.plasmid_name 
_entity_src_gen.plasmid_details 
_entity_src_gen.pdbx_description 
1 1 sample ? ? ? ?     ? ?                 ? ? ? ? ? ? 'synthetic construct' 32630 ? ? ? ? ? ? ? ? 'Escherichia coli' 562 ? ? ? ? 
? ? ? ? ? ? ? ? ? ? ? ? ? ? ? ? ? 
2 1 sample ? ? ? human ? 'SHC, SHC1, SHCA' ? ? ? ? ? ? 'Homo sapiens'        9606  ? ? ? ? ? ? ? ? 'Escherichia coli' 562 ? ? ? ? 
? ? ? ? ? ? ? ? ? ? ? ? ? ? ? ? ? 
# 
loop_
_chem_comp.id 
_chem_comp.type 
_chem_comp.mon_nstd_flag 
_chem_comp.name 
_chem_comp.pdbx_synonyms 
_chem_comp.formula 
_chem_comp.formula_weight 
ALA 'L-peptide linking' y ALANINE           ?                 'C3 H7 N O2'     89.093  
ARG 'L-peptide linking' y ARGININE          ?                 'C6 H15 N4 O2 1' 175.209 
ASN 'L-peptide linking' y ASPARAGINE        ?                 'C4 H8 N2 O3'    132.118 
ASP 'L-peptide linking' y 'ASPARTIC ACID'   ?                 'C4 H7 N O4'     133.103 
GLN 'L-peptide linking' y GLUTAMINE         ?                 'C5 H10 N2 O3'   146.144 
GLU 'L-peptide linking' y 'GLUTAMIC ACID'   ?                 'C5 H9 N O4'     147.129 
GLY 'peptide linking'   y GLYCINE           ?                 'C2 H5 N O2'     75.067  
HIS 'L-peptide linking' y HISTIDINE         ?                 'C6 H10 N3 O2 1' 156.162 
HOH non-polymer         . WATER             ?                 'H2 O'           18.015  
ILE 'L-peptide linking' y ISOLEUCINE        ?                 'C6 H13 N O2'    131.173 
LEU 'L-peptide linking' y LEUCINE           ?                 'C6 H13 N O2'    131.173 
LYS 'L-peptide linking' y LYSINE            ?                 'C6 H15 N2 O2 1' 147.195 
MET 'L-peptide linking' y METHIONINE        ?                 'C5 H11 N O2 S'  149.211 
PHE 'L-peptide linking' y PHENYLALANINE     ?                 'C9 H11 N O2'    165.189 
PRO 'L-peptide linking' y PROLINE           ?                 'C5 H9 N O2'     115.130 
PTR 'L-peptide linking' n O-PHOSPHOTYROSINE PHOSPHONOTYROSINE 'C9 H12 N O6 P'  261.168 
SER 'L-peptide linking' y SERINE            ?                 'C3 H7 N O3'     105.093 
THR 'L-peptide linking' y THREONINE         ?                 'C4 H9 N O3'     119.119 
TRP 'L-peptide linking' y TRYPTOPHAN        ?                 'C11 H12 N2 O2'  204.225 
TYR 'L-peptide linking' y TYROSINE          ?                 'C9 H11 N O3'    181.189 
VAL 'L-peptide linking' y VALINE            ?                 'C5 H11 N O2'    117.146 
# 
loop_
_pdbx_poly_seq_scheme.asym_id 
_pdbx_poly_seq_scheme.entity_id 
_pdbx_poly_seq_scheme.seq_id 
_pdbx_poly_seq_scheme.mon_id 
_pdbx_poly_seq_scheme.ndb_seq_num 
_pdbx_poly_seq_scheme.pdb_seq_num 
_pdbx_poly_seq_scheme.auth_seq_num 
_pdbx_poly_seq_scheme.pdb_mon_id 
_pdbx_poly_seq_scheme.auth_mon_id 
_pdbx_poly_seq_scheme.pdb_strand_id 
_pdbx_poly_seq_scheme.pdb_ins_code 
_pdbx_poly_seq_scheme.hetero 
A 1 1   GLY 1   1   1   GLY GLY A . n 
A 1 2   SER 2   2   2   SER SER A . n 
A 1 3   VAL 3   3   3   VAL VAL A . n 
A 1 4   LYS 4   4   4   LYS LYS A . n 
A 1 5   PHE 5   5   5   PHE PHE A . n 
A 1 6   ASN 6   6   6   ASN ASN A . n 
A 1 7   SER 7   7   7   SER SER A . n 
A 1 8   LEU 8   8   8   LEU LEU A . n 
A 1 9   ASP 9   9   9   ASP ASP A . n 
A 1 10  GLU 10  10  10  GLU GLU A . n 
A 1 11  LEU 11  11  11  LEU LEU A . n 
A 1 12  VAL 12  12  12  VAL VAL A . n 
A 1 13  ASP 13  13  13  ASP ASP A . n 
A 1 14  TYR 14  14  14  TYR TYR A . n 
A 1 15  HIS 15  15  15  HIS HIS A . n 
A 1 16  ARG 16  16  16  ARG ARG A . n 
A 1 17  SER 17  17  17  SER SER A . n 
A 1 18  THR 18  18  18  THR THR A . n 
A 1 19  SER 19  19  19  SER SER A . n 
A 1 20  VAL 20  20  20  VAL VAL A . n 
A 1 21  SER 21  21  21  SER SER A . n 
A 1 22  ARG 22  22  22  ARG ARG A . n 
A 1 23  ASN 23  23  23  ASN ASN A . n 
A 1 24  GLN 24  24  24  GLN GLN A . n 
A 1 25  GLN 25  25  25  GLN GLN A . n 
A 1 26  ILE 26  26  26  ILE ILE A . n 
A 1 27  PHE 27  27  27  PHE PHE A . n 
A 1 28  LEU 28  28  28  LEU LEU A . n 
A 1 29  ARG 29  29  29  ARG ARG A . n 
A 1 30  ASP 30  30  30  ASP ASP A . n 
A 1 31  ILE 31  31  31  ILE ILE A . n 
A 1 32  GLY 32  32  32  GLY GLY A . n 
A 1 33  GLY 33  33  ?   ?   ?   A . n 
A 1 34  SER 34  34  ?   ?   ?   A . n 
A 1 35  GLY 35  35  35  GLY GLY A . n 
A 1 36  GLY 36  36  36  GLY GLY A . n 
A 1 37  GLY 37  37  37  GLY GLY A . n 
A 1 38  HIS 38  38  38  HIS HIS A . n 
A 1 39  PRO 39  39  39  PRO PRO A . n 
A 1 40  TRP 40  40  40  TRP TRP A . n 
A 1 41  TYR 41  41  41  TYR TYR A . n 
A 1 42  LYS 42  42  42  LYS LYS A . n 
A 1 43  GLY 43  43  43  GLY GLY A . n 
A 1 44  LYS 44  44  44  LYS LYS A . n 
A 1 45  ILE 45  45  45  ILE ILE A . n 
A 1 46  PRO 46  46  46  PRO PRO A . n 
A 1 47  ARG 47  47  47  ARG ARG A . n 
A 1 48  ALA 48  48  48  ALA ALA A . n 
A 1 49  LYS 49  49  49  LYS LYS A . n 
A 1 50  ALA 50  50  50  ALA ALA A . n 
A 1 51  GLU 51  51  51  GLU GLU A . n 
A 1 52  GLU 52  52  52  GLU GLU A . n 
A 1 53  MET 53  53  53  MET MET A . n 
A 1 54  LEU 54  54  54  LEU LEU A . n 
A 1 55  SER 55  55  55  SER SER A . n 
A 1 56  LYS 56  56  56  LYS LYS A . n 
A 1 57  GLN 57  57  57  GLN GLN A . n 
A 1 58  ARG 58  58  58  ARG ARG A . n 
A 1 59  HIS 59  59  59  HIS HIS A . n 
A 1 60  ASP 60  60  60  ASP ASP A . n 
A 1 61  GLY 61  61  61  GLY GLY A . n 
A 1 62  ALA 62  62  62  ALA ALA A . n 
A 1 63  PHE 63  63  63  PHE PHE A . n 
A 1 64  LEU 64  64  64  LEU LEU A . n 
A 1 65  ILE 65  65  65  ILE ILE A . n 
A 1 66  ARG 66  66  66  ARG ARG A . n 
A 1 67  GLU 67  67  67  GLU GLU A . n 
A 1 68  SER 68  68  68  SER SER A . n 
A 1 69  GLU 69  69  69  GLU GLU A . n 
A 1 70  SER 70  70  70  SER SER A . n 
A 1 71  ALA 71  71  71  ALA ALA A . n 
A 1 72  PRO 72  72  72  PRO PRO A . n 
A 1 73  GLY 73  73  73  GLY GLY A . n 
A 1 74  ASP 74  74  74  ASP ASP A . n 
A 1 75  PHE 75  75  75  PHE PHE A . n 
A 1 76  SER 76  76  76  SER SER A . n 
A 1 77  LEU 77  77  77  LEU LEU A . n 
A 1 78  SER 78  78  78  SER SER A . n 
A 1 79  VAL 79  79  79  VAL VAL A . n 
A 1 80  LYS 80  80  80  LYS LYS A . n 
A 1 81  PHE 81  81  81  PHE PHE A . n 
A 1 82  GLY 82  82  82  GLY GLY A . n 
A 1 83  ASN 83  83  83  ASN ASN A . n 
A 1 84  ASP 84  84  84  ASP ASP A . n 
A 1 85  VAL 85  85  85  VAL VAL A . n 
A 1 86  GLN 86  86  86  GLN GLN A . n 
A 1 87  HIS 87  87  87  HIS HIS A . n 
A 1 88  PHE 88  88  88  PHE PHE A . n 
A 1 89  LYS 89  89  89  LYS LYS A . n 
A 1 90  VAL 90  90  90  VAL VAL A . n 
A 1 91  LEU 91  91  91  LEU LEU A . n 
A 1 92  ARG 92  92  92  ARG ARG A . n 
A 1 93  ASP 93  93  93  ASP ASP A . n 
A 1 94  GLY 94  94  94  GLY GLY A . n 
A 1 95  ALA 95  95  95  ALA ALA A . n 
A 1 96  GLY 96  96  96  GLY GLY A . n 
A 1 97  LYS 97  97  97  LYS LYS A . n 
A 1 98  TYR 98  98  98  TYR TYR A . n 
A 1 99  PHE 99  99  99  PHE PHE A . n 
A 1 100 LEU 100 100 100 LEU LEU A . n 
A 1 101 TRP 101 101 101 TRP TRP A . n 
A 1 102 VAL 102 102 102 VAL VAL A . n 
A 1 103 GLY 103 103 103 GLY GLY A . n 
A 1 104 GLY 104 104 104 GLY GLY A . n 
A 1 105 SER 105 105 105 SER SER A . n 
A 1 106 GLY 106 106 106 GLY GLY A . n 
A 1 107 GLY 107 107 107 GLY GLY A . n 
A 1 108 SER 108 108 108 SER SER A . n 
A 1 109 VAL 109 109 109 VAL VAL A . n 
A 1 110 SER 110 110 110 SER SER A . n 
A 1 111 SER 111 111 111 SER SER A . n 
A 1 112 VAL 112 112 112 VAL VAL A . n 
A 1 113 PRO 113 113 113 PRO PRO A . n 
A 1 114 THR 114 114 114 THR THR A . n 
A 1 115 LYS 115 115 115 LYS LYS A . n 
A 1 116 LEU 116 116 116 LEU LEU A . n 
A 1 117 GLU 117 117 117 GLU GLU A . n 
A 1 118 VAL 118 118 118 VAL VAL A . n 
A 1 119 VAL 119 119 119 VAL VAL A . n 
A 1 120 ALA 120 120 120 ALA ALA A . n 
A 1 121 ALA 121 121 121 ALA ALA A . n 
A 1 122 THR 122 122 122 THR THR A . n 
A 1 123 PRO 123 123 123 PRO PRO A . n 
A 1 124 THR 124 124 124 THR THR A . n 
A 1 125 SER 125 125 125 SER SER A . n 
A 1 126 LEU 126 126 126 LEU LEU A . n 
A 1 127 LEU 127 127 127 LEU LEU A . n 
A 1 128 ILE 128 128 128 ILE ILE A . n 
A 1 129 SER 129 129 129 SER SER A . n 
A 1 130 TRP 130 130 130 TRP TRP A . n 
A 1 131 ASP 131 131 131 ASP ASP A . n 
A 1 132 ALA 132 132 132 ALA ALA A . n 
A 1 133 ILE 133 133 133 ILE ILE A . n 
A 1 134 TRP 134 134 134 TRP TRP A . n 
A 1 135 TYR 135 135 135 TYR TYR A . n 
A 1 136 PRO 136 136 136 PRO PRO A . n 
A 1 137 TYR 137 137 137 TYR TYR A . n 
A 1 138 TYR 138 138 138 TYR TYR A . n 
A 1 139 VAL 139 139 139 VAL VAL A . n 
A 1 140 SER 140 140 140 SER SER A . n 
A 1 141 TYR 141 141 141 TYR TYR A . n 
A 1 142 TYR 142 142 142 TYR TYR A . n 
A 1 143 ARG 143 143 143 ARG ARG A . n 
A 1 144 ILE 144 144 144 ILE ILE A . n 
A 1 145 THR 145 145 145 THR THR A . n 
A 1 146 TYR 146 146 146 TYR TYR A . n 
A 1 147 GLY 147 147 147 GLY GLY A . n 
A 1 148 GLU 148 148 148 GLU GLU A . n 
A 1 149 THR 149 149 149 THR THR A . n 
A 1 150 GLY 150 150 150 GLY GLY A . n 
A 1 151 GLY 151 151 151 GLY GLY A . n 
A 1 152 ASN 152 152 152 ASN ASN A . n 
A 1 153 SER 153 153 153 SER SER A . n 
A 1 154 PRO 154 154 154 PRO PRO A . n 
A 1 155 VAL 155 155 155 VAL VAL A . n 
A 1 156 GLN 156 156 156 GLN GLN A . n 
A 1 157 GLU 157 157 157 GLU GLU A . n 
A 1 158 PHE 158 158 158 PHE PHE A . n 
A 1 159 THR 159 159 159 THR THR A . n 
A 1 160 VAL 160 160 160 VAL VAL A . n 
A 1 161 PRO 161 161 161 PRO PRO A . n 
A 1 162 GLY 162 162 162 GLY GLY A . n 
A 1 163 TYR 163 163 163 TYR TYR A . n 
A 1 164 SER 164 164 164 SER SER A . n 
A 1 165 SER 165 165 165 SER SER A . n 
A 1 166 THR 166 166 166 THR THR A . n 
A 1 167 ALA 167 167 167 ALA ALA A . n 
A 1 168 THR 168 168 168 THR THR A . n 
A 1 169 ILE 169 169 169 ILE ILE A . n 
A 1 170 SER 170 170 170 SER SER A . n 
A 1 171 GLY 171 171 171 GLY GLY A . n 
A 1 172 LEU 172 172 172 LEU LEU A . n 
A 1 173 SER 173 173 173 SER SER A . n 
A 1 174 PRO 174 174 174 PRO PRO A . n 
A 1 175 GLY 175 175 175 GLY GLY A . n 
A 1 176 VAL 176 176 176 VAL VAL A . n 
A 1 177 ASP 177 177 177 ASP ASP A . n 
A 1 178 TYR 178 178 178 TYR TYR A . n 
A 1 179 THR 179 179 179 THR THR A . n 
A 1 180 ILE 180 180 180 ILE ILE A . n 
A 1 181 THR 181 181 181 THR THR A . n 
A 1 182 ILE 182 182 182 ILE ILE A . n 
A 1 183 TYR 183 183 183 TYR TYR A . n 
A 1 184 ALA 184 184 184 ALA ALA A . n 
A 1 185 LYS 185 185 185 LYS LYS A . n 
A 1 186 TYR 186 186 186 TYR TYR A . n 
A 1 187 HIS 187 187 187 HIS HIS A . n 
A 1 188 ARG 188 188 188 ARG ARG A . n 
A 1 189 ALA 189 189 189 ALA ALA A . n 
A 1 190 LYS 190 190 190 LYS LYS A . n 
A 1 191 TYR 191 191 191 TYR TYR A . n 
A 1 192 TYR 192 192 192 TYR TYR A . n 
A 1 193 SER 193 193 193 SER SER A . n 
A 1 194 SER 194 194 194 SER SER A . n 
A 1 195 PRO 195 195 195 PRO PRO A . n 
A 1 196 ILE 196 196 196 ILE ILE A . n 
A 1 197 SER 197 197 197 SER SER A . n 
A 1 198 ILE 198 198 198 ILE ILE A . n 
A 1 199 ASN 199 199 199 ASN ASN A . n 
A 1 200 TYR 200 200 200 TYR TYR A . n 
A 1 201 ARG 201 201 201 ARG ARG A . n 
A 1 202 THR 202 202 202 THR THR A . n 
B 2 1   PRO 1   234 ?   ?   ?   B . n 
B 2 2   PRO 2   235 ?   ?   ?   B . n 
B 2 3   ASP 3   236 ?   ?   ?   B . n 
B 2 4   HIS 4   237 237 HIS HIS B . n 
B 2 5   GLN 5   238 238 GLN GLN B . n 
B 2 6   PTR 6   239 239 PTR PTR B . n 
B 2 7   PTR 7   240 240 PTR PTR B . n 
B 2 8   ASN 8   241 241 ASN ASN B . n 
B 2 9   ASP 9   242 242 ASP ASP B . n 
B 2 10  PHE 10  243 243 PHE PHE B . n 
B 2 11  PRO 11  244 244 PRO PRO B . n 
B 2 12  GLY 12  245 ?   ?   ?   B . n 
B 2 13  LYS 13  246 ?   ?   ?   B . n 
# 
loop_
_pdbx_nonpoly_scheme.asym_id 
_pdbx_nonpoly_scheme.entity_id 
_pdbx_nonpoly_scheme.mon_id 
_pdbx_nonpoly_scheme.ndb_seq_num 
_pdbx_nonpoly_scheme.pdb_seq_num 
_pdbx_nonpoly_scheme.auth_seq_num 
_pdbx_nonpoly_scheme.pdb_mon_id 
_pdbx_nonpoly_scheme.auth_mon_id 
_pdbx_nonpoly_scheme.pdb_strand_id 
_pdbx_nonpoly_scheme.pdb_ins_code 
C 3 HOH 1 301 1 HOH HOH A . 
C 3 HOH 2 302 2 HOH HOH A . 
C 3 HOH 3 303 3 HOH HOH A . 
C 3 HOH 4 304 4 HOH HOH A . 
C 3 HOH 5 305 5 HOH HOH A . 
C 3 HOH 6 306 6 HOH HOH A . 
D 3 HOH 1 301 7 HOH HOH B . 
# 
loop_
_pdbx_unobs_or_zero_occ_atoms.id 
_pdbx_unobs_or_zero_occ_atoms.PDB_model_num 
_pdbx_unobs_or_zero_occ_atoms.polymer_flag 
_pdbx_unobs_or_zero_occ_atoms.occupancy_flag 
_pdbx_unobs_or_zero_occ_atoms.auth_asym_id 
_pdbx_unobs_or_zero_occ_atoms.auth_comp_id 
_pdbx_unobs_or_zero_occ_atoms.auth_seq_id 
_pdbx_unobs_or_zero_occ_atoms.PDB_ins_code 
_pdbx_unobs_or_zero_occ_atoms.auth_atom_id 
_pdbx_unobs_or_zero_occ_atoms.label_alt_id 
_pdbx_unobs_or_zero_occ_atoms.label_asym_id 
_pdbx_unobs_or_zero_occ_atoms.label_comp_id 
_pdbx_unobs_or_zero_occ_atoms.label_seq_id 
_pdbx_unobs_or_zero_occ_atoms.label_atom_id 
1  1 Y 1 A LYS 44  ? CG  ? A LYS 44  CG  
2  1 Y 1 A LYS 44  ? CD  ? A LYS 44  CD  
3  1 Y 1 A LYS 44  ? CE  ? A LYS 44  CE  
4  1 Y 1 A LYS 44  ? NZ  ? A LYS 44  NZ  
5  1 Y 1 A GLU 52  ? CG  ? A GLU 52  CG  
6  1 Y 1 A GLU 52  ? CD  ? A GLU 52  CD  
7  1 Y 1 A GLU 52  ? OE1 ? A GLU 52  OE1 
8  1 Y 1 A GLU 52  ? OE2 ? A GLU 52  OE2 
9  1 Y 1 A LYS 56  ? CG  ? A LYS 56  CG  
10 1 Y 1 A LYS 56  ? CD  ? A LYS 56  CD  
11 1 Y 1 A LYS 56  ? CE  ? A LYS 56  CE  
12 1 Y 1 A LYS 56  ? NZ  ? A LYS 56  NZ  
13 1 Y 1 A LYS 115 ? CG  ? A LYS 115 CG  
14 1 Y 1 A LYS 115 ? CD  ? A LYS 115 CD  
15 1 Y 1 A LYS 115 ? CE  ? A LYS 115 CE  
16 1 Y 1 A LYS 115 ? NZ  ? A LYS 115 NZ  
17 1 Y 1 A LYS 190 ? CG  ? A LYS 190 CG  
18 1 Y 1 A LYS 190 ? CD  ? A LYS 190 CD  
19 1 Y 1 A LYS 190 ? CE  ? A LYS 190 CE  
20 1 Y 1 A LYS 190 ? NZ  ? A LYS 190 NZ  
# 
loop_
_software.name 
_software.classification 
_software.version 
_software.citation_id 
_software.pdbx_ordinal 
PHASES   phasing          .                             ? 1 
PHENIX   refinement       '(phenix.refine: 1.8.1_1168)' ? 2 
HKL-2000 'data reduction' .                             ? 3 
HKL-2000 'data scaling'   .                             ? 4 
# 
_cell.entry_id           4JMH 
_cell.length_a           89.853 
_cell.length_b           92.190 
_cell.length_c           59.596 
_cell.angle_alpha        90.00 
_cell.angle_beta         90.00 
_cell.angle_gamma        90.00 
_cell.Z_PDB              8 
_cell.pdbx_unique_axis   ? 
_cell.length_a_esd       ? 
_cell.length_b_esd       ? 
_cell.length_c_esd       ? 
_cell.angle_alpha_esd    ? 
_cell.angle_beta_esd     ? 
_cell.angle_gamma_esd    ? 
# 
_symmetry.entry_id                         4JMH 
_symmetry.space_group_name_H-M             'C 2 2 21' 
_symmetry.pdbx_full_space_group_name_H-M   ? 
_symmetry.cell_setting                     ? 
_symmetry.Int_Tables_number                20 
_symmetry.space_group_name_Hall            ? 
# 
_exptl.entry_id          4JMH 
_exptl.method            'X-RAY DIFFRACTION' 
_exptl.crystals_number   1 
# 
_exptl_crystal.id                    1 
_exptl_crystal.density_meas          ? 
_exptl_crystal.density_Matthews      2.40 
_exptl_crystal.density_percent_sol   48.67 
_exptl_crystal.description           ? 
_exptl_crystal.F_000                 ? 
_exptl_crystal.preparation           ? 
# 
_exptl_crystal_grow.crystal_id      1 
_exptl_crystal_grow.method          'VAPOR DIFFUSION, HANGING DROP' 
_exptl_crystal_grow.temp            293 
_exptl_crystal_grow.temp_details    ? 
_exptl_crystal_grow.pH              7.5 
_exptl_crystal_grow.pdbx_details    
'1.66% ammonium sulfate, 2.32% PEG400, 0.1 M HEPES , pH 7.5, VAPOR DIFFUSION, HANGING DROP, temperature 293K' 
_exptl_crystal_grow.pdbx_pH_range   ? 
# 
_diffrn.id                     1 
_diffrn.ambient_temp           ? 
_diffrn.ambient_temp_details   ? 
_diffrn.crystal_id             1 
# 
_diffrn_detector.diffrn_id              1 
_diffrn_detector.detector               CCD 
_diffrn_detector.type                   'MARMOSAIC 300 mm CCD' 
_diffrn_detector.pdbx_collection_date   2012-07-28 
_diffrn_detector.details                ? 
# 
_diffrn_radiation.diffrn_id                        1 
_diffrn_radiation.wavelength_id                    1 
_diffrn_radiation.pdbx_monochromatic_or_laue_m_l   M 
_diffrn_radiation.monochromator                    ? 
_diffrn_radiation.pdbx_diffrn_protocol             'SINGLE WAVELENGTH' 
_diffrn_radiation.pdbx_scattering_type             x-ray 
# 
_diffrn_radiation_wavelength.id           1 
_diffrn_radiation_wavelength.wavelength   1.03316 
_diffrn_radiation_wavelength.wt           1.0 
# 
_diffrn_source.diffrn_id                   1 
_diffrn_source.source                      SYNCHROTRON 
_diffrn_source.type                        'APS BEAMLINE 23-ID-B' 
_diffrn_source.pdbx_synchrotron_site       APS 
_diffrn_source.pdbx_synchrotron_beamline   23-ID-B 
_diffrn_source.pdbx_wavelength             ? 
_diffrn_source.pdbx_wavelength_list        1.03316 
# 
_reflns.entry_id                     4JMH 
_reflns.observed_criterion_sigma_I   -3 
_reflns.observed_criterion_sigma_F   ? 
_reflns.d_resolution_low             50 
_reflns.d_resolution_high            2.40 
_reflns.number_obs                   9059 
_reflns.number_all                   9059 
_reflns.percent_possible_obs         100 
_reflns.pdbx_Rmerge_I_obs            ? 
_reflns.pdbx_Rsym_value              ? 
_reflns.pdbx_netI_over_sigmaI        21.8 
_reflns.B_iso_Wilson_estimate        ? 
_reflns.pdbx_redundancy              ? 
_reflns.R_free_details               ? 
_reflns.limit_h_max                  ? 
_reflns.limit_h_min                  ? 
_reflns.limit_k_max                  ? 
_reflns.limit_k_min                  ? 
_reflns.limit_l_max                  ? 
_reflns.limit_l_min                  ? 
_reflns.observed_criterion_F_max     ? 
_reflns.observed_criterion_F_min     ? 
_reflns.pdbx_chi_squared             ? 
_reflns.pdbx_scaling_rejects         ? 
_reflns.pdbx_ordinal                 1 
_reflns.pdbx_diffrn_id               1 
# 
_refine.entry_id                                 4JMH 
_refine.ls_number_reflns_obs                     9059 
_refine.ls_number_reflns_all                     ? 
_refine.pdbx_ls_sigma_I                          ? 
_refine.pdbx_ls_sigma_F                          1.36 
_refine.pdbx_data_cutoff_high_absF               ? 
_refine.pdbx_data_cutoff_low_absF                ? 
_refine.pdbx_data_cutoff_high_rms_absF           ? 
_refine.ls_d_res_low                             32.173 
_refine.ls_d_res_high                            2.408 
_refine.ls_percent_reflns_obs                    91.40 
_refine.ls_R_factor_obs                          0.2158 
_refine.ls_R_factor_all                          ? 
_refine.ls_R_factor_R_work                       0.2128 
_refine.ls_R_factor_R_free                       0.2756 
_refine.ls_R_factor_R_free_error                 ? 
_refine.ls_R_factor_R_free_error_details         ? 
_refine.ls_percent_reflns_R_free                 4.83 
_refine.ls_number_reflns_R_free                  438 
_refine.ls_number_parameters                     ? 
_refine.ls_number_restraints                     ? 
_refine.occupancy_min                            ? 
_refine.occupancy_max                            ? 
_refine.correlation_coeff_Fo_to_Fc               ? 
_refine.correlation_coeff_Fo_to_Fc_free          ? 
_refine.B_iso_mean                               ? 
_refine.aniso_B[1][1]                            ? 
_refine.aniso_B[2][2]                            ? 
_refine.aniso_B[3][3]                            ? 
_refine.aniso_B[1][2]                            ? 
_refine.aniso_B[1][3]                            ? 
_refine.aniso_B[2][3]                            ? 
_refine.solvent_model_details                    'FLAT BULK SOLVENT MODEL' 
_refine.solvent_model_param_ksol                 ? 
_refine.solvent_model_param_bsol                 ? 
_refine.pdbx_solvent_vdw_probe_radii             1.11 
_refine.pdbx_solvent_ion_probe_radii             ? 
_refine.pdbx_solvent_shrinkage_radii             0.90 
_refine.pdbx_ls_cross_valid_method               ? 
_refine.details                                  ? 
_refine.pdbx_starting_model                      4JMG 
_refine.pdbx_method_to_determine_struct          'MOLECULAR REPLACEMENT' 
_refine.pdbx_isotropic_thermal_model             ? 
_refine.pdbx_stereochemistry_target_values       ML 
_refine.pdbx_stereochem_target_val_spec_case     ? 
_refine.pdbx_R_Free_selection_details            ? 
_refine.pdbx_overall_ESU_R                       ? 
_refine.pdbx_overall_ESU_R_Free                  ? 
_refine.overall_SU_ML                            0.30 
_refine.pdbx_overall_phase_error                 29.77 
_refine.overall_SU_B                             ? 
_refine.overall_SU_R_Cruickshank_DPI             ? 
_refine.ls_redundancy_reflns_obs                 ? 
_refine.B_iso_min                                ? 
_refine.B_iso_max                                ? 
_refine.overall_SU_R_free                        ? 
_refine.ls_wR_factor_R_free                      ? 
_refine.ls_wR_factor_R_work                      ? 
_refine.overall_FOM_free_R_set                   ? 
_refine.overall_FOM_work_R_set                   ? 
_refine.pdbx_diffrn_id                           1 
_refine.pdbx_refine_id                           'X-RAY DIFFRACTION' 
_refine.pdbx_TLS_residual_ADP_flag               ? 
_refine.pdbx_overall_SU_R_free_Cruickshank_DPI   ? 
_refine.pdbx_overall_SU_R_Blow_DPI               ? 
_refine.pdbx_overall_SU_R_free_Blow_DPI          ? 
# 
_refine_hist.pdbx_refine_id                   'X-RAY DIFFRACTION' 
_refine_hist.cycle_id                         LAST 
_refine_hist.pdbx_number_atoms_protein        1638 
_refine_hist.pdbx_number_atoms_nucleic_acid   0 
_refine_hist.pdbx_number_atoms_ligand         0 
_refine_hist.number_atoms_solvent             7 
_refine_hist.number_atoms_total               1645 
_refine_hist.d_res_high                       2.408 
_refine_hist.d_res_low                        32.173 
# 
loop_
_refine_ls_restr.type 
_refine_ls_restr.dev_ideal 
_refine_ls_restr.dev_ideal_target 
_refine_ls_restr.weight 
_refine_ls_restr.number 
_refine_ls_restr.pdbx_restraint_function 
_refine_ls_restr.pdbx_refine_id 
f_bond_d           0.009  ? ? 1687 ? 'X-RAY DIFFRACTION' 
f_angle_d          1.372  ? ? 2299 ? 'X-RAY DIFFRACTION' 
f_dihedral_angle_d 16.281 ? ? 585  ? 'X-RAY DIFFRACTION' 
f_chiral_restr     0.097  ? ? 238  ? 'X-RAY DIFFRACTION' 
f_plane_restr      0.007  ? ? 293  ? 'X-RAY DIFFRACTION' 
# 
loop_
_refine_ls_shell.pdbx_total_number_of_bins_used 
_refine_ls_shell.d_res_high 
_refine_ls_shell.d_res_low 
_refine_ls_shell.number_reflns_R_work 
_refine_ls_shell.R_factor_R_work 
_refine_ls_shell.percent_reflns_obs 
_refine_ls_shell.R_factor_R_free 
_refine_ls_shell.R_factor_R_free_error 
_refine_ls_shell.percent_reflns_R_free 
_refine_ls_shell.number_reflns_R_free 
_refine_ls_shell.number_reflns_all 
_refine_ls_shell.R_factor_all 
_refine_ls_shell.number_reflns_obs 
_refine_ls_shell.redundancy_reflns_obs 
_refine_ls_shell.pdbx_refine_id 
. 2.4077 2.7560  2686 0.2672 87.00 0.3481 . . 146 . . . . 'X-RAY DIFFRACTION' 
. 2.7560 3.4716  3101 0.2476 99.00 0.3177 . . 150 . . . . 'X-RAY DIFFRACTION' 
. 3.4716 32.1759 2834 0.1785 88.00 0.2272 . . 142 . . . . 'X-RAY DIFFRACTION' 
# 
_struct.entry_id                  4JMH 
_struct.title                     'Crystal structure of synthetic protein in complex with double pY peptide' 
_struct.pdbx_model_details        ? 
_struct.pdbx_CASP_flag            ? 
_struct.pdbx_model_type_details   ? 
# 
_struct_keywords.entry_id        4JMH 
_struct_keywords.pdbx_keywords   'DE NOVO PROTEIN' 
_struct_keywords.text            'Synthetic protein, binding to double pY containing sequence, DE NOVO PROTEIN' 
# 
loop_
_struct_asym.id 
_struct_asym.pdbx_blank_PDB_chainid_flag 
_struct_asym.pdbx_modified 
_struct_asym.entity_id 
_struct_asym.details 
A N N 1 ? 
B N N 2 ? 
C N N 3 ? 
D N N 3 ? 
# 
loop_
_struct_ref.id 
_struct_ref.db_name 
_struct_ref.db_code 
_struct_ref.pdbx_db_accession 
_struct_ref.entity_id 
_struct_ref.pdbx_seq_one_letter_code 
_struct_ref.pdbx_align_begin 
_struct_ref.pdbx_db_isoform 
1 UNP SHC1_HUMAN P29353 2 PPDHQYYNDFPGKEPP 344 ? 
2 PDB 4JMH       4JMH   1 ?                ?   ? 
# 
loop_
_struct_ref_seq.align_id 
_struct_ref_seq.ref_id 
_struct_ref_seq.pdbx_PDB_id_code 
_struct_ref_seq.pdbx_strand_id 
_struct_ref_seq.seq_align_beg 
_struct_ref_seq.pdbx_seq_align_beg_ins_code 
_struct_ref_seq.seq_align_end 
_struct_ref_seq.pdbx_seq_align_end_ins_code 
_struct_ref_seq.pdbx_db_accession 
_struct_ref_seq.db_align_beg 
_struct_ref_seq.pdbx_db_align_beg_ins_code 
_struct_ref_seq.db_align_end 
_struct_ref_seq.pdbx_db_align_end_ins_code 
_struct_ref_seq.pdbx_auth_seq_align_beg 
_struct_ref_seq.pdbx_auth_seq_align_end 
1 1 4JMH B 1 ? 13  ? P29353 344 ? 356 ? 234 246 
2 2 4JMH A 1 ? 202 ? 4JMH   1   ? 202 ? 1   202 
# 
_pdbx_struct_assembly.id                   1 
_pdbx_struct_assembly.details              author_and_software_defined_assembly 
_pdbx_struct_assembly.method_details       PISA 
_pdbx_struct_assembly.oligomeric_details   dimeric 
_pdbx_struct_assembly.oligomeric_count     2 
# 
loop_
_pdbx_struct_assembly_prop.biol_id 
_pdbx_struct_assembly_prop.type 
_pdbx_struct_assembly_prop.value 
_pdbx_struct_assembly_prop.details 
1 'ABSA (A^2)' 1570  ? 
1 MORE         -12   ? 
1 'SSA (A^2)'  10960 ? 
# 
_pdbx_struct_assembly_gen.assembly_id       1 
_pdbx_struct_assembly_gen.oper_expression   1 
_pdbx_struct_assembly_gen.asym_id_list      A,B,C,D 
# 
_pdbx_struct_oper_list.id                   1 
_pdbx_struct_oper_list.type                 'identity operation' 
_pdbx_struct_oper_list.name                 1_555 
_pdbx_struct_oper_list.symmetry_operation   x,y,z 
_pdbx_struct_oper_list.matrix[1][1]         1.0000000000 
_pdbx_struct_oper_list.matrix[1][2]         0.0000000000 
_pdbx_struct_oper_list.matrix[1][3]         0.0000000000 
_pdbx_struct_oper_list.vector[1]            0.0000000000 
_pdbx_struct_oper_list.matrix[2][1]         0.0000000000 
_pdbx_struct_oper_list.matrix[2][2]         1.0000000000 
_pdbx_struct_oper_list.matrix[2][3]         0.0000000000 
_pdbx_struct_oper_list.vector[2]            0.0000000000 
_pdbx_struct_oper_list.matrix[3][1]         0.0000000000 
_pdbx_struct_oper_list.matrix[3][2]         0.0000000000 
_pdbx_struct_oper_list.matrix[3][3]         1.0000000000 
_pdbx_struct_oper_list.vector[3]            0.0000000000 
# 
loop_
_struct_biol.id 
_struct_biol.details 
1 ? 
2 ? 
# 
loop_
_struct_conf.conf_type_id 
_struct_conf.id 
_struct_conf.pdbx_PDB_helix_id 
_struct_conf.beg_label_comp_id 
_struct_conf.beg_label_asym_id 
_struct_conf.beg_label_seq_id 
_struct_conf.pdbx_beg_PDB_ins_code 
_struct_conf.end_label_comp_id 
_struct_conf.end_label_asym_id 
_struct_conf.end_label_seq_id 
_struct_conf.pdbx_end_PDB_ins_code 
_struct_conf.beg_auth_comp_id 
_struct_conf.beg_auth_asym_id 
_struct_conf.beg_auth_seq_id 
_struct_conf.end_auth_comp_id 
_struct_conf.end_auth_asym_id 
_struct_conf.end_auth_seq_id 
_struct_conf.pdbx_PDB_helix_class 
_struct_conf.details 
_struct_conf.pdbx_PDB_helix_length 
HELX_P HELX_P1 1 SER A 7   ? HIS A 15  ? SER A 7   HIS A 15  1 ? 9  
HELX_P HELX_P2 2 PRO A 46  ? LYS A 56  ? PRO A 46  LYS A 56  1 ? 11 
HELX_P HELX_P3 3 TYR A 135 ? TYR A 137 ? TYR A 135 TYR A 137 5 ? 3  
# 
_struct_conf_type.id          HELX_P 
_struct_conf_type.criteria    ? 
_struct_conf_type.reference   ? 
# 
loop_
_struct_conn.id 
_struct_conn.conn_type_id 
_struct_conn.pdbx_leaving_atom_flag 
_struct_conn.pdbx_PDB_id 
_struct_conn.ptnr1_label_asym_id 
_struct_conn.ptnr1_label_comp_id 
_struct_conn.ptnr1_label_seq_id 
_struct_conn.ptnr1_label_atom_id 
_struct_conn.pdbx_ptnr1_label_alt_id 
_struct_conn.pdbx_ptnr1_PDB_ins_code 
_struct_conn.pdbx_ptnr1_standard_comp_id 
_struct_conn.ptnr1_symmetry 
_struct_conn.ptnr2_label_asym_id 
_struct_conn.ptnr2_label_comp_id 
_struct_conn.ptnr2_label_seq_id 
_struct_conn.ptnr2_label_atom_id 
_struct_conn.pdbx_ptnr2_label_alt_id 
_struct_conn.pdbx_ptnr2_PDB_ins_code 
_struct_conn.ptnr1_auth_asym_id 
_struct_conn.ptnr1_auth_comp_id 
_struct_conn.ptnr1_auth_seq_id 
_struct_conn.ptnr2_auth_asym_id 
_struct_conn.ptnr2_auth_comp_id 
_struct_conn.ptnr2_auth_seq_id 
_struct_conn.ptnr2_symmetry 
_struct_conn.pdbx_ptnr3_label_atom_id 
_struct_conn.pdbx_ptnr3_label_seq_id 
_struct_conn.pdbx_ptnr3_label_comp_id 
_struct_conn.pdbx_ptnr3_label_asym_id 
_struct_conn.pdbx_ptnr3_label_alt_id 
_struct_conn.pdbx_ptnr3_PDB_ins_code 
_struct_conn.details 
_struct_conn.pdbx_dist_value 
_struct_conn.pdbx_value_order 
_struct_conn.pdbx_role 
covale1 covale both ? B GLN 5 C ? ? ? 1_555 B PTR 6 N ? ? B GLN 238 B PTR 239 1_555 ? ? ? ? ? ? ? 1.337 ? ? 
covale2 covale both ? B PTR 6 C ? ? ? 1_555 B PTR 7 N ? ? B PTR 239 B PTR 240 1_555 ? ? ? ? ? ? ? 1.333 ? ? 
covale3 covale both ? B PTR 7 C ? ? ? 1_555 B ASN 8 N ? ? B PTR 240 B ASN 241 1_555 ? ? ? ? ? ? ? 1.337 ? ? 
# 
_struct_conn_type.id          covale 
_struct_conn_type.criteria    ? 
_struct_conn_type.reference   ? 
# 
loop_
_pdbx_modification_feature.ordinal 
_pdbx_modification_feature.label_comp_id 
_pdbx_modification_feature.label_asym_id 
_pdbx_modification_feature.label_seq_id 
_pdbx_modification_feature.label_alt_id 
_pdbx_modification_feature.modified_residue_label_comp_id 
_pdbx_modification_feature.modified_residue_label_asym_id 
_pdbx_modification_feature.modified_residue_label_seq_id 
_pdbx_modification_feature.modified_residue_label_alt_id 
_pdbx_modification_feature.auth_comp_id 
_pdbx_modification_feature.auth_asym_id 
_pdbx_modification_feature.auth_seq_id 
_pdbx_modification_feature.PDB_ins_code 
_pdbx_modification_feature.symmetry 
_pdbx_modification_feature.modified_residue_auth_comp_id 
_pdbx_modification_feature.modified_residue_auth_asym_id 
_pdbx_modification_feature.modified_residue_auth_seq_id 
_pdbx_modification_feature.modified_residue_PDB_ins_code 
_pdbx_modification_feature.modified_residue_symmetry 
_pdbx_modification_feature.comp_id_linking_atom 
_pdbx_modification_feature.modified_residue_id_linking_atom 
_pdbx_modification_feature.modified_residue_id 
_pdbx_modification_feature.ref_pcm_id 
_pdbx_modification_feature.ref_comp_id 
_pdbx_modification_feature.type 
_pdbx_modification_feature.category 
1 PTR B 6 ? . . . . PTR B 239 ? 1_555 . . . . . . . TYR 1 PTR Phosphorylation 'Named protein modification' 
2 PTR B 7 ? . . . . PTR B 240 ? 1_555 . . . . . . . TYR 1 PTR Phosphorylation 'Named protein modification' 
# 
loop_
_struct_mon_prot_cis.pdbx_id 
_struct_mon_prot_cis.label_comp_id 
_struct_mon_prot_cis.label_seq_id 
_struct_mon_prot_cis.label_asym_id 
_struct_mon_prot_cis.label_alt_id 
_struct_mon_prot_cis.pdbx_PDB_ins_code 
_struct_mon_prot_cis.auth_comp_id 
_struct_mon_prot_cis.auth_seq_id 
_struct_mon_prot_cis.auth_asym_id 
_struct_mon_prot_cis.pdbx_label_comp_id_2 
_struct_mon_prot_cis.pdbx_label_seq_id_2 
_struct_mon_prot_cis.pdbx_label_asym_id_2 
_struct_mon_prot_cis.pdbx_PDB_ins_code_2 
_struct_mon_prot_cis.pdbx_auth_comp_id_2 
_struct_mon_prot_cis.pdbx_auth_seq_id_2 
_struct_mon_prot_cis.pdbx_auth_asym_id_2 
_struct_mon_prot_cis.pdbx_PDB_model_num 
_struct_mon_prot_cis.pdbx_omega_angle 
1 GLY 1   A . ? GLY 1   A SER 2   A ? SER 2   A 1 4.11   
2 GLY 151 A . ? GLY 151 A ASN 152 A ? ASN 152 A 1 0.29   
3 HIS 187 A . ? HIS 187 A ARG 188 A ? ARG 188 A 1 -11.87 
# 
loop_
_struct_sheet.id 
_struct_sheet.type 
_struct_sheet.number_strands 
_struct_sheet.details 
A ? 4 ? 
B ? 2 ? 
C ? 3 ? 
D ? 4 ? 
# 
loop_
_struct_sheet_order.sheet_id 
_struct_sheet_order.range_id_1 
_struct_sheet_order.range_id_2 
_struct_sheet_order.offset 
_struct_sheet_order.sense 
A 1 2 ? parallel      
A 2 3 ? anti-parallel 
A 3 4 ? anti-parallel 
B 1 2 ? anti-parallel 
C 1 2 ? anti-parallel 
C 2 3 ? anti-parallel 
D 1 2 ? anti-parallel 
D 2 3 ? anti-parallel 
D 3 4 ? anti-parallel 
# 
loop_
_struct_sheet_range.sheet_id 
_struct_sheet_range.id 
_struct_sheet_range.beg_label_comp_id 
_struct_sheet_range.beg_label_asym_id 
_struct_sheet_range.beg_label_seq_id 
_struct_sheet_range.pdbx_beg_PDB_ins_code 
_struct_sheet_range.end_label_comp_id 
_struct_sheet_range.end_label_asym_id 
_struct_sheet_range.end_label_seq_id 
_struct_sheet_range.pdbx_end_PDB_ins_code 
_struct_sheet_range.beg_auth_comp_id 
_struct_sheet_range.beg_auth_asym_id 
_struct_sheet_range.beg_auth_seq_id 
_struct_sheet_range.end_auth_comp_id 
_struct_sheet_range.end_auth_asym_id 
_struct_sheet_range.end_auth_seq_id 
A 1 ARG A 29  ? ASP A 30  ? ARG A 29  ASP A 30  
A 2 ALA A 62  ? GLU A 67  ? ALA A 62  GLU A 67  
A 3 PHE A 75  ? PHE A 81  ? PHE A 75  PHE A 81  
A 4 ASP A 84  ? LYS A 89  ? ASP A 84  LYS A 89  
B 1 LEU A 91  ? ARG A 92  ? LEU A 91  ARG A 92  
B 2 TYR A 98  ? PHE A 99  ? TYR A 98  PHE A 99  
C 1 GLU A 117 ? THR A 122 ? GLU A 117 THR A 122 
C 2 SER A 125 ? SER A 129 ? SER A 125 SER A 129 
C 3 THR A 166 ? ILE A 169 ? THR A 166 ILE A 169 
D 1 GLN A 156 ? PRO A 161 ? GLN A 156 PRO A 161 
D 2 VAL A 139 ? GLU A 148 ? VAL A 139 GLU A 148 
D 3 ASP A 177 ? TYR A 186 ? ASP A 177 TYR A 186 
D 4 ILE A 196 ? ARG A 201 ? ILE A 196 ARG A 201 
# 
loop_
_pdbx_struct_sheet_hbond.sheet_id 
_pdbx_struct_sheet_hbond.range_id_1 
_pdbx_struct_sheet_hbond.range_id_2 
_pdbx_struct_sheet_hbond.range_1_label_atom_id 
_pdbx_struct_sheet_hbond.range_1_label_comp_id 
_pdbx_struct_sheet_hbond.range_1_label_asym_id 
_pdbx_struct_sheet_hbond.range_1_label_seq_id 
_pdbx_struct_sheet_hbond.range_1_PDB_ins_code 
_pdbx_struct_sheet_hbond.range_1_auth_atom_id 
_pdbx_struct_sheet_hbond.range_1_auth_comp_id 
_pdbx_struct_sheet_hbond.range_1_auth_asym_id 
_pdbx_struct_sheet_hbond.range_1_auth_seq_id 
_pdbx_struct_sheet_hbond.range_2_label_atom_id 
_pdbx_struct_sheet_hbond.range_2_label_comp_id 
_pdbx_struct_sheet_hbond.range_2_label_asym_id 
_pdbx_struct_sheet_hbond.range_2_label_seq_id 
_pdbx_struct_sheet_hbond.range_2_PDB_ins_code 
_pdbx_struct_sheet_hbond.range_2_auth_atom_id 
_pdbx_struct_sheet_hbond.range_2_auth_comp_id 
_pdbx_struct_sheet_hbond.range_2_auth_asym_id 
_pdbx_struct_sheet_hbond.range_2_auth_seq_id 
A 1 2 N ARG A 29  ? N ARG A 29  O PHE A 63  ? O PHE A 63  
A 2 3 N ARG A 66  ? N ARG A 66  O SER A 76  ? O SER A 76  
A 3 4 N VAL A 79  ? N VAL A 79  O GLN A 86  ? O GLN A 86  
B 1 2 N LEU A 91  ? N LEU A 91  O PHE A 99  ? O PHE A 99  
C 1 2 N VAL A 119 ? N VAL A 119 O LEU A 127 ? O LEU A 127 
C 2 3 N LEU A 126 ? N LEU A 126 O ILE A 169 ? O ILE A 169 
D 1 2 O PHE A 158 ? O PHE A 158 N ILE A 144 ? N ILE A 144 
D 2 3 N THR A 145 ? N THR A 145 O THR A 181 ? O THR A 181 
D 3 4 N TYR A 178 ? N TYR A 178 O TYR A 200 ? O TYR A 200 
# 
_struct_site.id                   AC1 
_struct_site.pdbx_evidence_code   Software 
_struct_site.pdbx_auth_asym_id    ? 
_struct_site.pdbx_auth_comp_id    ? 
_struct_site.pdbx_auth_seq_id     ? 
_struct_site.pdbx_auth_ins_code   ? 
_struct_site.pdbx_num_residues    23 
_struct_site.details              'BINDING SITE FOR CHAIN B OF SHC-TRANSFORMING PROTEIN 1' 
# 
loop_
_struct_site_gen.id 
_struct_site_gen.site_id 
_struct_site_gen.pdbx_num_res 
_struct_site_gen.label_comp_id 
_struct_site_gen.label_asym_id 
_struct_site_gen.label_seq_id 
_struct_site_gen.pdbx_auth_ins_code 
_struct_site_gen.auth_comp_id 
_struct_site_gen.auth_asym_id 
_struct_site_gen.auth_seq_id 
_struct_site_gen.label_atom_id 
_struct_site_gen.label_alt_id 
_struct_site_gen.symmetry 
_struct_site_gen.details 
1  AC1 23 SER A 21  ? SER A 21  . ? 1_555 ? 
2  AC1 23 ARG A 22  ? ARG A 22  . ? 1_555 ? 
3  AC1 23 ASN A 23  ? ASN A 23  . ? 1_555 ? 
4  AC1 23 ARG A 47  ? ARG A 47  . ? 1_555 ? 
5  AC1 23 ARG A 66  ? ARG A 66  . ? 1_555 ? 
6  AC1 23 SER A 68  ? SER A 68  . ? 1_555 ? 
7  AC1 23 GLU A 69  ? GLU A 69  . ? 1_555 ? 
8  AC1 23 SER A 70  ? SER A 70  . ? 1_555 ? 
9  AC1 23 SER A 76  ? SER A 76  . ? 1_555 ? 
10 AC1 23 GLN A 86  ? GLN A 86  . ? 1_555 ? 
11 AC1 23 HIS A 87  ? HIS A 87  . ? 1_555 ? 
12 AC1 23 PHE A 88  ? PHE A 88  . ? 1_555 ? 
13 AC1 23 LYS A 89  ? LYS A 89  . ? 1_555 ? 
14 AC1 23 LEU A 100 ? LEU A 100 . ? 1_555 ? 
15 AC1 23 TRP A 101 ? TRP A 101 . ? 1_555 ? 
16 AC1 23 VAL A 102 ? VAL A 102 . ? 1_555 ? 
17 AC1 23 TYR A 137 ? TYR A 137 . ? 1_555 ? 
18 AC1 23 TYR A 138 ? TYR A 138 . ? 1_555 ? 
19 AC1 23 VAL A 139 ? VAL A 139 . ? 1_555 ? 
20 AC1 23 SER A 140 ? SER A 140 . ? 1_555 ? 
21 AC1 23 HIS A 187 ? HIS A 187 . ? 1_555 ? 
22 AC1 23 ARG A 188 ? ARG A 188 . ? 1_555 ? 
23 AC1 23 HOH D .   ? HOH B 301 . ? 1_555 ? 
# 
_pdbx_entry_details.entry_id                   4JMH 
_pdbx_entry_details.compound_details           ? 
_pdbx_entry_details.source_details             ? 
_pdbx_entry_details.nonpolymer_details         ? 
_pdbx_entry_details.sequence_details           ? 
_pdbx_entry_details.has_ligand_of_interest     ? 
_pdbx_entry_details.has_protein_modification   Y 
# 
loop_
_pdbx_validate_torsion.id 
_pdbx_validate_torsion.PDB_model_num 
_pdbx_validate_torsion.auth_comp_id 
_pdbx_validate_torsion.auth_asym_id 
_pdbx_validate_torsion.auth_seq_id 
_pdbx_validate_torsion.PDB_ins_code 
_pdbx_validate_torsion.label_alt_id 
_pdbx_validate_torsion.phi 
_pdbx_validate_torsion.psi 
1 1 SER A 2   ? ? -128.87 -66.65  
2 1 GLN A 25  ? ? -109.65 73.70   
3 1 TRP A 40  ? ? -149.46 -25.45  
4 1 LYS A 44  ? ? -63.73  84.47   
5 1 SER A 105 ? ? -61.17  -179.10 
6 1 ASN A 152 ? ? -142.68 -53.88  
7 1 TYR A 192 ? ? -48.62  154.87  
# 
loop_
_pdbx_struct_mod_residue.id 
_pdbx_struct_mod_residue.label_asym_id 
_pdbx_struct_mod_residue.label_comp_id 
_pdbx_struct_mod_residue.label_seq_id 
_pdbx_struct_mod_residue.auth_asym_id 
_pdbx_struct_mod_residue.auth_comp_id 
_pdbx_struct_mod_residue.auth_seq_id 
_pdbx_struct_mod_residue.PDB_ins_code 
_pdbx_struct_mod_residue.parent_comp_id 
_pdbx_struct_mod_residue.details 
1 B PTR 6 B PTR 239 ? TYR O-PHOSPHOTYROSINE 
2 B PTR 7 B PTR 240 ? TYR O-PHOSPHOTYROSINE 
# 
loop_
_pdbx_unobs_or_zero_occ_residues.id 
_pdbx_unobs_or_zero_occ_residues.PDB_model_num 
_pdbx_unobs_or_zero_occ_residues.polymer_flag 
_pdbx_unobs_or_zero_occ_residues.occupancy_flag 
_pdbx_unobs_or_zero_occ_residues.auth_asym_id 
_pdbx_unobs_or_zero_occ_residues.auth_comp_id 
_pdbx_unobs_or_zero_occ_residues.auth_seq_id 
_pdbx_unobs_or_zero_occ_residues.PDB_ins_code 
_pdbx_unobs_or_zero_occ_residues.label_asym_id 
_pdbx_unobs_or_zero_occ_residues.label_comp_id 
_pdbx_unobs_or_zero_occ_residues.label_seq_id 
1 1 Y 1 A GLY 33  ? A GLY 33 
2 1 Y 1 A SER 34  ? A SER 34 
3 1 Y 1 B PRO 234 ? B PRO 1  
4 1 Y 1 B PRO 235 ? B PRO 2  
5 1 Y 1 B ASP 236 ? B ASP 3  
6 1 Y 1 B GLY 245 ? B GLY 12 
7 1 Y 1 B LYS 246 ? B LYS 13 
# 
loop_
_chem_comp_atom.comp_id 
_chem_comp_atom.atom_id 
_chem_comp_atom.type_symbol 
_chem_comp_atom.pdbx_aromatic_flag 
_chem_comp_atom.pdbx_stereo_config 
_chem_comp_atom.pdbx_ordinal 
ALA N    N N N 1   
ALA CA   C N S 2   
ALA C    C N N 3   
ALA O    O N N 4   
ALA CB   C N N 5   
ALA OXT  O N N 6   
ALA H    H N N 7   
ALA H2   H N N 8   
ALA HA   H N N 9   
ALA HB1  H N N 10  
ALA HB2  H N N 11  
ALA HB3  H N N 12  
ALA HXT  H N N 13  
ARG N    N N N 14  
ARG CA   C N S 15  
ARG C    C N N 16  
ARG O    O N N 17  
ARG CB   C N N 18  
ARG CG   C N N 19  
ARG CD   C N N 20  
ARG NE   N N N 21  
ARG CZ   C N N 22  
ARG NH1  N N N 23  
ARG NH2  N N N 24  
ARG OXT  O N N 25  
ARG H    H N N 26  
ARG H2   H N N 27  
ARG HA   H N N 28  
ARG HB2  H N N 29  
ARG HB3  H N N 30  
ARG HG2  H N N 31  
ARG HG3  H N N 32  
ARG HD2  H N N 33  
ARG HD3  H N N 34  
ARG HE   H N N 35  
ARG HH11 H N N 36  
ARG HH12 H N N 37  
ARG HH21 H N N 38  
ARG HH22 H N N 39  
ARG HXT  H N N 40  
ASN N    N N N 41  
ASN CA   C N S 42  
ASN C    C N N 43  
ASN O    O N N 44  
ASN CB   C N N 45  
ASN CG   C N N 46  
ASN OD1  O N N 47  
ASN ND2  N N N 48  
ASN OXT  O N N 49  
ASN H    H N N 50  
ASN H2   H N N 51  
ASN HA   H N N 52  
ASN HB2  H N N 53  
ASN HB3  H N N 54  
ASN HD21 H N N 55  
ASN HD22 H N N 56  
ASN HXT  H N N 57  
ASP N    N N N 58  
ASP CA   C N S 59  
ASP C    C N N 60  
ASP O    O N N 61  
ASP CB   C N N 62  
ASP CG   C N N 63  
ASP OD1  O N N 64  
ASP OD2  O N N 65  
ASP OXT  O N N 66  
ASP H    H N N 67  
ASP H2   H N N 68  
ASP HA   H N N 69  
ASP HB2  H N N 70  
ASP HB3  H N N 71  
ASP HD2  H N N 72  
ASP HXT  H N N 73  
GLN N    N N N 74  
GLN CA   C N S 75  
GLN C    C N N 76  
GLN O    O N N 77  
GLN CB   C N N 78  
GLN CG   C N N 79  
GLN CD   C N N 80  
GLN OE1  O N N 81  
GLN NE2  N N N 82  
GLN OXT  O N N 83  
GLN H    H N N 84  
GLN H2   H N N 85  
GLN HA   H N N 86  
GLN HB2  H N N 87  
GLN HB3  H N N 88  
GLN HG2  H N N 89  
GLN HG3  H N N 90  
GLN HE21 H N N 91  
GLN HE22 H N N 92  
GLN HXT  H N N 93  
GLU N    N N N 94  
GLU CA   C N S 95  
GLU C    C N N 96  
GLU O    O N N 97  
GLU CB   C N N 98  
GLU CG   C N N 99  
GLU CD   C N N 100 
GLU OE1  O N N 101 
GLU OE2  O N N 102 
GLU OXT  O N N 103 
GLU H    H N N 104 
GLU H2   H N N 105 
GLU HA   H N N 106 
GLU HB2  H N N 107 
GLU HB3  H N N 108 
GLU HG2  H N N 109 
GLU HG3  H N N 110 
GLU HE2  H N N 111 
GLU HXT  H N N 112 
GLY N    N N N 113 
GLY CA   C N N 114 
GLY C    C N N 115 
GLY O    O N N 116 
GLY OXT  O N N 117 
GLY H    H N N 118 
GLY H2   H N N 119 
GLY HA2  H N N 120 
GLY HA3  H N N 121 
GLY HXT  H N N 122 
HIS N    N N N 123 
HIS CA   C N S 124 
HIS C    C N N 125 
HIS O    O N N 126 
HIS CB   C N N 127 
HIS CG   C Y N 128 
HIS ND1  N Y N 129 
HIS CD2  C Y N 130 
HIS CE1  C Y N 131 
HIS NE2  N Y N 132 
HIS OXT  O N N 133 
HIS H    H N N 134 
HIS H2   H N N 135 
HIS HA   H N N 136 
HIS HB2  H N N 137 
HIS HB3  H N N 138 
HIS HD1  H N N 139 
HIS HD2  H N N 140 
HIS HE1  H N N 141 
HIS HE2  H N N 142 
HIS HXT  H N N 143 
HOH O    O N N 144 
HOH H1   H N N 145 
HOH H2   H N N 146 
ILE N    N N N 147 
ILE CA   C N S 148 
ILE C    C N N 149 
ILE O    O N N 150 
ILE CB   C N S 151 
ILE CG1  C N N 152 
ILE CG2  C N N 153 
ILE CD1  C N N 154 
ILE OXT  O N N 155 
ILE H    H N N 156 
ILE H2   H N N 157 
ILE HA   H N N 158 
ILE HB   H N N 159 
ILE HG12 H N N 160 
ILE HG13 H N N 161 
ILE HG21 H N N 162 
ILE HG22 H N N 163 
ILE HG23 H N N 164 
ILE HD11 H N N 165 
ILE HD12 H N N 166 
ILE HD13 H N N 167 
ILE HXT  H N N 168 
LEU N    N N N 169 
LEU CA   C N S 170 
LEU C    C N N 171 
LEU O    O N N 172 
LEU CB   C N N 173 
LEU CG   C N N 174 
LEU CD1  C N N 175 
LEU CD2  C N N 176 
LEU OXT  O N N 177 
LEU H    H N N 178 
LEU H2   H N N 179 
LEU HA   H N N 180 
LEU HB2  H N N 181 
LEU HB3  H N N 182 
LEU HG   H N N 183 
LEU HD11 H N N 184 
LEU HD12 H N N 185 
LEU HD13 H N N 186 
LEU HD21 H N N 187 
LEU HD22 H N N 188 
LEU HD23 H N N 189 
LEU HXT  H N N 190 
LYS N    N N N 191 
LYS CA   C N S 192 
LYS C    C N N 193 
LYS O    O N N 194 
LYS CB   C N N 195 
LYS CG   C N N 196 
LYS CD   C N N 197 
LYS CE   C N N 198 
LYS NZ   N N N 199 
LYS OXT  O N N 200 
LYS H    H N N 201 
LYS H2   H N N 202 
LYS HA   H N N 203 
LYS HB2  H N N 204 
LYS HB3  H N N 205 
LYS HG2  H N N 206 
LYS HG3  H N N 207 
LYS HD2  H N N 208 
LYS HD3  H N N 209 
LYS HE2  H N N 210 
LYS HE3  H N N 211 
LYS HZ1  H N N 212 
LYS HZ2  H N N 213 
LYS HZ3  H N N 214 
LYS HXT  H N N 215 
MET N    N N N 216 
MET CA   C N S 217 
MET C    C N N 218 
MET O    O N N 219 
MET CB   C N N 220 
MET CG   C N N 221 
MET SD   S N N 222 
MET CE   C N N 223 
MET OXT  O N N 224 
MET H    H N N 225 
MET H2   H N N 226 
MET HA   H N N 227 
MET HB2  H N N 228 
MET HB3  H N N 229 
MET HG2  H N N 230 
MET HG3  H N N 231 
MET HE1  H N N 232 
MET HE2  H N N 233 
MET HE3  H N N 234 
MET HXT  H N N 235 
PHE N    N N N 236 
PHE CA   C N S 237 
PHE C    C N N 238 
PHE O    O N N 239 
PHE CB   C N N 240 
PHE CG   C Y N 241 
PHE CD1  C Y N 242 
PHE CD2  C Y N 243 
PHE CE1  C Y N 244 
PHE CE2  C Y N 245 
PHE CZ   C Y N 246 
PHE OXT  O N N 247 
PHE H    H N N 248 
PHE H2   H N N 249 
PHE HA   H N N 250 
PHE HB2  H N N 251 
PHE HB3  H N N 252 
PHE HD1  H N N 253 
PHE HD2  H N N 254 
PHE HE1  H N N 255 
PHE HE2  H N N 256 
PHE HZ   H N N 257 
PHE HXT  H N N 258 
PRO N    N N N 259 
PRO CA   C N S 260 
PRO C    C N N 261 
PRO O    O N N 262 
PRO CB   C N N 263 
PRO CG   C N N 264 
PRO CD   C N N 265 
PRO OXT  O N N 266 
PRO H    H N N 267 
PRO HA   H N N 268 
PRO HB2  H N N 269 
PRO HB3  H N N 270 
PRO HG2  H N N 271 
PRO HG3  H N N 272 
PRO HD2  H N N 273 
PRO HD3  H N N 274 
PRO HXT  H N N 275 
PTR N    N N N 276 
PTR CA   C N S 277 
PTR C    C N N 278 
PTR O    O N N 279 
PTR OXT  O N N 280 
PTR CB   C N N 281 
PTR CG   C Y N 282 
PTR CD1  C Y N 283 
PTR CD2  C Y N 284 
PTR CE1  C Y N 285 
PTR CE2  C Y N 286 
PTR CZ   C Y N 287 
PTR OH   O N N 288 
PTR P    P N N 289 
PTR O1P  O N N 290 
PTR O2P  O N N 291 
PTR O3P  O N N 292 
PTR H    H N N 293 
PTR H2   H N N 294 
PTR HA   H N N 295 
PTR HXT  H N N 296 
PTR HB2  H N N 297 
PTR HB3  H N N 298 
PTR HD1  H N N 299 
PTR HD2  H N N 300 
PTR HE1  H N N 301 
PTR HE2  H N N 302 
PTR HO2P H N N 303 
PTR HO3P H N N 304 
SER N    N N N 305 
SER CA   C N S 306 
SER C    C N N 307 
SER O    O N N 308 
SER CB   C N N 309 
SER OG   O N N 310 
SER OXT  O N N 311 
SER H    H N N 312 
SER H2   H N N 313 
SER HA   H N N 314 
SER HB2  H N N 315 
SER HB3  H N N 316 
SER HG   H N N 317 
SER HXT  H N N 318 
THR N    N N N 319 
THR CA   C N S 320 
THR C    C N N 321 
THR O    O N N 322 
THR CB   C N R 323 
THR OG1  O N N 324 
THR CG2  C N N 325 
THR OXT  O N N 326 
THR H    H N N 327 
THR H2   H N N 328 
THR HA   H N N 329 
THR HB   H N N 330 
THR HG1  H N N 331 
THR HG21 H N N 332 
THR HG22 H N N 333 
THR HG23 H N N 334 
THR HXT  H N N 335 
TRP N    N N N 336 
TRP CA   C N S 337 
TRP C    C N N 338 
TRP O    O N N 339 
TRP CB   C N N 340 
TRP CG   C Y N 341 
TRP CD1  C Y N 342 
TRP CD2  C Y N 343 
TRP NE1  N Y N 344 
TRP CE2  C Y N 345 
TRP CE3  C Y N 346 
TRP CZ2  C Y N 347 
TRP CZ3  C Y N 348 
TRP CH2  C Y N 349 
TRP OXT  O N N 350 
TRP H    H N N 351 
TRP H2   H N N 352 
TRP HA   H N N 353 
TRP HB2  H N N 354 
TRP HB3  H N N 355 
TRP HD1  H N N 356 
TRP HE1  H N N 357 
TRP HE3  H N N 358 
TRP HZ2  H N N 359 
TRP HZ3  H N N 360 
TRP HH2  H N N 361 
TRP HXT  H N N 362 
TYR N    N N N 363 
TYR CA   C N S 364 
TYR C    C N N 365 
TYR O    O N N 366 
TYR CB   C N N 367 
TYR CG   C Y N 368 
TYR CD1  C Y N 369 
TYR CD2  C Y N 370 
TYR CE1  C Y N 371 
TYR CE2  C Y N 372 
TYR CZ   C Y N 373 
TYR OH   O N N 374 
TYR OXT  O N N 375 
TYR H    H N N 376 
TYR H2   H N N 377 
TYR HA   H N N 378 
TYR HB2  H N N 379 
TYR HB3  H N N 380 
TYR HD1  H N N 381 
TYR HD2  H N N 382 
TYR HE1  H N N 383 
TYR HE2  H N N 384 
TYR HH   H N N 385 
TYR HXT  H N N 386 
VAL N    N N N 387 
VAL CA   C N S 388 
VAL C    C N N 389 
VAL O    O N N 390 
VAL CB   C N N 391 
VAL CG1  C N N 392 
VAL CG2  C N N 393 
VAL OXT  O N N 394 
VAL H    H N N 395 
VAL H2   H N N 396 
VAL HA   H N N 397 
VAL HB   H N N 398 
VAL HG11 H N N 399 
VAL HG12 H N N 400 
VAL HG13 H N N 401 
VAL HG21 H N N 402 
VAL HG22 H N N 403 
VAL HG23 H N N 404 
VAL HXT  H N N 405 
# 
loop_
_chem_comp_bond.comp_id 
_chem_comp_bond.atom_id_1 
_chem_comp_bond.atom_id_2 
_chem_comp_bond.value_order 
_chem_comp_bond.pdbx_aromatic_flag 
_chem_comp_bond.pdbx_stereo_config 
_chem_comp_bond.pdbx_ordinal 
ALA N   CA   sing N N 1   
ALA N   H    sing N N 2   
ALA N   H2   sing N N 3   
ALA CA  C    sing N N 4   
ALA CA  CB   sing N N 5   
ALA CA  HA   sing N N 6   
ALA C   O    doub N N 7   
ALA C   OXT  sing N N 8   
ALA CB  HB1  sing N N 9   
ALA CB  HB2  sing N N 10  
ALA CB  HB3  sing N N 11  
ALA OXT HXT  sing N N 12  
ARG N   CA   sing N N 13  
ARG N   H    sing N N 14  
ARG N   H2   sing N N 15  
ARG CA  C    sing N N 16  
ARG CA  CB   sing N N 17  
ARG CA  HA   sing N N 18  
ARG C   O    doub N N 19  
ARG C   OXT  sing N N 20  
ARG CB  CG   sing N N 21  
ARG CB  HB2  sing N N 22  
ARG CB  HB3  sing N N 23  
ARG CG  CD   sing N N 24  
ARG CG  HG2  sing N N 25  
ARG CG  HG3  sing N N 26  
ARG CD  NE   sing N N 27  
ARG CD  HD2  sing N N 28  
ARG CD  HD3  sing N N 29  
ARG NE  CZ   sing N N 30  
ARG NE  HE   sing N N 31  
ARG CZ  NH1  sing N N 32  
ARG CZ  NH2  doub N N 33  
ARG NH1 HH11 sing N N 34  
ARG NH1 HH12 sing N N 35  
ARG NH2 HH21 sing N N 36  
ARG NH2 HH22 sing N N 37  
ARG OXT HXT  sing N N 38  
ASN N   CA   sing N N 39  
ASN N   H    sing N N 40  
ASN N   H2   sing N N 41  
ASN CA  C    sing N N 42  
ASN CA  CB   sing N N 43  
ASN CA  HA   sing N N 44  
ASN C   O    doub N N 45  
ASN C   OXT  sing N N 46  
ASN CB  CG   sing N N 47  
ASN CB  HB2  sing N N 48  
ASN CB  HB3  sing N N 49  
ASN CG  OD1  doub N N 50  
ASN CG  ND2  sing N N 51  
ASN ND2 HD21 sing N N 52  
ASN ND2 HD22 sing N N 53  
ASN OXT HXT  sing N N 54  
ASP N   CA   sing N N 55  
ASP N   H    sing N N 56  
ASP N   H2   sing N N 57  
ASP CA  C    sing N N 58  
ASP CA  CB   sing N N 59  
ASP CA  HA   sing N N 60  
ASP C   O    doub N N 61  
ASP C   OXT  sing N N 62  
ASP CB  CG   sing N N 63  
ASP CB  HB2  sing N N 64  
ASP CB  HB3  sing N N 65  
ASP CG  OD1  doub N N 66  
ASP CG  OD2  sing N N 67  
ASP OD2 HD2  sing N N 68  
ASP OXT HXT  sing N N 69  
GLN N   CA   sing N N 70  
GLN N   H    sing N N 71  
GLN N   H2   sing N N 72  
GLN CA  C    sing N N 73  
GLN CA  CB   sing N N 74  
GLN CA  HA   sing N N 75  
GLN C   O    doub N N 76  
GLN C   OXT  sing N N 77  
GLN CB  CG   sing N N 78  
GLN CB  HB2  sing N N 79  
GLN CB  HB3  sing N N 80  
GLN CG  CD   sing N N 81  
GLN CG  HG2  sing N N 82  
GLN CG  HG3  sing N N 83  
GLN CD  OE1  doub N N 84  
GLN CD  NE2  sing N N 85  
GLN NE2 HE21 sing N N 86  
GLN NE2 HE22 sing N N 87  
GLN OXT HXT  sing N N 88  
GLU N   CA   sing N N 89  
GLU N   H    sing N N 90  
GLU N   H2   sing N N 91  
GLU CA  C    sing N N 92  
GLU CA  CB   sing N N 93  
GLU CA  HA   sing N N 94  
GLU C   O    doub N N 95  
GLU C   OXT  sing N N 96  
GLU CB  CG   sing N N 97  
GLU CB  HB2  sing N N 98  
GLU CB  HB3  sing N N 99  
GLU CG  CD   sing N N 100 
GLU CG  HG2  sing N N 101 
GLU CG  HG3  sing N N 102 
GLU CD  OE1  doub N N 103 
GLU CD  OE2  sing N N 104 
GLU OE2 HE2  sing N N 105 
GLU OXT HXT  sing N N 106 
GLY N   CA   sing N N 107 
GLY N   H    sing N N 108 
GLY N   H2   sing N N 109 
GLY CA  C    sing N N 110 
GLY CA  HA2  sing N N 111 
GLY CA  HA3  sing N N 112 
GLY C   O    doub N N 113 
GLY C   OXT  sing N N 114 
GLY OXT HXT  sing N N 115 
HIS N   CA   sing N N 116 
HIS N   H    sing N N 117 
HIS N   H2   sing N N 118 
HIS CA  C    sing N N 119 
HIS CA  CB   sing N N 120 
HIS CA  HA   sing N N 121 
HIS C   O    doub N N 122 
HIS C   OXT  sing N N 123 
HIS CB  CG   sing N N 124 
HIS CB  HB2  sing N N 125 
HIS CB  HB3  sing N N 126 
HIS CG  ND1  sing Y N 127 
HIS CG  CD2  doub Y N 128 
HIS ND1 CE1  doub Y N 129 
HIS ND1 HD1  sing N N 130 
HIS CD2 NE2  sing Y N 131 
HIS CD2 HD2  sing N N 132 
HIS CE1 NE2  sing Y N 133 
HIS CE1 HE1  sing N N 134 
HIS NE2 HE2  sing N N 135 
HIS OXT HXT  sing N N 136 
HOH O   H1   sing N N 137 
HOH O   H2   sing N N 138 
ILE N   CA   sing N N 139 
ILE N   H    sing N N 140 
ILE N   H2   sing N N 141 
ILE CA  C    sing N N 142 
ILE CA  CB   sing N N 143 
ILE CA  HA   sing N N 144 
ILE C   O    doub N N 145 
ILE C   OXT  sing N N 146 
ILE CB  CG1  sing N N 147 
ILE CB  CG2  sing N N 148 
ILE CB  HB   sing N N 149 
ILE CG1 CD1  sing N N 150 
ILE CG1 HG12 sing N N 151 
ILE CG1 HG13 sing N N 152 
ILE CG2 HG21 sing N N 153 
ILE CG2 HG22 sing N N 154 
ILE CG2 HG23 sing N N 155 
ILE CD1 HD11 sing N N 156 
ILE CD1 HD12 sing N N 157 
ILE CD1 HD13 sing N N 158 
ILE OXT HXT  sing N N 159 
LEU N   CA   sing N N 160 
LEU N   H    sing N N 161 
LEU N   H2   sing N N 162 
LEU CA  C    sing N N 163 
LEU CA  CB   sing N N 164 
LEU CA  HA   sing N N 165 
LEU C   O    doub N N 166 
LEU C   OXT  sing N N 167 
LEU CB  CG   sing N N 168 
LEU CB  HB2  sing N N 169 
LEU CB  HB3  sing N N 170 
LEU CG  CD1  sing N N 171 
LEU CG  CD2  sing N N 172 
LEU CG  HG   sing N N 173 
LEU CD1 HD11 sing N N 174 
LEU CD1 HD12 sing N N 175 
LEU CD1 HD13 sing N N 176 
LEU CD2 HD21 sing N N 177 
LEU CD2 HD22 sing N N 178 
LEU CD2 HD23 sing N N 179 
LEU OXT HXT  sing N N 180 
LYS N   CA   sing N N 181 
LYS N   H    sing N N 182 
LYS N   H2   sing N N 183 
LYS CA  C    sing N N 184 
LYS CA  CB   sing N N 185 
LYS CA  HA   sing N N 186 
LYS C   O    doub N N 187 
LYS C   OXT  sing N N 188 
LYS CB  CG   sing N N 189 
LYS CB  HB2  sing N N 190 
LYS CB  HB3  sing N N 191 
LYS CG  CD   sing N N 192 
LYS CG  HG2  sing N N 193 
LYS CG  HG3  sing N N 194 
LYS CD  CE   sing N N 195 
LYS CD  HD2  sing N N 196 
LYS CD  HD3  sing N N 197 
LYS CE  NZ   sing N N 198 
LYS CE  HE2  sing N N 199 
LYS CE  HE3  sing N N 200 
LYS NZ  HZ1  sing N N 201 
LYS NZ  HZ2  sing N N 202 
LYS NZ  HZ3  sing N N 203 
LYS OXT HXT  sing N N 204 
MET N   CA   sing N N 205 
MET N   H    sing N N 206 
MET N   H2   sing N N 207 
MET CA  C    sing N N 208 
MET CA  CB   sing N N 209 
MET CA  HA   sing N N 210 
MET C   O    doub N N 211 
MET C   OXT  sing N N 212 
MET CB  CG   sing N N 213 
MET CB  HB2  sing N N 214 
MET CB  HB3  sing N N 215 
MET CG  SD   sing N N 216 
MET CG  HG2  sing N N 217 
MET CG  HG3  sing N N 218 
MET SD  CE   sing N N 219 
MET CE  HE1  sing N N 220 
MET CE  HE2  sing N N 221 
MET CE  HE3  sing N N 222 
MET OXT HXT  sing N N 223 
PHE N   CA   sing N N 224 
PHE N   H    sing N N 225 
PHE N   H2   sing N N 226 
PHE CA  C    sing N N 227 
PHE CA  CB   sing N N 228 
PHE CA  HA   sing N N 229 
PHE C   O    doub N N 230 
PHE C   OXT  sing N N 231 
PHE CB  CG   sing N N 232 
PHE CB  HB2  sing N N 233 
PHE CB  HB3  sing N N 234 
PHE CG  CD1  doub Y N 235 
PHE CG  CD2  sing Y N 236 
PHE CD1 CE1  sing Y N 237 
PHE CD1 HD1  sing N N 238 
PHE CD2 CE2  doub Y N 239 
PHE CD2 HD2  sing N N 240 
PHE CE1 CZ   doub Y N 241 
PHE CE1 HE1  sing N N 242 
PHE CE2 CZ   sing Y N 243 
PHE CE2 HE2  sing N N 244 
PHE CZ  HZ   sing N N 245 
PHE OXT HXT  sing N N 246 
PRO N   CA   sing N N 247 
PRO N   CD   sing N N 248 
PRO N   H    sing N N 249 
PRO CA  C    sing N N 250 
PRO CA  CB   sing N N 251 
PRO CA  HA   sing N N 252 
PRO C   O    doub N N 253 
PRO C   OXT  sing N N 254 
PRO CB  CG   sing N N 255 
PRO CB  HB2  sing N N 256 
PRO CB  HB3  sing N N 257 
PRO CG  CD   sing N N 258 
PRO CG  HG2  sing N N 259 
PRO CG  HG3  sing N N 260 
PRO CD  HD2  sing N N 261 
PRO CD  HD3  sing N N 262 
PRO OXT HXT  sing N N 263 
PTR N   CA   sing N N 264 
PTR N   H    sing N N 265 
PTR N   H2   sing N N 266 
PTR CA  C    sing N N 267 
PTR CA  CB   sing N N 268 
PTR CA  HA   sing N N 269 
PTR C   O    doub N N 270 
PTR C   OXT  sing N N 271 
PTR OXT HXT  sing N N 272 
PTR CB  CG   sing N N 273 
PTR CB  HB2  sing N N 274 
PTR CB  HB3  sing N N 275 
PTR CG  CD1  doub Y N 276 
PTR CG  CD2  sing Y N 277 
PTR CD1 CE1  sing Y N 278 
PTR CD1 HD1  sing N N 279 
PTR CD2 CE2  doub Y N 280 
PTR CD2 HD2  sing N N 281 
PTR CE1 CZ   doub Y N 282 
PTR CE1 HE1  sing N N 283 
PTR CE2 CZ   sing Y N 284 
PTR CE2 HE2  sing N N 285 
PTR CZ  OH   sing N N 286 
PTR OH  P    sing N N 287 
PTR P   O1P  doub N N 288 
PTR P   O2P  sing N N 289 
PTR P   O3P  sing N N 290 
PTR O2P HO2P sing N N 291 
PTR O3P HO3P sing N N 292 
SER N   CA   sing N N 293 
SER N   H    sing N N 294 
SER N   H2   sing N N 295 
SER CA  C    sing N N 296 
SER CA  CB   sing N N 297 
SER CA  HA   sing N N 298 
SER C   O    doub N N 299 
SER C   OXT  sing N N 300 
SER CB  OG   sing N N 301 
SER CB  HB2  sing N N 302 
SER CB  HB3  sing N N 303 
SER OG  HG   sing N N 304 
SER OXT HXT  sing N N 305 
THR N   CA   sing N N 306 
THR N   H    sing N N 307 
THR N   H2   sing N N 308 
THR CA  C    sing N N 309 
THR CA  CB   sing N N 310 
THR CA  HA   sing N N 311 
THR C   O    doub N N 312 
THR C   OXT  sing N N 313 
THR CB  OG1  sing N N 314 
THR CB  CG2  sing N N 315 
THR CB  HB   sing N N 316 
THR OG1 HG1  sing N N 317 
THR CG2 HG21 sing N N 318 
THR CG2 HG22 sing N N 319 
THR CG2 HG23 sing N N 320 
THR OXT HXT  sing N N 321 
TRP N   CA   sing N N 322 
TRP N   H    sing N N 323 
TRP N   H2   sing N N 324 
TRP CA  C    sing N N 325 
TRP CA  CB   sing N N 326 
TRP CA  HA   sing N N 327 
TRP C   O    doub N N 328 
TRP C   OXT  sing N N 329 
TRP CB  CG   sing N N 330 
TRP CB  HB2  sing N N 331 
TRP CB  HB3  sing N N 332 
TRP CG  CD1  doub Y N 333 
TRP CG  CD2  sing Y N 334 
TRP CD1 NE1  sing Y N 335 
TRP CD1 HD1  sing N N 336 
TRP CD2 CE2  doub Y N 337 
TRP CD2 CE3  sing Y N 338 
TRP NE1 CE2  sing Y N 339 
TRP NE1 HE1  sing N N 340 
TRP CE2 CZ2  sing Y N 341 
TRP CE3 CZ3  doub Y N 342 
TRP CE3 HE3  sing N N 343 
TRP CZ2 CH2  doub Y N 344 
TRP CZ2 HZ2  sing N N 345 
TRP CZ3 CH2  sing Y N 346 
TRP CZ3 HZ3  sing N N 347 
TRP CH2 HH2  sing N N 348 
TRP OXT HXT  sing N N 349 
TYR N   CA   sing N N 350 
TYR N   H    sing N N 351 
TYR N   H2   sing N N 352 
TYR CA  C    sing N N 353 
TYR CA  CB   sing N N 354 
TYR CA  HA   sing N N 355 
TYR C   O    doub N N 356 
TYR C   OXT  sing N N 357 
TYR CB  CG   sing N N 358 
TYR CB  HB2  sing N N 359 
TYR CB  HB3  sing N N 360 
TYR CG  CD1  doub Y N 361 
TYR CG  CD2  sing Y N 362 
TYR CD1 CE1  sing Y N 363 
TYR CD1 HD1  sing N N 364 
TYR CD2 CE2  doub Y N 365 
TYR CD2 HD2  sing N N 366 
TYR CE1 CZ   doub Y N 367 
TYR CE1 HE1  sing N N 368 
TYR CE2 CZ   sing Y N 369 
TYR CE2 HE2  sing N N 370 
TYR CZ  OH   sing N N 371 
TYR OH  HH   sing N N 372 
TYR OXT HXT  sing N N 373 
VAL N   CA   sing N N 374 
VAL N   H    sing N N 375 
VAL N   H2   sing N N 376 
VAL CA  C    sing N N 377 
VAL CA  CB   sing N N 378 
VAL CA  HA   sing N N 379 
VAL C   O    doub N N 380 
VAL C   OXT  sing N N 381 
VAL CB  CG1  sing N N 382 
VAL CB  CG2  sing N N 383 
VAL CB  HB   sing N N 384 
VAL CG1 HG11 sing N N 385 
VAL CG1 HG12 sing N N 386 
VAL CG1 HG13 sing N N 387 
VAL CG2 HG21 sing N N 388 
VAL CG2 HG22 sing N N 389 
VAL CG2 HG23 sing N N 390 
VAL OXT HXT  sing N N 391 
# 
_pdbx_initial_refinement_model.id               1 
_pdbx_initial_refinement_model.entity_id_list   ? 
_pdbx_initial_refinement_model.type             'experimental model' 
_pdbx_initial_refinement_model.source_name      PDB 
_pdbx_initial_refinement_model.accession_code   4JMG 
_pdbx_initial_refinement_model.details          ? 
# 
_atom_sites.entry_id                    4JMH 
_atom_sites.fract_transf_matrix[1][1]   -0.01063862 
_atom_sites.fract_transf_matrix[1][2]   -0.00268751 
_atom_sites.fract_transf_matrix[1][3]   -0.00185785 
_atom_sites.fract_transf_matrix[2][1]   0.00270688 
_atom_sites.fract_transf_matrix[2][2]   -0.01049917 
_atom_sites.fract_transf_matrix[2][3]   -0.00031262 
_atom_sites.fract_transf_matrix[3][1]   -0.00259460 
_atom_sites.fract_transf_matrix[3][2]   -0.00116134 
_atom_sites.fract_transf_matrix[3][3]   0.01653746 
_atom_sites.fract_transf_vector[1]      -0.334752 
_atom_sites.fract_transf_vector[2]      -0.334224 
_atom_sites.fract_transf_vector[3]      -0.071896 
# 
loop_
_atom_type.symbol 
C 
N 
O 
P 
S 
# 
loop_
_atom_site.group_PDB 
_atom_site.id 
_atom_site.type_symbol 
_atom_site.label_atom_id 
_atom_site.label_alt_id 
_atom_site.label_comp_id 
_atom_site.label_asym_id 
_atom_site.label_entity_id 
_atom_site.label_seq_id 
_atom_site.pdbx_PDB_ins_code 
_atom_site.Cartn_x 
_atom_site.Cartn_y 
_atom_site.Cartn_z 
_atom_site.occupancy 
_atom_site.B_iso_or_equiv 
_atom_site.pdbx_formal_charge 
_atom_site.auth_seq_id 
_atom_site.auth_comp_id 
_atom_site.auth_asym_id 
_atom_site.auth_atom_id 
_atom_site.pdbx_PDB_model_num 
ATOM   1    N N   . GLY A 1 1   ? -10.090 0.988   9.957   1.00 33.92 ? 1   GLY A N   1 
ATOM   2    C CA  . GLY A 1 1   ? -10.858 0.369   8.897   1.00 46.02 ? 1   GLY A CA  1 
ATOM   3    C C   . GLY A 1 1   ? -9.965  -0.620  8.179   1.00 55.12 ? 1   GLY A C   1 
ATOM   4    O O   . GLY A 1 1   ? -8.748  -0.414  8.177   1.00 50.32 ? 1   GLY A O   1 
ATOM   5    N N   . SER A 1 2   ? -10.541 -1.676  7.579   1.00 56.04 ? 2   SER A N   1 
ATOM   6    C CA  . SER A 1 2   ? -12.001 -1.834  7.533   1.00 54.20 ? 2   SER A CA  1 
ATOM   7    C C   . SER A 1 2   ? -12.570 -3.179  7.996   1.00 47.72 ? 2   SER A C   1 
ATOM   8    O O   . SER A 1 2   ? -13.256 -3.203  9.023   1.00 51.52 ? 2   SER A O   1 
ATOM   9    C CB  . SER A 1 2   ? -12.592 -1.368  6.194   1.00 57.68 ? 2   SER A CB  1 
ATOM   10   O OG  . SER A 1 2   ? -12.682 0.055   6.175   1.00 61.92 ? 2   SER A OG  1 
ATOM   11   N N   . VAL A 1 3   ? -12.325 -4.287  7.296   1.00 41.65 ? 3   VAL A N   1 
ATOM   12   C CA  . VAL A 1 3   ? -12.870 -5.549  7.839   1.00 46.76 ? 3   VAL A CA  1 
ATOM   13   C C   . VAL A 1 3   ? -11.994 -6.156  8.933   1.00 38.28 ? 3   VAL A C   1 
ATOM   14   O O   . VAL A 1 3   ? -10.791 -6.363  8.775   1.00 38.01 ? 3   VAL A O   1 
ATOM   15   C CB  . VAL A 1 3   ? -13.288 -6.617  6.788   1.00 50.43 ? 3   VAL A CB  1 
ATOM   16   C CG1 . VAL A 1 3   ? -14.337 -6.040  5.824   1.00 54.19 ? 3   VAL A CG1 1 
ATOM   17   C CG2 . VAL A 1 3   ? -12.067 -7.204  6.054   1.00 44.39 ? 3   VAL A CG2 1 
ATOM   18   N N   . LYS A 1 4   ? -12.608 -6.413  10.075  1.00 38.80 ? 4   LYS A N   1 
ATOM   19   C CA  . LYS A 1 4   ? -11.831 -6.820  11.236  1.00 39.85 ? 4   LYS A CA  1 
ATOM   20   C C   . LYS A 1 4   ? -12.412 -8.067  11.873  1.00 36.66 ? 4   LYS A C   1 
ATOM   21   O O   . LYS A 1 4   ? -13.631 -8.287  11.855  1.00 38.81 ? 4   LYS A O   1 
ATOM   22   C CB  . LYS A 1 4   ? -11.724 -5.652  12.229  1.00 42.72 ? 4   LYS A CB  1 
ATOM   23   C CG  . LYS A 1 4   ? -11.400 -4.298  11.539  1.00 40.25 ? 4   LYS A CG  1 
ATOM   24   C CD  . LYS A 1 4   ? -10.499 -3.421  12.376  1.00 36.86 ? 4   LYS A CD  1 
ATOM   25   C CE  . LYS A 1 4   ? -10.846 -1.972  12.203  1.00 40.99 ? 4   LYS A CE  1 
ATOM   26   N NZ  . LYS A 1 4   ? -11.152 -1.400  13.536  1.00 40.83 ? 4   LYS A NZ  1 
ATOM   27   N N   . PHE A 1 5   ? -11.532 -8.893  12.425  1.00 36.96 ? 5   PHE A N   1 
ATOM   28   C CA  . PHE A 1 5   ? -11.947 -10.180 12.976  1.00 39.44 ? 5   PHE A CA  1 
ATOM   29   C C   . PHE A 1 5   ? -11.658 -10.267 14.468  1.00 36.62 ? 5   PHE A C   1 
ATOM   30   O O   . PHE A 1 5   ? -10.726 -9.623  14.959  1.00 36.12 ? 5   PHE A O   1 
ATOM   31   C CB  . PHE A 1 5   ? -11.301 -11.317 12.168  1.00 35.35 ? 5   PHE A CB  1 
ATOM   32   C CG  . PHE A 1 5   ? -11.496 -11.144 10.700  1.00 32.90 ? 5   PHE A CG  1 
ATOM   33   C CD1 . PHE A 1 5   ? -10.487 -10.610 9.911   1.00 33.94 ? 5   PHE A CD1 1 
ATOM   34   C CD2 . PHE A 1 5   ? -12.727 -11.407 10.130  1.00 33.89 ? 5   PHE A CD2 1 
ATOM   35   C CE1 . PHE A 1 5   ? -10.679 -10.402 8.563   1.00 34.40 ? 5   PHE A CE1 1 
ATOM   36   C CE2 . PHE A 1 5   ? -12.936 -11.202 8.776   1.00 32.33 ? 5   PHE A CE2 1 
ATOM   37   C CZ  . PHE A 1 5   ? -11.908 -10.690 7.996   1.00 36.04 ? 5   PHE A CZ  1 
ATOM   38   N N   . ASN A 1 6   ? -12.467 -11.037 15.191  1.00 40.06 ? 6   ASN A N   1 
ATOM   39   C CA  . ASN A 1 6   ? -12.306 -11.098 16.636  1.00 37.89 ? 6   ASN A CA  1 
ATOM   40   C C   . ASN A 1 6   ? -11.212 -12.035 17.057  1.00 37.04 ? 6   ASN A C   1 
ATOM   41   O O   . ASN A 1 6   ? -10.782 -11.991 18.211  1.00 37.71 ? 6   ASN A O   1 
ATOM   42   C CB  . ASN A 1 6   ? -13.612 -11.437 17.340  1.00 37.26 ? 6   ASN A CB  1 
ATOM   43   C CG  . ASN A 1 6   ? -14.523 -10.234 17.455  1.00 48.84 ? 6   ASN A CG  1 
ATOM   44   O OD1 . ASN A 1 6   ? -14.088 -9.101  17.247  1.00 48.28 ? 6   ASN A OD1 1 
ATOM   45   N ND2 . ASN A 1 6   ? -15.787 -10.467 17.793  1.00 51.15 ? 6   ASN A ND2 1 
ATOM   46   N N   . SER A 1 7   ? -10.741 -12.860 16.123  1.00 30.03 ? 7   SER A N   1 
ATOM   47   C CA  . SER A 1 7   ? -9.678  -13.815 16.442  1.00 36.20 ? 7   SER A CA  1 
ATOM   48   C C   . SER A 1 7   ? -8.892  -14.241 15.220  1.00 36.25 ? 7   SER A C   1 
ATOM   49   O O   . SER A 1 7   ? -9.348  -14.060 14.088  1.00 35.28 ? 7   SER A O   1 
ATOM   50   C CB  . SER A 1 7   ? -10.243 -15.069 17.124  1.00 31.57 ? 7   SER A CB  1 
ATOM   51   O OG  . SER A 1 7   ? -10.982 -15.852 16.198  1.00 33.08 ? 7   SER A OG  1 
ATOM   52   N N   . LEU A 1 8   ? -7.724  -14.834 15.467  1.00 36.38 ? 8   LEU A N   1 
ATOM   53   C CA  . LEU A 1 8   ? -6.930  -15.442 14.410  1.00 27.73 ? 8   LEU A CA  1 
ATOM   54   C C   . LEU A 1 8   ? -7.699  -16.494 13.624  1.00 35.05 ? 8   LEU A C   1 
ATOM   55   O O   . LEU A 1 8   ? -7.576  -16.539 12.400  1.00 42.02 ? 8   LEU A O   1 
ATOM   56   C CB  . LEU A 1 8   ? -5.637  -16.038 14.947  1.00 23.97 ? 8   LEU A CB  1 
ATOM   57   C CG  . LEU A 1 8   ? -4.540  -15.059 15.352  1.00 32.53 ? 8   LEU A CG  1 
ATOM   58   C CD1 . LEU A 1 8   ? -3.273  -15.814 15.607  1.00 36.79 ? 8   LEU A CD1 1 
ATOM   59   C CD2 . LEU A 1 8   ? -4.296  -13.990 14.258  1.00 36.94 ? 8   LEU A CD2 1 
ATOM   60   N N   . ASP A 1 9   ? -8.479  -17.345 14.295  1.00 37.19 ? 9   ASP A N   1 
ATOM   61   C CA  . ASP A 1 9   ? -9.254  -18.355 13.563  1.00 37.92 ? 9   ASP A CA  1 
ATOM   62   C C   . ASP A 1 9   ? -10.149 -17.673 12.522  1.00 40.11 ? 9   ASP A C   1 
ATOM   63   O O   . ASP A 1 9   ? -10.245 -18.121 11.369  1.00 32.09 ? 9   ASP A O   1 
ATOM   64   C CB  . ASP A 1 9   ? -10.107 -19.229 14.493  1.00 30.69 ? 9   ASP A CB  1 
ATOM   65   C CG  . ASP A 1 9   ? -9.286  -20.289 15.251  1.00 45.73 ? 9   ASP A CG  1 
ATOM   66   O OD1 . ASP A 1 9   ? -8.163  -20.617 14.799  1.00 43.59 ? 9   ASP A OD1 1 
ATOM   67   O OD2 . ASP A 1 9   ? -9.768  -20.795 16.305  1.00 42.94 ? 9   ASP A OD2 1 
ATOM   68   N N   . GLU A 1 10  ? -10.775 -16.572 12.936  1.00 37.13 ? 10  GLU A N   1 
ATOM   69   C CA  . GLU A 1 10  ? -11.729 -15.882 12.085  1.00 39.02 ? 10  GLU A CA  1 
ATOM   70   C C   . GLU A 1 10  ? -11.061 -15.145 10.920  1.00 39.38 ? 10  GLU A C   1 
ATOM   71   O O   . GLU A 1 10  ? -11.635 -15.061 9.835   1.00 38.34 ? 10  GLU A O   1 
ATOM   72   C CB  . GLU A 1 10  ? -12.591 -14.925 12.904  1.00 35.84 ? 10  GLU A CB  1 
ATOM   73   C CG  . GLU A 1 10  ? -13.693 -15.596 13.712  1.00 34.39 ? 10  GLU A CG  1 
ATOM   74   C CD  . GLU A 1 10  ? -14.548 -14.573 14.473  1.00 51.94 ? 10  GLU A CD  1 
ATOM   75   O OE1 . GLU A 1 10  ? -14.275 -14.327 15.673  1.00 50.13 ? 10  GLU A OE1 1 
ATOM   76   O OE2 . GLU A 1 10  ? -15.480 -14.000 13.864  1.00 58.74 ? 10  GLU A OE2 1 
ATOM   77   N N   . LEU A 1 11  ? -9.861  -14.615 11.152  1.00 37.96 ? 11  LEU A N   1 
ATOM   78   C CA  . LEU A 1 11  ? -9.089  -13.974 10.098  1.00 32.94 ? 11  LEU A CA  1 
ATOM   79   C C   . LEU A 1 11  ? -8.722  -15.031 9.067   1.00 39.47 ? 11  LEU A C   1 
ATOM   80   O O   . LEU A 1 11  ? -8.890  -14.831 7.852   1.00 41.19 ? 11  LEU A O   1 
ATOM   81   C CB  . LEU A 1 11  ? -7.819  -13.321 10.664  1.00 33.46 ? 11  LEU A CB  1 
ATOM   82   C CG  . LEU A 1 11  ? -6.835  -12.756 9.623   1.00 38.40 ? 11  LEU A CG  1 
ATOM   83   C CD1 . LEU A 1 11  ? -6.538  -11.309 9.889   1.00 38.98 ? 11  LEU A CD1 1 
ATOM   84   C CD2 . LEU A 1 11  ? -5.540  -13.544 9.604   1.00 42.22 ? 11  LEU A CD2 1 
ATOM   85   N N   . VAL A 1 12  ? -8.234  -16.163 9.562   1.00 36.02 ? 12  VAL A N   1 
ATOM   86   C CA  . VAL A 1 12  ? -7.823  -17.267 8.704   1.00 37.87 ? 12  VAL A CA  1 
ATOM   87   C C   . VAL A 1 12  ? -8.978  -17.747 7.817   1.00 39.62 ? 12  VAL A C   1 
ATOM   88   O O   . VAL A 1 12  ? -8.802  -17.955 6.605   1.00 35.70 ? 12  VAL A O   1 
ATOM   89   C CB  . VAL A 1 12  ? -7.215  -18.425 9.534   1.00 35.58 ? 12  VAL A CB  1 
ATOM   90   C CG1 . VAL A 1 12  ? -7.243  -19.764 8.758   1.00 35.86 ? 12  VAL A CG1 1 
ATOM   91   C CG2 . VAL A 1 12  ? -5.802  -18.071 9.964   1.00 30.65 ? 12  VAL A CG2 1 
ATOM   92   N N   . ASP A 1 13  ? -10.164 -17.874 8.412   1.00 36.92 ? 13  ASP A N   1 
ATOM   93   C CA  . ASP A 1 13  ? -11.314 -18.410 7.689   1.00 39.37 ? 13  ASP A CA  1 
ATOM   94   C C   . ASP A 1 13  ? -11.785 -17.472 6.587   1.00 41.90 ? 13  ASP A C   1 
ATOM   95   O O   . ASP A 1 13  ? -12.238 -17.920 5.529   1.00 41.89 ? 13  ASP A O   1 
ATOM   96   C CB  . ASP A 1 13  ? -12.467 -18.732 8.635   1.00 37.63 ? 13  ASP A CB  1 
ATOM   97   C CG  . ASP A 1 13  ? -13.450 -19.721 8.027   1.00 44.98 ? 13  ASP A CG  1 
ATOM   98   O OD1 . ASP A 1 13  ? -13.062 -20.902 7.851   1.00 47.50 ? 13  ASP A OD1 1 
ATOM   99   O OD2 . ASP A 1 13  ? -14.599 -19.321 7.721   1.00 50.11 ? 13  ASP A OD2 1 
ATOM   100  N N   . TYR A 1 14  ? -11.668 -16.172 6.844   1.00 35.62 ? 14  TYR A N   1 
ATOM   101  C CA  . TYR A 1 14  ? -12.068 -15.162 5.877   1.00 37.68 ? 14  TYR A CA  1 
ATOM   102  C C   . TYR A 1 14  ? -11.124 -15.176 4.677   1.00 35.03 ? 14  TYR A C   1 
ATOM   103  O O   . TYR A 1 14  ? -11.556 -15.018 3.536   1.00 34.84 ? 14  TYR A O   1 
ATOM   104  C CB  . TYR A 1 14  ? -12.061 -13.782 6.532   1.00 30.97 ? 14  TYR A CB  1 
ATOM   105  C CG  . TYR A 1 14  ? -12.446 -12.643 5.616   1.00 32.33 ? 14  TYR A CG  1 
ATOM   106  C CD1 . TYR A 1 14  ? -13.775 -12.330 5.402   1.00 31.88 ? 14  TYR A CD1 1 
ATOM   107  C CD2 . TYR A 1 14  ? -11.476 -11.844 5.001   1.00 32.99 ? 14  TYR A CD2 1 
ATOM   108  C CE1 . TYR A 1 14  ? -14.135 -11.268 4.596   1.00 35.50 ? 14  TYR A CE1 1 
ATOM   109  C CE2 . TYR A 1 14  ? -11.828 -10.779 4.195   1.00 29.21 ? 14  TYR A CE2 1 
ATOM   110  C CZ  . TYR A 1 14  ? -13.162 -10.498 3.993   1.00 32.09 ? 14  TYR A CZ  1 
ATOM   111  O OH  . TYR A 1 14  ? -13.553 -9.452  3.184   1.00 34.02 ? 14  TYR A OH  1 
ATOM   112  N N   . HIS A 1 15  ? -9.837  -15.375 4.940   1.00 34.25 ? 15  HIS A N   1 
ATOM   113  C CA  . HIS A 1 15  ? -8.844  -15.353 3.879   1.00 29.48 ? 15  HIS A CA  1 
ATOM   114  C C   . HIS A 1 15  ? -8.607  -16.738 3.268   1.00 36.64 ? 15  HIS A C   1 
ATOM   115  O O   . HIS A 1 15  ? -7.556  -17.021 2.676   1.00 38.22 ? 15  HIS A O   1 
ATOM   116  C CB  . HIS A 1 15  ? -7.554  -14.662 4.351   1.00 27.83 ? 15  HIS A CB  1 
ATOM   117  C CG  . HIS A 1 15  ? -7.709  -13.181 4.538   1.00 34.17 ? 15  HIS A CG  1 
ATOM   118  N ND1 . HIS A 1 15  ? -7.954  -12.321 3.485   1.00 30.07 ? 15  HIS A ND1 1 
ATOM   119  C CD2 . HIS A 1 15  ? -7.700  -12.420 5.658   1.00 32.23 ? 15  HIS A CD2 1 
ATOM   120  C CE1 . HIS A 1 15  ? -8.078  -11.088 3.953   1.00 29.05 ? 15  HIS A CE1 1 
ATOM   121  N NE2 . HIS A 1 15  ? -7.926  -11.123 5.265   1.00 29.30 ? 15  HIS A NE2 1 
ATOM   122  N N   . ARG A 1 16  ? -9.604  -17.606 3.401   1.00 38.25 ? 16  ARG A N   1 
ATOM   123  C CA  . ARG A 1 16  ? -9.632  -18.812 2.588   1.00 37.67 ? 16  ARG A CA  1 
ATOM   124  C C   . ARG A 1 16  ? -10.440 -18.513 1.327   1.00 40.33 ? 16  ARG A C   1 
ATOM   125  O O   . ARG A 1 16  ? -10.230 -19.132 0.282   1.00 33.89 ? 16  ARG A O   1 
ATOM   126  C CB  . ARG A 1 16  ? -10.198 -19.999 3.372   1.00 32.67 ? 16  ARG A CB  1 
ATOM   127  C CG  . ARG A 1 16  ? -9.239  -20.488 4.480   1.00 36.29 ? 16  ARG A CG  1 
ATOM   128  C CD  . ARG A 1 16  ? -9.770  -21.721 5.169   1.00 33.21 ? 16  ARG A CD  1 
ATOM   129  N NE  . ARG A 1 16  ? -8.897  -22.232 6.227   1.00 42.42 ? 16  ARG A NE  1 
ATOM   130  C CZ  . ARG A 1 16  ? -7.743  -22.874 6.024   1.00 42.38 ? 16  ARG A CZ  1 
ATOM   131  N NH1 . ARG A 1 16  ? -7.272  -23.058 4.793   1.00 40.70 ? 16  ARG A NH1 1 
ATOM   132  N NH2 . ARG A 1 16  ? -7.042  -23.313 7.061   1.00 34.79 ? 16  ARG A NH2 1 
ATOM   133  N N   . SER A 1 17  ? -11.338 -17.526 1.427   1.00 40.41 ? 17  SER A N   1 
ATOM   134  C CA  . SER A 1 17  ? -12.212 -17.149 0.312   1.00 39.17 ? 17  SER A CA  1 
ATOM   135  C C   . SER A 1 17  ? -12.118 -15.671 -0.120  1.00 40.58 ? 17  SER A C   1 
ATOM   136  O O   . SER A 1 17  ? -12.839 -15.234 -1.026  1.00 40.37 ? 17  SER A O   1 
ATOM   137  C CB  . SER A 1 17  ? -13.664 -17.515 0.630   1.00 37.07 ? 17  SER A CB  1 
ATOM   138  O OG  . SER A 1 17  ? -13.962 -17.241 1.985   1.00 38.78 ? 17  SER A OG  1 
ATOM   139  N N   . THR A 1 18  ? -11.240 -14.910 0.529   1.00 38.16 ? 18  THR A N   1 
ATOM   140  C CA  . THR A 1 18  ? -10.930 -13.550 0.097   1.00 30.93 ? 18  THR A CA  1 
ATOM   141  C C   . THR A 1 18  ? -9.414  -13.447 0.020   1.00 31.40 ? 18  THR A C   1 
ATOM   142  O O   . THR A 1 18  ? -8.701  -13.884 0.924   1.00 33.63 ? 18  THR A O   1 
ATOM   143  C CB  . THR A 1 18  ? -11.502 -12.485 1.064   1.00 36.53 ? 18  THR A CB  1 
ATOM   144  O OG1 . THR A 1 18  ? -12.923 -12.623 1.138   1.00 31.32 ? 18  THR A OG1 1 
ATOM   145  C CG2 . THR A 1 18  ? -11.137 -11.029 0.620   1.00 25.09 ? 18  THR A CG2 1 
ATOM   146  N N   . SER A 1 19  ? -8.922  -12.886 -1.074  1.00 34.65 ? 19  SER A N   1 
ATOM   147  C CA  . SER A 1 19  ? -7.484  -12.797 -1.299  1.00 33.62 ? 19  SER A CA  1 
ATOM   148  C C   . SER A 1 19  ? -6.759  -12.031 -0.194  1.00 30.80 ? 19  SER A C   1 
ATOM   149  O O   . SER A 1 19  ? -7.266  -11.043 0.356   1.00 27.88 ? 19  SER A O   1 
ATOM   150  C CB  . SER A 1 19  ? -7.183  -12.137 -2.650  1.00 30.55 ? 19  SER A CB  1 
ATOM   151  O OG  . SER A 1 19  ? -5.784  -11.953 -2.816  1.00 29.52 ? 19  SER A OG  1 
ATOM   152  N N   . VAL A 1 20  ? -5.557  -12.497 0.108   1.00 31.92 ? 20  VAL A N   1 
ATOM   153  C CA  . VAL A 1 20  ? -4.657  -11.816 1.027   1.00 32.51 ? 20  VAL A CA  1 
ATOM   154  C C   . VAL A 1 20  ? -3.899  -10.696 0.291   1.00 32.11 ? 20  VAL A C   1 
ATOM   155  O O   . VAL A 1 20  ? -3.390  -9.761  0.896   1.00 31.67 ? 20  VAL A O   1 
ATOM   156  C CB  . VAL A 1 20  ? -3.671  -12.835 1.633   1.00 36.25 ? 20  VAL A CB  1 
ATOM   157  C CG1 . VAL A 1 20  ? -2.760  -13.442 0.543   1.00 31.89 ? 20  VAL A CG1 1 
ATOM   158  C CG2 . VAL A 1 20  ? -2.854  -12.204 2.704   1.00 38.79 ? 20  VAL A CG2 1 
ATOM   159  N N   . SER A 1 21  ? -3.834  -10.811 -1.031  1.00 39.87 ? 21  SER A N   1 
ATOM   160  C CA  . SER A 1 21  ? -3.150  -9.852  -1.889  1.00 36.20 ? 21  SER A CA  1 
ATOM   161  C C   . SER A 1 21  ? -4.154  -8.790  -2.340  1.00 31.27 ? 21  SER A C   1 
ATOM   162  O O   . SER A 1 21  ? -5.311  -9.108  -2.629  1.00 34.78 ? 21  SER A O   1 
ATOM   163  C CB  . SER A 1 21  ? -2.579  -10.608 -3.111  1.00 37.46 ? 21  SER A CB  1 
ATOM   164  O OG  . SER A 1 21  ? -2.264  -9.756  -4.212  1.00 37.08 ? 21  SER A OG  1 
ATOM   165  N N   . ARG A 1 22  ? -3.735  -7.533  -2.432  1.00 32.84 ? 22  ARG A N   1 
ATOM   166  C CA  . ARG A 1 22  ? -4.638  -6.506  -2.992  1.00 38.11 ? 22  ARG A CA  1 
ATOM   167  C C   . ARG A 1 22  ? -4.740  -6.572  -4.525  1.00 36.44 ? 22  ARG A C   1 
ATOM   168  O O   . ARG A 1 22  ? -5.693  -6.059  -5.120  1.00 35.26 ? 22  ARG A O   1 
ATOM   169  C CB  . ARG A 1 22  ? -4.203  -5.102  -2.570  1.00 31.63 ? 22  ARG A CB  1 
ATOM   170  C CG  . ARG A 1 22  ? -4.166  -4.883  -1.073  1.00 32.66 ? 22  ARG A CG  1 
ATOM   171  C CD  . ARG A 1 22  ? -3.260  -3.721  -0.755  1.00 30.50 ? 22  ARG A CD  1 
ATOM   172  N NE  . ARG A 1 22  ? -1.870  -4.020  -1.065  1.00 29.01 ? 22  ARG A NE  1 
ATOM   173  C CZ  . ARG A 1 22  ? -0.884  -3.129  -1.014  1.00 33.19 ? 22  ARG A CZ  1 
ATOM   174  N NH1 . ARG A 1 22  ? -1.143  -1.866  -0.671  1.00 29.99 ? 22  ARG A NH1 1 
ATOM   175  N NH2 . ARG A 1 22  ? 0.361   -3.496  -1.308  1.00 26.83 ? 22  ARG A NH2 1 
ATOM   176  N N   . ASN A 1 23  ? -3.750  -7.186  -5.167  0.85 32.70 ? 23  ASN A N   1 
ATOM   177  C CA  . ASN A 1 23  ? -3.724  -7.240  -6.629  0.85 33.31 ? 23  ASN A CA  1 
ATOM   178  C C   . ASN A 1 23  ? -4.025  -8.632  -7.186  0.85 34.23 ? 23  ASN A C   1 
ATOM   179  O O   . ASN A 1 23  ? -4.749  -8.756  -8.178  0.85 35.79 ? 23  ASN A O   1 
ATOM   180  C CB  . ASN A 1 23  ? -2.388  -6.712  -7.173  0.85 31.40 ? 23  ASN A CB  1 
ATOM   181  C CG  . ASN A 1 23  ? -2.283  -5.191  -7.096  0.85 32.90 ? 23  ASN A CG  1 
ATOM   182  O OD1 . ASN A 1 23  ? -3.143  -4.461  -7.623  0.85 29.60 ? 23  ASN A OD1 1 
ATOM   183  N ND2 . ASN A 1 23  ? -1.228  -4.703  -6.437  0.85 28.69 ? 23  ASN A ND2 1 
ATOM   184  N N   . GLN A 1 24  ? -3.496  -9.671  -6.538  1.00 38.94 ? 24  GLN A N   1 
ATOM   185  C CA  . GLN A 1 24  ? -3.689  -11.050 -7.006  1.00 42.44 ? 24  GLN A CA  1 
ATOM   186  C C   . GLN A 1 24  ? -4.802  -11.827 -6.293  1.00 44.69 ? 24  GLN A C   1 
ATOM   187  O O   . GLN A 1 24  ? -5.460  -11.316 -5.386  1.00 46.30 ? 24  GLN A O   1 
ATOM   188  C CB  . GLN A 1 24  ? -2.371  -11.821 -6.976  1.00 40.83 ? 24  GLN A CB  1 
ATOM   189  C CG  . GLN A 1 24  ? -1.393  -11.348 -8.050  1.00 45.35 ? 24  GLN A CG  1 
ATOM   190  C CD  . GLN A 1 24  ? 0.047   -11.667 -7.709  1.00 56.39 ? 24  GLN A CD  1 
ATOM   191  O OE1 . GLN A 1 24  ? 0.735   -10.886 -7.031  1.00 52.74 ? 24  GLN A OE1 1 
ATOM   192  N NE2 . GLN A 1 24  ? 0.515   -12.828 -8.170  1.00 57.18 ? 24  GLN A NE2 1 
ATOM   193  N N   . GLN A 1 25  ? -5.033  -13.056 -6.740  1.00 46.51 ? 25  GLN A N   1 
ATOM   194  C CA  . GLN A 1 25  ? -6.118  -13.864 -6.197  1.00 44.48 ? 25  GLN A CA  1 
ATOM   195  C C   . GLN A 1 25  ? -5.500  -14.976 -5.388  1.00 44.18 ? 25  GLN A C   1 
ATOM   196  O O   . GLN A 1 25  ? -5.478  -16.132 -5.813  1.00 49.25 ? 25  GLN A O   1 
ATOM   197  C CB  . GLN A 1 25  ? -7.000  -14.434 -7.315  1.00 45.80 ? 25  GLN A CB  1 
ATOM   198  C CG  . GLN A 1 25  ? -7.855  -13.394 -8.035  1.00 47.58 ? 25  GLN A CG  1 
ATOM   199  C CD  . GLN A 1 25  ? -9.007  -12.903 -7.178  1.00 59.82 ? 25  GLN A CD  1 
ATOM   200  O OE1 . GLN A 1 25  ? -9.012  -11.758 -6.704  1.00 60.11 ? 25  GLN A OE1 1 
ATOM   201  N NE2 . GLN A 1 25  ? -9.998  -13.772 -6.973  1.00 61.95 ? 25  GLN A NE2 1 
ATOM   202  N N   . ILE A 1 26  ? -4.987  -14.609 -4.219  1.00 43.81 ? 26  ILE A N   1 
ATOM   203  C CA  . ILE A 1 26  ? -4.240  -15.542 -3.384  1.00 39.38 ? 26  ILE A CA  1 
ATOM   204  C C   . ILE A 1 26  ? -4.964  -15.882 -2.072  1.00 39.22 ? 26  ILE A C   1 
ATOM   205  O O   . ILE A 1 26  ? -5.135  -15.026 -1.196  1.00 34.57 ? 26  ILE A O   1 
ATOM   206  C CB  . ILE A 1 26  ? -2.807  -15.042 -3.163  1.00 38.46 ? 26  ILE A CB  1 
ATOM   207  C CG1 . ILE A 1 26  ? -2.069  -15.082 -4.511  1.00 43.38 ? 26  ILE A CG1 1 
ATOM   208  C CG2 . ILE A 1 26  ? -2.114  -15.885 -2.114  1.00 40.28 ? 26  ILE A CG2 1 
ATOM   209  C CD1 . ILE A 1 26  ? -0.612  -14.750 -4.442  1.00 51.96 ? 26  ILE A CD1 1 
ATOM   210  N N   . PHE A 1 27  ? -5.391  -17.140 -1.973  1.00 37.92 ? 27  PHE A N   1 
ATOM   211  C CA  . PHE A 1 27  ? -6.221  -17.615 -0.876  1.00 35.61 ? 27  PHE A CA  1 
ATOM   212  C C   . PHE A 1 27  ? -5.406  -18.484 0.052   1.00 38.97 ? 27  PHE A C   1 
ATOM   213  O O   . PHE A 1 27  ? -4.515  -19.195 -0.406  1.00 43.99 ? 27  PHE A O   1 
ATOM   214  C CB  . PHE A 1 27  ? -7.414  -18.391 -1.426  1.00 31.42 ? 27  PHE A CB  1 
ATOM   215  C CG  . PHE A 1 27  ? -8.287  -17.566 -2.329  1.00 40.08 ? 27  PHE A CG  1 
ATOM   216  C CD1 . PHE A 1 27  ? -8.190  -17.686 -3.709  1.00 34.88 ? 27  PHE A CD1 1 
ATOM   217  C CD2 . PHE A 1 27  ? -9.180  -16.633 -1.799  1.00 40.07 ? 27  PHE A CD2 1 
ATOM   218  C CE1 . PHE A 1 27  ? -8.983  -16.907 -4.551  1.00 41.59 ? 27  PHE A CE1 1 
ATOM   219  C CE2 . PHE A 1 27  ? -9.977  -15.850 -2.637  1.00 44.31 ? 27  PHE A CE2 1 
ATOM   220  C CZ  . PHE A 1 27  ? -9.875  -15.985 -4.022  1.00 39.61 ? 27  PHE A CZ  1 
ATOM   221  N N   . LEU A 1 28  ? -5.702  -18.436 1.352   1.00 34.40 ? 28  LEU A N   1 
ATOM   222  C CA  . LEU A 1 28  ? -4.916  -19.209 2.305   1.00 35.71 ? 28  LEU A CA  1 
ATOM   223  C C   . LEU A 1 28  ? -5.276  -20.694 2.196   1.00 34.75 ? 28  LEU A C   1 
ATOM   224  O O   . LEU A 1 28  ? -6.459  -21.064 2.190   1.00 33.32 ? 28  LEU A O   1 
ATOM   225  C CB  . LEU A 1 28  ? -5.111  -18.685 3.736   1.00 37.77 ? 28  LEU A CB  1 
ATOM   226  C CG  . LEU A 1 28  ? -4.687  -17.229 3.987   1.00 32.75 ? 28  LEU A CG  1 
ATOM   227  C CD1 . LEU A 1 28  ? -5.034  -16.809 5.407   1.00 34.92 ? 28  LEU A CD1 1 
ATOM   228  C CD2 . LEU A 1 28  ? -3.198  -17.058 3.735   1.00 32.52 ? 28  LEU A CD2 1 
ATOM   229  N N   . ARG A 1 29  ? -4.249  -21.537 2.090   1.00 38.73 ? 29  ARG A N   1 
ATOM   230  C CA  . ARG A 1 29  ? -4.420  -22.995 1.968   1.00 40.94 ? 29  ARG A CA  1 
ATOM   231  C C   . ARG A 1 29  ? -3.470  -23.746 2.888   1.00 37.27 ? 29  ARG A C   1 
ATOM   232  O O   . ARG A 1 29  ? -2.292  -23.396 3.005   1.00 39.44 ? 29  ARG A O   1 
ATOM   233  C CB  . ARG A 1 29  ? -4.212  -23.440 0.517   1.00 37.90 ? 29  ARG A CB  1 
ATOM   234  C CG  . ARG A 1 29  ? -5.265  -22.857 -0.406  1.00 45.06 ? 29  ARG A CG  1 
ATOM   235  C CD  . ARG A 1 29  ? -4.892  -22.892 -1.871  1.00 43.26 ? 29  ARG A CD  1 
ATOM   236  N NE  . ARG A 1 29  ? -5.895  -22.141 -2.616  1.00 41.76 ? 29  ARG A NE  1 
ATOM   237  C CZ  . ARG A 1 29  ? -7.054  -22.654 -3.015  1.00 46.83 ? 29  ARG A CZ  1 
ATOM   238  N NH1 . ARG A 1 29  ? -7.339  -23.930 -2.752  1.00 50.79 ? 29  ARG A NH1 1 
ATOM   239  N NH2 . ARG A 1 29  ? -7.925  -21.895 -3.671  1.00 41.19 ? 29  ARG A NH2 1 
ATOM   240  N N   . ASP A 1 30  ? -3.981  -24.777 3.545   1.00 39.70 ? 30  ASP A N   1 
ATOM   241  C CA  . ASP A 1 30  ? -3.157  -25.566 4.462   1.00 43.65 ? 30  ASP A CA  1 
ATOM   242  C C   . ASP A 1 30  ? -1.911  -26.169 3.818   1.00 40.61 ? 30  ASP A C   1 
ATOM   243  O O   . ASP A 1 30  ? -1.951  -26.695 2.699   1.00 38.10 ? 30  ASP A O   1 
ATOM   244  C CB  . ASP A 1 30  ? -3.983  -26.673 5.124   1.00 39.19 ? 30  ASP A CB  1 
ATOM   245  C CG  . ASP A 1 30  ? -5.085  -26.125 6.013   1.00 42.88 ? 30  ASP A CG  1 
ATOM   246  O OD1 . ASP A 1 30  ? -5.280  -24.887 6.051   1.00 46.34 ? 30  ASP A OD1 1 
ATOM   247  O OD2 . ASP A 1 30  ? -5.769  -26.938 6.666   1.00 52.44 ? 30  ASP A OD2 1 
ATOM   248  N N   . ILE A 1 31  ? -0.804  -26.037 4.540   1.00 47.16 ? 31  ILE A N   1 
ATOM   249  C CA  . ILE A 1 31  ? 0.390   -26.841 4.337   1.00 49.07 ? 31  ILE A CA  1 
ATOM   250  C C   . ILE A 1 31  ? -0.031  -28.319 4.221   1.00 49.35 ? 31  ILE A C   1 
ATOM   251  O O   . ILE A 1 31  ? -0.952  -28.769 4.905   1.00 50.69 ? 31  ILE A O   1 
ATOM   252  C CB  . ILE A 1 31  ? 1.361   -26.633 5.524   1.00 51.58 ? 31  ILE A CB  1 
ATOM   253  C CG1 . ILE A 1 31  ? 0.587   -26.484 6.848   1.00 52.00 ? 31  ILE A CG1 1 
ATOM   254  C CG2 . ILE A 1 31  ? 2.190   -25.365 5.327   1.00 49.13 ? 31  ILE A CG2 1 
ATOM   255  C CD1 . ILE A 1 31  ? 0.314   -27.812 7.628   1.00 48.59 ? 31  ILE A CD1 1 
ATOM   256  N N   . GLY A 1 32  ? 0.599   -29.078 3.335   1.00 51.36 ? 32  GLY A N   1 
ATOM   257  C CA  . GLY A 1 32  ? 0.169   -30.451 3.140   1.00 52.04 ? 32  GLY A CA  1 
ATOM   258  C C   . GLY A 1 32  ? 0.231   -31.365 4.357   1.00 45.22 ? 32  GLY A C   1 
ATOM   259  O O   . GLY A 1 32  ? 0.988   -31.124 5.298   1.00 42.12 ? 32  GLY A O   1 
ATOM   260  N N   . GLY A 1 35  ? 0.283   -33.725 10.434  1.00 49.51 ? 35  GLY A N   1 
ATOM   261  C CA  . GLY A 1 35  ? -0.463  -34.974 10.467  1.00 49.95 ? 35  GLY A CA  1 
ATOM   262  C C   . GLY A 1 35  ? -1.666  -34.875 11.399  1.00 53.81 ? 35  GLY A C   1 
ATOM   263  O O   . GLY A 1 35  ? -2.800  -34.636 10.957  1.00 54.92 ? 35  GLY A O   1 
ATOM   264  N N   . GLY A 1 36  ? -1.418  -35.051 12.695  1.00 54.31 ? 36  GLY A N   1 
ATOM   265  C CA  . GLY A 1 36  ? -2.447  -34.852 13.708  1.00 51.63 ? 36  GLY A CA  1 
ATOM   266  C C   . GLY A 1 36  ? -2.356  -33.552 14.490  1.00 48.85 ? 36  GLY A C   1 
ATOM   267  O O   . GLY A 1 36  ? -3.050  -33.380 15.498  1.00 46.46 ? 36  GLY A O   1 
ATOM   268  N N   . GLY A 1 37  ? -1.493  -32.642 14.040  1.00 49.82 ? 37  GLY A N   1 
ATOM   269  C CA  . GLY A 1 37  ? -1.301  -31.371 14.718  1.00 48.93 ? 37  GLY A CA  1 
ATOM   270  C C   . GLY A 1 37  ? -2.185  -30.260 14.168  1.00 47.26 ? 37  GLY A C   1 
ATOM   271  O O   . GLY A 1 37  ? -2.967  -30.470 13.216  1.00 41.80 ? 37  GLY A O   1 
ATOM   272  N N   . HIS A 1 38  ? -2.064  -29.074 14.773  1.00 48.97 ? 38  HIS A N   1 
ATOM   273  C CA  . HIS A 1 38  ? -2.763  -27.875 14.297  1.00 41.00 ? 38  HIS A CA  1 
ATOM   274  C C   . HIS A 1 38  ? -2.452  -27.630 12.820  1.00 39.17 ? 38  HIS A C   1 
ATOM   275  O O   . HIS A 1 38  ? -1.290  -27.715 12.398  1.00 41.14 ? 38  HIS A O   1 
ATOM   276  C CB  . HIS A 1 38  ? -2.351  -26.649 15.113  1.00 38.72 ? 38  HIS A CB  1 
ATOM   277  C CG  . HIS A 1 38  ? -3.297  -25.501 14.986  1.00 41.52 ? 38  HIS A CG  1 
ATOM   278  N ND1 . HIS A 1 38  ? -3.293  -24.645 13.904  1.00 39.77 ? 38  HIS A ND1 1 
ATOM   279  C CD2 . HIS A 1 38  ? -4.293  -25.072 15.799  1.00 41.20 ? 38  HIS A CD2 1 
ATOM   280  C CE1 . HIS A 1 38  ? -4.239  -23.739 14.061  1.00 41.28 ? 38  HIS A CE1 1 
ATOM   281  N NE2 . HIS A 1 38  ? -4.867  -23.978 15.202  1.00 40.01 ? 38  HIS A NE2 1 
ATOM   282  N N   . PRO A 1 39  ? -3.493  -27.330 12.028  1.00 38.20 ? 39  PRO A N   1 
ATOM   283  C CA  . PRO A 1 39  ? -3.376  -27.087 10.581  1.00 44.47 ? 39  PRO A CA  1 
ATOM   284  C C   . PRO A 1 39  ? -2.405  -25.964 10.196  1.00 43.26 ? 39  PRO A C   1 
ATOM   285  O O   . PRO A 1 39  ? -1.810  -26.049 9.127   1.00 43.93 ? 39  PRO A O   1 
ATOM   286  C CB  . PRO A 1 39  ? -4.800  -26.682 10.171  1.00 40.14 ? 39  PRO A CB  1 
ATOM   287  C CG  . PRO A 1 39  ? -5.683  -27.231 11.249  1.00 36.46 ? 39  PRO A CG  1 
ATOM   288  C CD  . PRO A 1 39  ? -4.881  -27.200 12.507  1.00 38.62 ? 39  PRO A CD  1 
ATOM   289  N N   . TRP A 1 40  ? -2.239  -24.939 11.029  1.00 41.69 ? 40  TRP A N   1 
ATOM   290  C CA  . TRP A 1 40  ? -1.488  -23.771 10.564  1.00 42.97 ? 40  TRP A CA  1 
ATOM   291  C C   . TRP A 1 40  ? -0.686  -22.942 11.573  1.00 45.82 ? 40  TRP A C   1 
ATOM   292  O O   . TRP A 1 40  ? 0.284   -22.288 11.186  1.00 42.32 ? 40  TRP A O   1 
ATOM   293  C CB  . TRP A 1 40  ? -2.387  -22.853 9.743   1.00 38.73 ? 40  TRP A CB  1 
ATOM   294  C CG  . TRP A 1 40  ? -3.734  -22.558 10.344  1.00 40.30 ? 40  TRP A CG  1 
ATOM   295  C CD1 . TRP A 1 40  ? -4.932  -23.097 9.963   1.00 42.80 ? 40  TRP A CD1 1 
ATOM   296  C CD2 . TRP A 1 40  ? -4.029  -21.625 11.393  1.00 34.22 ? 40  TRP A CD2 1 
ATOM   297  N NE1 . TRP A 1 40  ? -5.954  -22.561 10.709  1.00 40.89 ? 40  TRP A NE1 1 
ATOM   298  C CE2 . TRP A 1 40  ? -5.427  -21.656 11.595  1.00 35.71 ? 40  TRP A CE2 1 
ATOM   299  C CE3 . TRP A 1 40  ? -3.253  -20.769 12.179  1.00 37.52 ? 40  TRP A CE3 1 
ATOM   300  C CZ2 . TRP A 1 40  ? -6.064  -20.877 12.562  1.00 31.22 ? 40  TRP A CZ2 1 
ATOM   301  C CZ3 . TRP A 1 40  ? -3.889  -19.987 13.140  1.00 37.27 ? 40  TRP A CZ3 1 
ATOM   302  C CH2 . TRP A 1 40  ? -5.282  -20.046 13.319  1.00 37.42 ? 40  TRP A CH2 1 
ATOM   303  N N   . TYR A 1 41  ? -1.073  -22.959 12.847  1.00 48.26 ? 41  TYR A N   1 
ATOM   304  C CA  . TYR A 1 41  ? -0.313  -22.216 13.848  1.00 45.13 ? 41  TYR A CA  1 
ATOM   305  C C   . TYR A 1 41  ? 0.953   -22.984 14.192  1.00 47.01 ? 41  TYR A C   1 
ATOM   306  O O   . TYR A 1 41  ? 0.918   -24.204 14.313  1.00 48.29 ? 41  TYR A O   1 
ATOM   307  C CB  . TYR A 1 41  ? -1.141  -21.956 15.109  1.00 43.21 ? 41  TYR A CB  1 
ATOM   308  C CG  . TYR A 1 41  ? -0.454  -21.026 16.083  1.00 51.75 ? 41  TYR A CG  1 
ATOM   309  C CD1 . TYR A 1 41  ? -0.093  -19.729 15.700  1.00 53.87 ? 41  TYR A CD1 1 
ATOM   310  C CD2 . TYR A 1 41  ? -0.169  -21.427 17.379  1.00 48.08 ? 41  TYR A CD2 1 
ATOM   311  C CE1 . TYR A 1 41  ? 0.535   -18.866 16.581  1.00 47.83 ? 41  TYR A CE1 1 
ATOM   312  C CE2 . TYR A 1 41  ? 0.455   -20.567 18.274  1.00 52.81 ? 41  TYR A CE2 1 
ATOM   313  C CZ  . TYR A 1 41  ? 0.811   -19.290 17.865  1.00 53.83 ? 41  TYR A CZ  1 
ATOM   314  O OH  . TYR A 1 41  ? 1.438   -18.434 18.742  1.00 53.07 ? 41  TYR A OH  1 
ATOM   315  N N   . LYS A 1 42  ? 2.066   -22.265 14.332  1.00 51.19 ? 42  LYS A N   1 
ATOM   316  C CA  . LYS A 1 42  ? 3.349   -22.880 14.645  1.00 45.61 ? 42  LYS A CA  1 
ATOM   317  C C   . LYS A 1 42  ? 4.050   -22.233 15.840  1.00 50.04 ? 42  LYS A C   1 
ATOM   318  O O   . LYS A 1 42  ? 5.251   -22.420 16.017  1.00 56.35 ? 42  LYS A O   1 
ATOM   319  C CB  . LYS A 1 42  ? 4.281   -22.824 13.435  1.00 41.68 ? 42  LYS A CB  1 
ATOM   320  C CG  . LYS A 1 42  ? 3.665   -23.301 12.135  1.00 50.48 ? 42  LYS A CG  1 
ATOM   321  C CD  . LYS A 1 42  ? 3.682   -24.817 11.998  1.00 49.11 ? 42  LYS A CD  1 
ATOM   322  C CE  . LYS A 1 42  ? 2.911   -25.242 10.761  1.00 41.48 ? 42  LYS A CE  1 
ATOM   323  N NZ  . LYS A 1 42  ? 2.835   -26.711 10.591  1.00 42.49 ? 42  LYS A NZ  1 
ATOM   324  N N   . GLY A 1 43  ? 3.319   -21.474 16.652  1.00 52.62 ? 43  GLY A N   1 
ATOM   325  C CA  . GLY A 1 43  ? 3.890   -20.852 17.846  1.00 56.48 ? 43  GLY A CA  1 
ATOM   326  C C   . GLY A 1 43  ? 5.154   -20.036 17.608  1.00 56.75 ? 43  GLY A C   1 
ATOM   327  O O   . GLY A 1 43  ? 5.448   -19.676 16.469  1.00 55.66 ? 43  GLY A O   1 
ATOM   328  N N   . LYS A 1 44  ? 5.902   -19.743 18.671  1.00 57.41 ? 44  LYS A N   1 
ATOM   329  C CA  . LYS A 1 44  ? 7.144   -18.977 18.535  1.00 57.32 ? 44  LYS A CA  1 
ATOM   330  C C   . LYS A 1 44  ? 8.210   -19.722 17.695  1.00 57.40 ? 44  LYS A C   1 
ATOM   331  O O   . LYS A 1 44  ? 9.081   -20.400 18.230  1.00 62.31 ? 44  LYS A O   1 
ATOM   332  C CB  . LYS A 1 44  ? 7.694   -18.579 19.912  1.00 52.46 ? 44  LYS A CB  1 
ATOM   333  N N   . ILE A 1 45  ? 8.120   -19.583 16.375  1.00 58.95 ? 45  ILE A N   1 
ATOM   334  C CA  . ILE A 1 45  ? 9.054   -20.187 15.418  1.00 57.21 ? 45  ILE A CA  1 
ATOM   335  C C   . ILE A 1 45  ? 9.612   -19.079 14.508  1.00 57.49 ? 45  ILE A C   1 
ATOM   336  O O   . ILE A 1 45  ? 8.879   -18.162 14.124  1.00 52.98 ? 45  ILE A O   1 
ATOM   337  C CB  . ILE A 1 45  ? 8.331   -21.250 14.565  1.00 58.02 ? 45  ILE A CB  1 
ATOM   338  C CG1 . ILE A 1 45  ? 9.137   -21.628 13.327  1.00 56.57 ? 45  ILE A CG1 1 
ATOM   339  C CG2 . ILE A 1 45  ? 7.007   -20.712 14.081  1.00 59.09 ? 45  ILE A CG2 1 
ATOM   340  C CD1 . ILE A 1 45  ? 8.291   -21.793 12.074  1.00 54.46 ? 45  ILE A CD1 1 
ATOM   341  N N   . PRO A 1 46  ? 10.916  -19.148 14.174  1.00 62.55 ? 46  PRO A N   1 
ATOM   342  C CA  . PRO A 1 46  ? 11.603  -18.110 13.381  1.00 56.41 ? 46  PRO A CA  1 
ATOM   343  C C   . PRO A 1 46  ? 11.214  -18.005 11.893  1.00 54.29 ? 46  PRO A C   1 
ATOM   344  O O   . PRO A 1 46  ? 10.650  -18.918 11.296  1.00 55.96 ? 46  PRO A O   1 
ATOM   345  C CB  . PRO A 1 46  ? 13.084  -18.496 13.500  1.00 55.34 ? 46  PRO A CB  1 
ATOM   346  C CG  . PRO A 1 46  ? 13.166  -19.383 14.698  1.00 56.73 ? 46  PRO A CG  1 
ATOM   347  C CD  . PRO A 1 46  ? 11.867  -20.125 14.735  1.00 56.52 ? 46  PRO A CD  1 
ATOM   348  N N   . ARG A 1 47  ? 11.573  -16.866 11.310  1.00 53.83 ? 47  ARG A N   1 
ATOM   349  C CA  . ARG A 1 47  ? 11.174  -16.477 9.961   1.00 56.31 ? 47  ARG A CA  1 
ATOM   350  C C   . ARG A 1 47  ? 11.939  -17.214 8.863   1.00 59.68 ? 47  ARG A C   1 
ATOM   351  O O   . ARG A 1 47  ? 11.383  -17.506 7.801   1.00 61.49 ? 47  ARG A O   1 
ATOM   352  C CB  . ARG A 1 47  ? 11.347  -14.962 9.801   1.00 54.77 ? 47  ARG A CB  1 
ATOM   353  C CG  . ARG A 1 47  ? 11.091  -14.399 8.418   1.00 49.02 ? 47  ARG A CG  1 
ATOM   354  C CD  . ARG A 1 47  ? 11.341  -12.904 8.411   1.00 45.36 ? 47  ARG A CD  1 
ATOM   355  N NE  . ARG A 1 47  ? 11.179  -12.334 7.079   1.00 52.52 ? 47  ARG A NE  1 
ATOM   356  C CZ  . ARG A 1 47  ? 10.504  -11.219 6.810   1.00 51.69 ? 47  ARG A CZ  1 
ATOM   357  N NH1 . ARG A 1 47  ? 9.919   -10.539 7.786   1.00 45.02 ? 47  ARG A NH1 1 
ATOM   358  N NH2 . ARG A 1 47  ? 10.418  -10.789 5.556   1.00 49.34 ? 47  ARG A NH2 1 
ATOM   359  N N   . ALA A 1 48  ? 13.215  -17.493 9.109   1.00 59.01 ? 48  ALA A N   1 
ATOM   360  C CA  . ALA A 1 48  ? 13.997  -18.305 8.184   1.00 57.27 ? 48  ALA A CA  1 
ATOM   361  C C   . ALA A 1 48  ? 13.370  -19.688 8.142   1.00 61.70 ? 48  ALA A C   1 
ATOM   362  O O   . ALA A 1 48  ? 13.249  -20.303 7.081   1.00 63.23 ? 48  ALA A O   1 
ATOM   363  C CB  . ALA A 1 48  ? 15.435  -18.389 8.642   1.00 54.90 ? 48  ALA A CB  1 
ATOM   364  N N   . LYS A 1 49  ? 12.960  -20.158 9.317   1.00 64.73 ? 49  LYS A N   1 
ATOM   365  C CA  . LYS A 1 49  ? 12.361  -21.477 9.476   1.00 63.03 ? 49  LYS A CA  1 
ATOM   366  C C   . LYS A 1 49  ? 11.011  -21.552 8.777   1.00 63.79 ? 49  LYS A C   1 
ATOM   367  O O   . LYS A 1 49  ? 10.679  -22.564 8.156   1.00 62.31 ? 49  LYS A O   1 
ATOM   368  C CB  . LYS A 1 49  ? 12.195  -21.811 10.966  1.00 59.00 ? 49  LYS A CB  1 
ATOM   369  C CG  . LYS A 1 49  ? 11.392  -23.075 11.219  1.00 63.18 ? 49  LYS A CG  1 
ATOM   370  C CD  . LYS A 1 49  ? 12.003  -23.969 12.304  1.00 63.65 ? 49  LYS A CD  1 
ATOM   371  C CE  . LYS A 1 49  ? 11.175  -25.239 12.484  1.00 64.58 ? 49  LYS A CE  1 
ATOM   372  N NZ  . LYS A 1 49  ? 11.997  -26.485 12.490  1.00 66.38 ? 49  LYS A NZ  1 
ATOM   373  N N   . ALA A 1 50  ? 10.237  -20.473 8.881   1.00 64.22 ? 50  ALA A N   1 
ATOM   374  C CA  . ALA A 1 50  ? 8.929   -20.401 8.236   1.00 61.89 ? 50  ALA A CA  1 
ATOM   375  C C   . ALA A 1 50  ? 9.051   -20.497 6.715   1.00 58.45 ? 50  ALA A C   1 
ATOM   376  O O   . ALA A 1 50  ? 8.164   -21.029 6.046   1.00 56.71 ? 50  ALA A O   1 
ATOM   377  C CB  . ALA A 1 50  ? 8.196   -19.131 8.641   1.00 54.13 ? 50  ALA A CB  1 
ATOM   378  N N   . GLU A 1 51  ? 10.151  -19.980 6.174   1.00 58.48 ? 51  GLU A N   1 
ATOM   379  C CA  . GLU A 1 51  ? 10.419  -20.089 4.743   1.00 62.16 ? 51  GLU A CA  1 
ATOM   380  C C   . GLU A 1 51  ? 10.976  -21.468 4.396   1.00 68.06 ? 51  GLU A C   1 
ATOM   381  O O   . GLU A 1 51  ? 11.028  -21.855 3.224   1.00 66.46 ? 51  GLU A O   1 
ATOM   382  C CB  . GLU A 1 51  ? 11.393  -19.009 4.297   1.00 59.50 ? 51  GLU A CB  1 
ATOM   383  C CG  . GLU A 1 51  ? 10.915  -17.615 4.615   1.00 62.18 ? 51  GLU A CG  1 
ATOM   384  C CD  . GLU A 1 51  ? 11.662  -16.564 3.829   1.00 66.29 ? 51  GLU A CD  1 
ATOM   385  O OE1 . GLU A 1 51  ? 12.870  -16.769 3.572   1.00 65.16 ? 51  GLU A OE1 1 
ATOM   386  O OE2 . GLU A 1 51  ? 11.036  -15.541 3.461   1.00 65.07 ? 51  GLU A OE2 1 
ATOM   387  N N   . GLU A 1 52  ? 11.402  -22.197 5.425   1.00 66.45 ? 52  GLU A N   1 
ATOM   388  C CA  . GLU A 1 52  ? 11.818  -23.578 5.256   1.00 65.30 ? 52  GLU A CA  1 
ATOM   389  C C   . GLU A 1 52  ? 10.585  -24.466 5.120   1.00 64.30 ? 52  GLU A C   1 
ATOM   390  O O   . GLU A 1 52  ? 10.536  -25.326 4.242   1.00 67.96 ? 52  GLU A O   1 
ATOM   391  C CB  . GLU A 1 52  ? 12.698  -24.033 6.424   1.00 59.89 ? 52  GLU A CB  1 
ATOM   392  N N   . MET A 1 53  ? 9.583   -24.243 5.969   0.71 59.81 ? 53  MET A N   1 
ATOM   393  C CA  . MET A 1 53  ? 8.344   -25.023 5.915   1.00 53.93 ? 53  MET A CA  1 
ATOM   394  C C   . MET A 1 53  ? 7.489   -24.707 4.683   0.56 57.92 ? 53  MET A C   1 
ATOM   395  O O   . MET A 1 53  ? 6.570   -25.457 4.359   0.87 57.29 ? 53  MET A O   1 
ATOM   396  C CB  . MET A 1 53  ? 7.509   -24.808 7.187   1.00 48.31 ? 53  MET A CB  1 
ATOM   397  C CG  . MET A 1 53  ? 8.190   -25.217 8.485   1.00 55.37 ? 53  MET A CG  1 
ATOM   398  S SD  . MET A 1 53  ? 7.264   -24.759 9.984   1.00 66.59 ? 53  MET A SD  1 
ATOM   399  C CE  . MET A 1 53  ? 7.927   -25.920 11.189  1.00 60.13 ? 53  MET A CE  1 
ATOM   400  N N   . LEU A 1 54  ? 7.787   -23.596 4.008   1.00 62.59 ? 54  LEU A N   1 
ATOM   401  C CA  . LEU A 1 54  ? 6.967   -23.129 2.885   1.00 60.62 ? 54  LEU A CA  1 
ATOM   402  C C   . LEU A 1 54  ? 7.708   -23.173 1.558   1.00 67.83 ? 54  LEU A C   1 
ATOM   403  O O   . LEU A 1 54  ? 7.130   -22.921 0.497   1.00 70.59 ? 54  LEU A O   1 
ATOM   404  C CB  . LEU A 1 54  ? 6.459   -21.708 3.139   1.00 55.43 ? 54  LEU A CB  1 
ATOM   405  C CG  . LEU A 1 54  ? 5.451   -21.573 4.287   1.00 57.01 ? 54  LEU A CG  1 
ATOM   406  C CD1 . LEU A 1 54  ? 5.209   -20.119 4.642   1.00 44.30 ? 54  LEU A CD1 1 
ATOM   407  C CD2 . LEU A 1 54  ? 4.136   -22.266 3.939   1.00 51.56 ? 54  LEU A CD2 1 
ATOM   408  N N   . SER A 1 55  ? 8.997   -23.479 1.616   1.00 71.37 ? 55  SER A N   1 
ATOM   409  C CA  . SER A 1 55  ? 9.773   -23.646 0.398   1.00 75.79 ? 55  SER A CA  1 
ATOM   410  C C   . SER A 1 55  ? 9.269   -24.877 -0.350  1.00 73.45 ? 55  SER A C   1 
ATOM   411  O O   . SER A 1 55  ? 9.235   -24.902 -1.579  1.00 72.40 ? 55  SER A O   1 
ATOM   412  C CB  . SER A 1 55  ? 11.263  -23.780 0.725   1.00 72.83 ? 55  SER A CB  1 
ATOM   413  O OG  . SER A 1 55  ? 11.461  -24.527 1.911   1.00 62.48 ? 55  SER A OG  1 
ATOM   414  N N   . LYS A 1 56  ? 8.843   -25.883 0.411   1.00 73.97 ? 56  LYS A N   1 
ATOM   415  C CA  . LYS A 1 56  ? 8.466   -27.180 -0.150  1.00 74.85 ? 56  LYS A CA  1 
ATOM   416  C C   . LYS A 1 56  ? 7.024   -27.246 -0.668  1.00 70.46 ? 56  LYS A C   1 
ATOM   417  O O   . LYS A 1 56  ? 6.541   -28.322 -1.035  1.00 67.04 ? 56  LYS A O   1 
ATOM   418  C CB  . LYS A 1 56  ? 8.710   -28.288 0.880   1.00 73.93 ? 56  LYS A CB  1 
ATOM   419  N N   . GLN A 1 57  ? 6.343   -26.104 -0.698  1.00 68.63 ? 57  GLN A N   1 
ATOM   420  C CA  . GLN A 1 57  ? 4.982   -26.057 -1.217  1.00 62.24 ? 57  GLN A CA  1 
ATOM   421  C C   . GLN A 1 57  ? 4.997   -25.471 -2.614  1.00 62.95 ? 57  GLN A C   1 
ATOM   422  O O   . GLN A 1 57  ? 5.597   -24.423 -2.844  1.00 73.04 ? 57  GLN A O   1 
ATOM   423  C CB  . GLN A 1 57  ? 4.078   -25.217 -0.319  1.00 64.58 ? 57  GLN A CB  1 
ATOM   424  C CG  . GLN A 1 57  ? 4.221   -25.484 1.179   1.00 60.09 ? 57  GLN A CG  1 
ATOM   425  C CD  . GLN A 1 57  ? 3.842   -26.890 1.577   1.00 64.11 ? 57  GLN A CD  1 
ATOM   426  O OE1 . GLN A 1 57  ? 2.659   -27.211 1.753   1.00 60.66 ? 57  GLN A OE1 1 
ATOM   427  N NE2 . GLN A 1 57  ? 4.852   -27.741 1.747   1.00 65.86 ? 57  GLN A NE2 1 
ATOM   428  N N   . ARG A 1 58  ? 4.346   -26.159 -3.547  1.00 67.02 ? 58  ARG A N   1 
ATOM   429  C CA  . ARG A 1 58  ? 4.248   -25.693 -4.930  1.00 62.24 ? 58  ARG A CA  1 
ATOM   430  C C   . ARG A 1 58  ? 2.981   -24.864 -5.136  1.00 57.28 ? 58  ARG A C   1 
ATOM   431  O O   . ARG A 1 58  ? 2.897   -24.070 -6.075  1.00 66.47 ? 58  ARG A O   1 
ATOM   432  C CB  . ARG A 1 58  ? 4.228   -26.880 -5.912  1.00 66.14 ? 58  ARG A CB  1 
ATOM   433  C CG  . ARG A 1 58  ? 5.539   -27.654 -6.074  1.00 61.30 ? 58  ARG A CG  1 
ATOM   434  C CD  . ARG A 1 58  ? 5.573   -28.357 -7.433  1.00 64.35 ? 58  ARG A CD  1 
ATOM   435  N NE  . ARG A 1 58  ? 6.413   -29.559 -7.430  1.00 72.06 ? 58  ARG A NE  1 
ATOM   436  C CZ  . ARG A 1 58  ? 6.574   -30.373 -8.472  1.00 66.14 ? 58  ARG A CZ  1 
ATOM   437  N NH1 . ARG A 1 58  ? 5.958   -30.120 -9.622  1.00 60.60 ? 58  ARG A NH1 1 
ATOM   438  N NH2 . ARG A 1 58  ? 7.355   -31.444 -8.366  1.00 64.63 ? 58  ARG A NH2 1 
ATOM   439  N N   . HIS A 1 59  ? 2.000   -25.058 -4.256  1.00 50.20 ? 59  HIS A N   1 
ATOM   440  C CA  . HIS A 1 59  ? 0.670   -24.479 -4.430  1.00 53.12 ? 59  HIS A CA  1 
ATOM   441  C C   . HIS A 1 59  ? 0.482   -23.108 -3.732  1.00 55.63 ? 59  HIS A C   1 
ATOM   442  O O   . HIS A 1 59  ? 0.808   -22.941 -2.551  1.00 51.43 ? 59  HIS A O   1 
ATOM   443  C CB  . HIS A 1 59  ? -0.401  -25.478 -3.984  1.00 52.08 ? 59  HIS A CB  1 
ATOM   444  C CG  . HIS A 1 59  ? -0.363  -25.792 -2.520  1.00 55.34 ? 59  HIS A CG  1 
ATOM   445  N ND1 . HIS A 1 59  ? 0.698   -26.439 -1.924  1.00 57.98 ? 59  HIS A ND1 1 
ATOM   446  C CD2 . HIS A 1 59  ? -1.256  -25.545 -1.530  1.00 48.36 ? 59  HIS A CD2 1 
ATOM   447  C CE1 . HIS A 1 59  ? 0.456   -26.582 -0.630  1.00 53.23 ? 59  HIS A CE1 1 
ATOM   448  N NE2 . HIS A 1 59  ? -0.721  -26.049 -0.368  1.00 52.32 ? 59  HIS A NE2 1 
ATOM   449  N N   . ASP A 1 60  ? -0.037  -22.137 -4.485  1.00 54.35 ? 60  ASP A N   1 
ATOM   450  C CA  . ASP A 1 60  ? -0.263  -20.780 -3.985  1.00 52.30 ? 60  ASP A CA  1 
ATOM   451  C C   . ASP A 1 60  ? -1.208  -20.714 -2.798  1.00 48.67 ? 60  ASP A C   1 
ATOM   452  O O   . ASP A 1 60  ? -2.338  -21.204 -2.869  1.00 49.56 ? 60  ASP A O   1 
ATOM   453  C CB  . ASP A 1 60  ? -0.837  -19.885 -5.087  1.00 44.55 ? 60  ASP A CB  1 
ATOM   454  C CG  . ASP A 1 60  ? 0.228   -19.335 -6.000  1.00 53.85 ? 60  ASP A CG  1 
ATOM   455  O OD1 . ASP A 1 60  ? 1.417   -19.603 -5.742  1.00 56.47 ? 60  ASP A OD1 1 
ATOM   456  O OD2 . ASP A 1 60  ? -0.123  -18.621 -6.964  1.00 62.28 ? 60  ASP A OD2 1 
ATOM   457  N N   . GLY A 1 61  ? -0.759  -20.068 -1.728  1.00 44.63 ? 61  GLY A N   1 
ATOM   458  C CA  . GLY A 1 61  ? -1.614  -19.845 -0.579  1.00 42.70 ? 61  GLY A CA  1 
ATOM   459  C C   . GLY A 1 61  ? -1.234  -20.707 0.607   1.00 46.00 ? 61  GLY A C   1 
ATOM   460  O O   . GLY A 1 61  ? -1.861  -20.635 1.670   1.00 44.22 ? 61  GLY A O   1 
ATOM   461  N N   . ALA A 1 62  ? -0.211  -21.534 0.416   1.00 46.37 ? 62  ALA A N   1 
ATOM   462  C CA  . ALA A 1 62  ? 0.362   -22.304 1.512   1.00 47.60 ? 62  ALA A CA  1 
ATOM   463  C C   . ALA A 1 62  ? 0.751   -21.312 2.593   1.00 44.21 ? 62  ALA A C   1 
ATOM   464  O O   . ALA A 1 62  ? 1.273   -20.239 2.282   1.00 43.21 ? 62  ALA A O   1 
ATOM   465  C CB  . ALA A 1 62  ? 1.577   -23.085 1.040   1.00 44.23 ? 62  ALA A CB  1 
ATOM   466  N N   . PHE A 1 63  ? 0.479   -21.652 3.852   1.00 41.62 ? 63  PHE A N   1 
ATOM   467  C CA  . PHE A 1 63  ? 0.620   -20.667 4.915   1.00 43.33 ? 63  PHE A CA  1 
ATOM   468  C C   . PHE A 1 63  ? 0.748   -21.246 6.310   1.00 41.59 ? 63  PHE A C   1 
ATOM   469  O O   . PHE A 1 63  ? 0.248   -22.330 6.607   1.00 42.62 ? 63  PHE A O   1 
ATOM   470  C CB  . PHE A 1 63  ? -0.560  -19.674 4.892   1.00 38.76 ? 63  PHE A CB  1 
ATOM   471  C CG  . PHE A 1 63  ? -1.734  -20.092 5.758   1.00 43.49 ? 63  PHE A CG  1 
ATOM   472  C CD1 . PHE A 1 63  ? -2.003  -19.429 6.963   1.00 39.25 ? 63  PHE A CD1 1 
ATOM   473  C CD2 . PHE A 1 63  ? -2.565  -21.156 5.378   1.00 36.40 ? 63  PHE A CD2 1 
ATOM   474  C CE1 . PHE A 1 63  ? -3.091  -19.811 7.780   1.00 35.70 ? 63  PHE A CE1 1 
ATOM   475  C CE2 . PHE A 1 63  ? -3.652  -21.534 6.178   1.00 41.28 ? 63  PHE A CE2 1 
ATOM   476  C CZ  . PHE A 1 63  ? -3.918  -20.850 7.392   1.00 34.83 ? 63  PHE A CZ  1 
ATOM   477  N N   . LEU A 1 64  ? 1.418   -20.482 7.163   1.00 42.09 ? 64  LEU A N   1 
ATOM   478  C CA  . LEU A 1 64  ? 1.387   -20.704 8.592   1.00 41.77 ? 64  LEU A CA  1 
ATOM   479  C C   . LEU A 1 64  ? 1.231   -19.347 9.277   1.00 43.52 ? 64  LEU A C   1 
ATOM   480  O O   . LEU A 1 64  ? 1.368   -18.307 8.646   1.00 42.09 ? 64  LEU A O   1 
ATOM   481  C CB  . LEU A 1 64  ? 2.668   -21.389 9.053   1.00 39.68 ? 64  LEU A CB  1 
ATOM   482  C CG  . LEU A 1 64  ? 3.989   -20.659 8.808   1.00 42.62 ? 64  LEU A CG  1 
ATOM   483  C CD1 . LEU A 1 64  ? 4.454   -19.902 10.066  1.00 44.18 ? 64  LEU A CD1 1 
ATOM   484  C CD2 . LEU A 1 64  ? 5.046   -21.659 8.349   1.00 46.96 ? 64  LEU A CD2 1 
ATOM   485  N N   . ILE A 1 65  ? 0.922   -19.366 10.563  1.00 41.89 ? 65  ILE A N   1 
ATOM   486  C CA  . ILE A 1 65  ? 1.023   -18.177 11.387  1.00 44.21 ? 65  ILE A CA  1 
ATOM   487  C C   . ILE A 1 65  ? 1.955   -18.492 12.539  1.00 48.03 ? 65  ILE A C   1 
ATOM   488  O O   . ILE A 1 65  ? 1.752   -19.462 13.275  1.00 47.20 ? 65  ILE A O   1 
ATOM   489  C CB  . ILE A 1 65  ? -0.325  -17.754 11.971  1.00 43.57 ? 65  ILE A CB  1 
ATOM   490  C CG1 . ILE A 1 65  ? -1.206  -17.128 10.887  1.00 40.55 ? 65  ILE A CG1 1 
ATOM   491  C CG2 . ILE A 1 65  ? -0.111  -16.778 13.117  1.00 43.89 ? 65  ILE A CG2 1 
ATOM   492  C CD1 . ILE A 1 65  ? -2.571  -16.719 11.394  1.00 38.46 ? 65  ILE A CD1 1 
ATOM   493  N N   . ARG A 1 66  ? 2.986   -17.672 12.676  1.00 50.26 ? 66  ARG A N   1 
ATOM   494  C CA  . ARG A 1 66  ? 3.950   -17.814 13.743  1.00 46.38 ? 66  ARG A CA  1 
ATOM   495  C C   . ARG A 1 66  ? 3.859   -16.613 14.658  1.00 46.91 ? 66  ARG A C   1 
ATOM   496  O O   . ARG A 1 66  ? 3.247   -15.603 14.308  1.00 46.07 ? 66  ARG A O   1 
ATOM   497  C CB  . ARG A 1 66  ? 5.347   -17.871 13.149  1.00 48.03 ? 66  ARG A CB  1 
ATOM   498  C CG  . ARG A 1 66  ? 5.661   -16.717 12.226  1.00 46.72 ? 66  ARG A CG  1 
ATOM   499  C CD  . ARG A 1 66  ? 6.835   -17.035 11.316  1.00 45.52 ? 66  ARG A CD  1 
ATOM   500  N NE  . ARG A 1 66  ? 7.022   -15.997 10.307  1.00 48.49 ? 66  ARG A NE  1 
ATOM   501  C CZ  . ARG A 1 66  ? 7.674   -14.858 10.529  1.00 50.46 ? 66  ARG A CZ  1 
ATOM   502  N NH1 . ARG A 1 66  ? 8.199   -14.616 11.730  1.00 52.68 ? 66  ARG A NH1 1 
ATOM   503  N NH2 . ARG A 1 66  ? 7.793   -13.958 9.558   1.00 44.10 ? 66  ARG A NH2 1 
ATOM   504  N N   . GLU A 1 67  ? 4.467   -16.731 15.830  1.00 45.39 ? 67  GLU A N   1 
ATOM   505  C CA  . GLU A 1 67  ? 4.702   -15.576 16.671  1.00 52.34 ? 67  GLU A CA  1 
ATOM   506  C C   . GLU A 1 67  ? 5.777   -14.752 15.960  1.00 58.11 ? 67  GLU A C   1 
ATOM   507  O O   . GLU A 1 67  ? 6.670   -15.309 15.286  1.00 51.91 ? 67  GLU A O   1 
ATOM   508  C CB  . GLU A 1 67  ? 5.163   -16.006 18.064  1.00 55.54 ? 67  GLU A CB  1 
ATOM   509  C CG  . GLU A 1 67  ? 5.080   -14.926 19.143  1.00 62.48 ? 67  GLU A CG  1 
ATOM   510  C CD  . GLU A 1 67  ? 4.927   -15.522 20.542  1.00 67.15 ? 67  GLU A CD  1 
ATOM   511  O OE1 . GLU A 1 67  ? 4.287   -16.594 20.662  1.00 65.81 ? 67  GLU A OE1 1 
ATOM   512  O OE2 . GLU A 1 67  ? 5.442   -14.921 21.514  1.00 65.76 ? 67  GLU A OE2 1 
ATOM   513  N N   . SER A 1 68  ? 5.674   -13.431 16.083  1.00 50.96 ? 68  SER A N   1 
ATOM   514  C CA  . SER A 1 68  ? 6.588   -12.536 15.391  1.00 55.14 ? 68  SER A CA  1 
ATOM   515  C C   . SER A 1 68  ? 7.949   -12.433 16.079  1.00 58.44 ? 68  SER A C   1 
ATOM   516  O O   . SER A 1 68  ? 8.027   -12.322 17.312  1.00 59.56 ? 68  SER A O   1 
ATOM   517  C CB  . SER A 1 68  ? 5.964   -11.146 15.250  1.00 52.38 ? 68  SER A CB  1 
ATOM   518  O OG  . SER A 1 68  ? 6.844   -10.267 14.571  1.00 56.10 ? 68  SER A OG  1 
ATOM   519  N N   . GLU A 1 69  ? 9.009   -12.463 15.267  1.00 55.53 ? 69  GLU A N   1 
ATOM   520  C CA  . GLU A 1 69  ? 10.377  -12.236 15.734  1.00 61.35 ? 69  GLU A CA  1 
ATOM   521  C C   . GLU A 1 69  ? 10.621  -10.781 16.145  1.00 61.03 ? 69  GLU A C   1 
ATOM   522  O O   . GLU A 1 69  ? 10.885  -10.487 17.313  1.00 62.98 ? 69  GLU A O   1 
ATOM   523  C CB  . GLU A 1 69  ? 11.388  -12.562 14.635  1.00 58.54 ? 69  GLU A CB  1 
ATOM   524  C CG  . GLU A 1 69  ? 11.427  -13.985 14.130  1.00 60.63 ? 69  GLU A CG  1 
ATOM   525  C CD  . GLU A 1 69  ? 12.771  -14.292 13.475  1.00 67.02 ? 69  GLU A CD  1 
ATOM   526  O OE1 . GLU A 1 69  ? 13.784  -13.688 13.907  1.00 64.43 ? 69  GLU A OE1 1 
ATOM   527  O OE2 . GLU A 1 69  ? 12.823  -15.116 12.532  1.00 60.74 ? 69  GLU A OE2 1 
ATOM   528  N N   . SER A 1 70  ? 10.561  -9.882  15.163  1.00 58.82 ? 70  SER A N   1 
ATOM   529  C CA  . SER A 1 70  ? 10.939  -8.487  15.369  1.00 60.65 ? 70  SER A CA  1 
ATOM   530  C C   . SER A 1 70  ? 9.969   -7.721  16.272  1.00 60.40 ? 70  SER A C   1 
ATOM   531  O O   . SER A 1 70  ? 10.341  -6.713  16.870  1.00 60.56 ? 70  SER A O   1 
ATOM   532  C CB  . SER A 1 70  ? 11.111  -7.773  14.028  1.00 54.51 ? 70  SER A CB  1 
ATOM   533  O OG  . SER A 1 70  ? 10.302  -8.366  13.033  1.00 59.38 ? 70  SER A OG  1 
ATOM   534  N N   . ALA A 1 71  ? 8.739   -8.213  16.378  1.00 59.11 ? 71  ALA A N   1 
ATOM   535  C CA  . ALA A 1 71  ? 7.715   -7.569  17.194  1.00 54.25 ? 71  ALA A CA  1 
ATOM   536  C C   . ALA A 1 71  ? 7.066   -8.568  18.155  1.00 58.82 ? 71  ALA A C   1 
ATOM   537  O O   . ALA A 1 71  ? 6.007   -9.115  17.844  1.00 58.01 ? 71  ALA A O   1 
ATOM   538  C CB  . ALA A 1 71  ? 6.661   -6.958  16.296  1.00 44.87 ? 71  ALA A CB  1 
ATOM   539  N N   . PRO A 1 72  ? 7.698   -8.813  19.320  1.00 60.87 ? 72  PRO A N   1 
ATOM   540  C CA  . PRO A 1 72  ? 7.209   -9.788  20.314  1.00 54.13 ? 72  PRO A CA  1 
ATOM   541  C C   . PRO A 1 72  ? 5.768   -9.511  20.751  1.00 55.32 ? 72  PRO A C   1 
ATOM   542  O O   . PRO A 1 72  ? 5.394   -8.340  20.921  1.00 55.19 ? 72  PRO A O   1 
ATOM   543  C CB  . PRO A 1 72  ? 8.158   -9.586  21.500  1.00 55.75 ? 72  PRO A CB  1 
ATOM   544  C CG  . PRO A 1 72  ? 9.407   -9.044  20.893  1.00 62.21 ? 72  PRO A CG  1 
ATOM   545  C CD  . PRO A 1 72  ? 8.959   -8.176  19.744  1.00 58.65 ? 72  PRO A CD  1 
ATOM   546  N N   . GLY A 1 73  ? 4.970   -10.565 20.917  1.00 54.56 ? 73  GLY A N   1 
ATOM   547  C CA  . GLY A 1 73  ? 3.563   -10.399 21.245  1.00 54.10 ? 73  GLY A CA  1 
ATOM   548  C C   . GLY A 1 73  ? 2.668   -10.220 20.021  1.00 53.16 ? 73  GLY A C   1 
ATOM   549  O O   . GLY A 1 73  ? 1.474   -10.511 20.062  1.00 51.34 ? 73  GLY A O   1 
ATOM   550  N N   . ASP A 1 74  ? 3.239   -9.727  18.930  1.00 47.77 ? 74  ASP A N   1 
ATOM   551  C CA  . ASP A 1 74  ? 2.522   -9.683  17.669  1.00 48.06 ? 74  ASP A CA  1 
ATOM   552  C C   . ASP A 1 74  ? 2.641   -11.022 16.949  1.00 47.24 ? 74  ASP A C   1 
ATOM   553  O O   . ASP A 1 74  ? 3.502   -11.840 17.270  1.00 48.16 ? 74  ASP A O   1 
ATOM   554  C CB  . ASP A 1 74  ? 3.068   -8.568  16.774  1.00 52.58 ? 74  ASP A CB  1 
ATOM   555  C CG  . ASP A 1 74  ? 2.300   -7.258  16.921  1.00 55.44 ? 74  ASP A CG  1 
ATOM   556  O OD1 . ASP A 1 74  ? 1.564   -7.096  17.925  1.00 51.77 ? 74  ASP A OD1 1 
ATOM   557  O OD2 . ASP A 1 74  ? 2.445   -6.384  16.026  1.00 53.94 ? 74  ASP A OD2 1 
ATOM   558  N N   . PHE A 1 75  ? 1.772   -11.233 15.968  1.00 47.29 ? 75  PHE A N   1 
ATOM   559  C CA  . PHE A 1 75  ? 1.820   -12.417 15.130  1.00 41.69 ? 75  PHE A CA  1 
ATOM   560  C C   . PHE A 1 75  ? 2.221   -12.035 13.721  1.00 42.09 ? 75  PHE A C   1 
ATOM   561  O O   . PHE A 1 75  ? 1.951   -10.915 13.286  1.00 43.12 ? 75  PHE A O   1 
ATOM   562  C CB  . PHE A 1 75  ? 0.457   -13.096 15.105  1.00 38.69 ? 75  PHE A CB  1 
ATOM   563  C CG  . PHE A 1 75  ? -0.028  -13.505 16.453  1.00 40.47 ? 75  PHE A CG  1 
ATOM   564  C CD1 . PHE A 1 75  ? -0.978  -12.750 17.116  1.00 39.85 ? 75  PHE A CD1 1 
ATOM   565  C CD2 . PHE A 1 75  ? 0.479   -14.642 17.069  1.00 43.49 ? 75  PHE A CD2 1 
ATOM   566  C CE1 . PHE A 1 75  ? -1.423  -13.115 18.369  1.00 47.82 ? 75  PHE A CE1 1 
ATOM   567  C CE2 . PHE A 1 75  ? 0.041   -15.016 18.322  1.00 42.92 ? 75  PHE A CE2 1 
ATOM   568  C CZ  . PHE A 1 75  ? -0.912  -14.252 18.973  1.00 48.33 ? 75  PHE A CZ  1 
ATOM   569  N N   . SER A 1 76  ? 2.877   -12.963 13.022  1.00 40.59 ? 76  SER A N   1 
ATOM   570  C CA  . SER A 1 76  ? 3.164   -12.814 11.600  1.00 38.84 ? 76  SER A CA  1 
ATOM   571  C C   . SER A 1 76  ? 2.485   -13.929 10.810  1.00 40.74 ? 76  SER A C   1 
ATOM   572  O O   . SER A 1 76  ? 2.298   -15.039 11.316  1.00 42.17 ? 76  SER A O   1 
ATOM   573  C CB  . SER A 1 76  ? 4.672   -12.837 11.330  1.00 39.64 ? 76  SER A CB  1 
ATOM   574  O OG  . SER A 1 76  ? 5.332   -11.757 11.970  1.00 40.73 ? 76  SER A OG  1 
ATOM   575  N N   . LEU A 1 77  ? 2.115   -13.629 9.571   1.00 39.40 ? 77  LEU A N   1 
ATOM   576  C CA  . LEU A 1 77  ? 1.477   -14.606 8.700   1.00 37.91 ? 77  LEU A CA  1 
ATOM   577  C C   . LEU A 1 77  ? 2.347   -14.866 7.458   1.00 41.52 ? 77  LEU A C   1 
ATOM   578  O O   . LEU A 1 77  ? 2.574   -13.968 6.639   1.00 37.81 ? 77  LEU A O   1 
ATOM   579  C CB  . LEU A 1 77  ? 0.073   -14.118 8.325   1.00 35.63 ? 77  LEU A CB  1 
ATOM   580  C CG  . LEU A 1 77  ? -0.692  -14.698 7.128   1.00 39.48 ? 77  LEU A CG  1 
ATOM   581  C CD1 . LEU A 1 77  ? -0.820  -16.190 7.197   1.00 41.64 ? 77  LEU A CD1 1 
ATOM   582  C CD2 . LEU A 1 77  ? -2.080  -14.080 7.023   1.00 38.36 ? 77  LEU A CD2 1 
ATOM   583  N N   . SER A 1 78  ? 2.859   -16.086 7.322   1.00 40.65 ? 78  SER A N   1 
ATOM   584  C CA  . SER A 1 78  ? 3.741   -16.386 6.194   1.00 41.28 ? 78  SER A CA  1 
ATOM   585  C C   . SER A 1 78  ? 3.000   -17.131 5.072   1.00 45.82 ? 78  SER A C   1 
ATOM   586  O O   . SER A 1 78  ? 2.223   -18.058 5.338   1.00 41.47 ? 78  SER A O   1 
ATOM   587  C CB  . SER A 1 78  ? 4.961   -17.158 6.672   1.00 42.03 ? 78  SER A CB  1 
ATOM   588  O OG  . SER A 1 78  ? 5.719   -16.372 7.572   1.00 40.96 ? 78  SER A OG  1 
ATOM   589  N N   . VAL A 1 79  ? 3.212   -16.696 3.827   1.00 38.69 ? 79  VAL A N   1 
ATOM   590  C CA  . VAL A 1 79  ? 2.422   -17.177 2.695   1.00 40.68 ? 79  VAL A CA  1 
ATOM   591  C C   . VAL A 1 79  ? 3.267   -17.338 1.434   1.00 43.67 ? 79  VAL A C   1 
ATOM   592  O O   . VAL A 1 79  ? 4.061   -16.468 1.092   1.00 43.33 ? 79  VAL A O   1 
ATOM   593  C CB  . VAL A 1 79  ? 1.285   -16.189 2.309   1.00 45.92 ? 79  VAL A CB  1 
ATOM   594  C CG1 . VAL A 1 79  ? 0.260   -16.878 1.398   1.00 45.33 ? 79  VAL A CG1 1 
ATOM   595  C CG2 . VAL A 1 79  ? 0.611   -15.582 3.534   1.00 37.02 ? 79  VAL A CG2 1 
ATOM   596  N N   . LYS A 1 80  ? 3.070   -18.443 0.727   1.00 47.76 ? 80  LYS A N   1 
ATOM   597  C CA  . LYS A 1 80  ? 3.727   -18.664 -0.554  1.00 51.75 ? 80  LYS A CA  1 
ATOM   598  C C   . LYS A 1 80  ? 2.922   -18.001 -1.693  1.00 51.32 ? 80  LYS A C   1 
ATOM   599  O O   . LYS A 1 80  ? 1.703   -18.170 -1.772  1.00 49.66 ? 80  LYS A O   1 
ATOM   600  C CB  . LYS A 1 80  ? 3.927   -20.170 -0.782  1.00 53.37 ? 80  LYS A CB  1 
ATOM   601  C CG  . LYS A 1 80  ? 4.568   -20.536 -2.103  1.00 57.22 ? 80  LYS A CG  1 
ATOM   602  C CD  . LYS A 1 80  ? 3.512   -21.066 -3.072  1.00 61.35 ? 80  LYS A CD  1 
ATOM   603  C CE  . LYS A 1 80  ? 4.061   -21.202 -4.482  1.00 58.47 ? 80  LYS A CE  1 
ATOM   604  N NZ  . LYS A 1 80  ? 5.540   -21.354 -4.474  1.00 63.95 ? 80  LYS A NZ  1 
ATOM   605  N N   . PHE A 1 81  ? 3.621   -17.242 -2.548  1.00 57.15 ? 81  PHE A N   1 
ATOM   606  C CA  . PHE A 1 81  ? 3.037   -16.436 -3.640  1.00 59.03 ? 81  PHE A CA  1 
ATOM   607  C C   . PHE A 1 81  ? 3.612   -16.802 -5.005  1.00 61.45 ? 81  PHE A C   1 
ATOM   608  O O   . PHE A 1 81  ? 4.175   -15.935 -5.683  1.00 65.73 ? 81  PHE A O   1 
ATOM   609  C CB  . PHE A 1 81  ? 3.393   -14.958 -3.449  1.00 56.31 ? 81  PHE A CB  1 
ATOM   610  C CG  . PHE A 1 81  ? 2.327   -14.137 -2.806  1.00 52.44 ? 81  PHE A CG  1 
ATOM   611  C CD1 . PHE A 1 81  ? 1.612   -14.617 -1.714  1.00 53.94 ? 81  PHE A CD1 1 
ATOM   612  C CD2 . PHE A 1 81  ? 2.077   -12.850 -3.256  1.00 51.76 ? 81  PHE A CD2 1 
ATOM   613  C CE1 . PHE A 1 81  ? 0.640   -13.832 -1.101  1.00 50.88 ? 81  PHE A CE1 1 
ATOM   614  C CE2 . PHE A 1 81  ? 1.115   -12.049 -2.644  1.00 46.44 ? 81  PHE A CE2 1 
ATOM   615  C CZ  . PHE A 1 81  ? 0.395   -12.542 -1.567  1.00 50.20 ? 81  PHE A CZ  1 
ATOM   616  N N   . GLY A 1 82  ? 3.481   -18.057 -5.422  1.00 61.57 ? 82  GLY A N   1 
ATOM   617  C CA  . GLY A 1 82  ? 4.128   -18.499 -6.647  1.00 67.03 ? 82  GLY A CA  1 
ATOM   618  C C   . GLY A 1 82  ? 5.640   -18.550 -6.501  1.00 73.48 ? 82  GLY A C   1 
ATOM   619  O O   . GLY A 1 82  ? 6.216   -19.567 -6.099  1.00 68.57 ? 82  GLY A O   1 
ATOM   620  N N   . ASN A 1 83  ? 6.286   -17.432 -6.826  1.00 80.02 ? 83  ASN A N   1 
ATOM   621  C CA  . ASN A 1 83  ? 7.743   -17.326 -6.767  1.00 80.02 ? 83  ASN A CA  1 
ATOM   622  C C   . ASN A 1 83  ? 8.321   -17.345 -5.344  1.00 70.44 ? 83  ASN A C   1 
ATOM   623  O O   . ASN A 1 83  ? 9.099   -18.234 -4.989  1.00 66.89 ? 83  ASN A O   1 
ATOM   624  C CB  . ASN A 1 83  ? 8.207   -16.056 -7.508  1.00 78.89 ? 83  ASN A CB  1 
ATOM   625  C CG  . ASN A 1 83  ? 8.158   -16.199 -9.031  1.00 84.63 ? 83  ASN A CG  1 
ATOM   626  O OD1 . ASN A 1 83  ? 7.459   -17.062 -9.570  1.00 80.41 ? 83  ASN A OD1 1 
ATOM   627  N ND2 . ASN A 1 83  ? 8.908   -15.347 -9.728  1.00 91.37 ? 83  ASN A ND2 1 
ATOM   628  N N   . ASP A 1 84  ? 7.915   -16.364 -4.539  1.00 73.03 ? 84  ASP A N   1 
ATOM   629  C CA  . ASP A 1 84  ? 8.570   -16.063 -3.266  1.00 61.71 ? 84  ASP A CA  1 
ATOM   630  C C   . ASP A 1 84  ? 7.712   -16.401 -2.059  1.00 51.53 ? 84  ASP A C   1 
ATOM   631  O O   . ASP A 1 84  ? 6.529   -16.676 -2.201  1.00 50.89 ? 84  ASP A O   1 
ATOM   632  C CB  . ASP A 1 84  ? 8.894   -14.570 -3.224  1.00 70.50 ? 84  ASP A CB  1 
ATOM   633  C CG  . ASP A 1 84  ? 10.237  -14.279 -2.584  1.00 77.83 ? 84  ASP A CG  1 
ATOM   634  O OD1 . ASP A 1 84  ? 10.826  -13.225 -2.936  1.00 80.59 ? 84  ASP A OD1 1 
ATOM   635  O OD2 . ASP A 1 84  ? 10.702  -15.096 -1.744  1.00 68.07 ? 84  ASP A OD2 1 
ATOM   636  N N   . VAL A 1 85  ? 8.325   -16.396 -0.874  1.00 55.48 ? 85  VAL A N   1 
ATOM   637  C CA  . VAL A 1 85  ? 7.580   -16.438 0.381   1.00 52.06 ? 85  VAL A CA  1 
ATOM   638  C C   . VAL A 1 85  ? 7.376   -15.017 0.906   1.00 50.31 ? 85  VAL A C   1 
ATOM   639  O O   . VAL A 1 85  ? 8.344   -14.279 1.113   1.00 53.17 ? 85  VAL A O   1 
ATOM   640  C CB  . VAL A 1 85  ? 8.294   -17.265 1.463   1.00 57.29 ? 85  VAL A CB  1 
ATOM   641  C CG1 . VAL A 1 85  ? 7.675   -16.999 2.838   1.00 45.91 ? 85  VAL A CG1 1 
ATOM   642  C CG2 . VAL A 1 85  ? 8.240   -18.754 1.125   1.00 59.13 ? 85  VAL A CG2 1 
ATOM   643  N N   . GLN A 1 86  ? 6.117   -14.639 1.112   1.00 44.36 ? 86  GLN A N   1 
ATOM   644  C CA  . GLN A 1 86  ? 5.767   -13.301 1.602   1.00 47.08 ? 86  GLN A CA  1 
ATOM   645  C C   . GLN A 1 86  ? 5.343   -13.329 3.074   1.00 43.40 ? 86  GLN A C   1 
ATOM   646  O O   . GLN A 1 86  ? 4.670   -14.261 3.521   1.00 45.04 ? 86  GLN A O   1 
ATOM   647  C CB  . GLN A 1 86  ? 4.627   -12.715 0.770   1.00 45.93 ? 86  GLN A CB  1 
ATOM   648  C CG  . GLN A 1 86  ? 4.829   -12.780 -0.735  1.00 47.15 ? 86  GLN A CG  1 
ATOM   649  C CD  . GLN A 1 86  ? 5.722   -11.676 -1.265  1.00 45.87 ? 86  GLN A CD  1 
ATOM   650  O OE1 . GLN A 1 86  ? 6.386   -10.975 -0.505  1.00 45.03 ? 86  GLN A OE1 1 
ATOM   651  N NE2 . GLN A 1 86  ? 5.738   -11.514 -2.586  1.00 59.51 ? 86  GLN A NE2 1 
ATOM   652  N N   . HIS A 1 87  ? 5.727   -12.300 3.821   1.00 42.25 ? 87  HIS A N   1 
ATOM   653  C CA  . HIS A 1 87  ? 5.363   -12.210 5.228   1.00 38.77 ? 87  HIS A CA  1 
ATOM   654  C C   . HIS A 1 87  ? 4.409   -11.044 5.507   1.00 41.40 ? 87  HIS A C   1 
ATOM   655  O O   . HIS A 1 87  ? 4.677   -9.894  5.136   1.00 42.94 ? 87  HIS A O   1 
ATOM   656  C CB  . HIS A 1 87  ? 6.614   -12.086 6.096   1.00 43.03 ? 87  HIS A CB  1 
ATOM   657  C CG  . HIS A 1 87  ? 7.585   -13.206 5.914   1.00 46.41 ? 87  HIS A CG  1 
ATOM   658  N ND1 . HIS A 1 87  ? 7.498   -14.389 6.621   1.00 44.01 ? 87  HIS A ND1 1 
ATOM   659  C CD2 . HIS A 1 87  ? 8.658   -13.336 5.100   1.00 49.65 ? 87  HIS A CD2 1 
ATOM   660  C CE1 . HIS A 1 87  ? 8.478   -15.190 6.256   1.00 45.59 ? 87  HIS A CE1 1 
ATOM   661  N NE2 . HIS A 1 87  ? 9.199   -14.576 5.335   1.00 50.64 ? 87  HIS A NE2 1 
ATOM   662  N N   . PHE A 1 88  ? 3.295   -11.350 6.162   1.00 38.35 ? 88  PHE A N   1 
ATOM   663  C CA  . PHE A 1 88  ? 2.353   -10.331 6.591   1.00 36.68 ? 88  PHE A CA  1 
ATOM   664  C C   . PHE A 1 88  ? 2.448   -10.091 8.095   1.00 40.92 ? 88  PHE A C   1 
ATOM   665  O O   . PHE A 1 88  ? 2.718   -11.014 8.885   1.00 35.62 ? 88  PHE A O   1 
ATOM   666  C CB  . PHE A 1 88  ? 0.925   -10.748 6.255   1.00 35.86 ? 88  PHE A CB  1 
ATOM   667  C CG  . PHE A 1 88  ? 0.630   -10.754 4.795   1.00 38.47 ? 88  PHE A CG  1 
ATOM   668  C CD1 . PHE A 1 88  ? 1.116   -11.767 3.978   1.00 35.39 ? 88  PHE A CD1 1 
ATOM   669  C CD2 . PHE A 1 88  ? -0.134  -9.749  4.230   1.00 32.94 ? 88  PHE A CD2 1 
ATOM   670  C CE1 . PHE A 1 88  ? 0.851   -11.773 2.630   1.00 31.92 ? 88  PHE A CE1 1 
ATOM   671  C CE2 . PHE A 1 88  ? -0.403  -9.753  2.883   1.00 34.59 ? 88  PHE A CE2 1 
ATOM   672  C CZ  . PHE A 1 88  ? 0.093   -10.779 2.079   1.00 34.54 ? 88  PHE A CZ  1 
ATOM   673  N N   . LYS A 1 89  ? 2.218   -8.842  8.479   1.00 34.18 ? 89  LYS A N   1 
ATOM   674  C CA  . LYS A 1 89  ? 2.099   -8.489  9.873   1.00 34.30 ? 89  LYS A CA  1 
ATOM   675  C C   . LYS A 1 89  ? 0.621   -8.584  10.172  1.00 32.96 ? 89  LYS A C   1 
ATOM   676  O O   . LYS A 1 89  ? -0.202  -8.179  9.353   1.00 31.28 ? 89  LYS A O   1 
ATOM   677  C CB  . LYS A 1 89  ? 2.571   -7.061  10.091  1.00 35.53 ? 89  LYS A CB  1 
ATOM   678  C CG  . LYS A 1 89  ? 2.900   -6.763  11.510  1.00 33.59 ? 89  LYS A CG  1 
ATOM   679  C CD  . LYS A 1 89  ? 4.036   -7.646  11.882  1.00 47.56 ? 89  LYS A CD  1 
ATOM   680  C CE  . LYS A 1 89  ? 4.243   -7.720  13.357  1.00 53.30 ? 89  LYS A CE  1 
ATOM   681  N NZ  . LYS A 1 89  ? 5.582   -8.342  13.539  1.00 55.15 ? 89  LYS A NZ  1 
ATOM   682  N N   . VAL A 1 90  ? 0.268   -9.149  11.314  1.00 35.16 ? 90  VAL A N   1 
ATOM   683  C CA  . VAL A 1 90  ? -1.136  -9.187  11.691  1.00 34.10 ? 90  VAL A CA  1 
ATOM   684  C C   . VAL A 1 90  ? -1.455  -7.949  12.522  1.00 32.82 ? 90  VAL A C   1 
ATOM   685  O O   . VAL A 1 90  ? -1.010  -7.813  13.668  1.00 32.95 ? 90  VAL A O   1 
ATOM   686  C CB  . VAL A 1 90  ? -1.513  -10.505 12.407  1.00 33.43 ? 90  VAL A CB  1 
ATOM   687  C CG1 . VAL A 1 90  ? -2.967  -10.479 12.858  1.00 29.62 ? 90  VAL A CG1 1 
ATOM   688  C CG2 . VAL A 1 90  ? -1.305  -11.669 11.460  1.00 33.44 ? 90  VAL A CG2 1 
ATOM   689  N N   . LEU A 1 91  ? -2.198  -7.026  11.920  1.00 31.08 ? 91  LEU A N   1 
ATOM   690  C CA  . LEU A 1 91  ? -2.502  -5.764  12.579  1.00 29.66 ? 91  LEU A CA  1 
ATOM   691  C C   . LEU A 1 91  ? -3.554  -5.972  13.662  1.00 32.36 ? 91  LEU A C   1 
ATOM   692  O O   . LEU A 1 91  ? -4.393  -6.874  13.556  1.00 37.16 ? 91  LEU A O   1 
ATOM   693  C CB  . LEU A 1 91  ? -3.000  -4.722  11.580  1.00 27.77 ? 91  LEU A CB  1 
ATOM   694  C CG  . LEU A 1 91  ? -2.172  -4.334  10.356  1.00 28.83 ? 91  LEU A CG  1 
ATOM   695  C CD1 . LEU A 1 91  ? -2.932  -3.305  9.549   1.00 27.76 ? 91  LEU A CD1 1 
ATOM   696  C CD2 . LEU A 1 91  ? -0.802  -3.814  10.726  1.00 25.93 ? 91  LEU A CD2 1 
ATOM   697  N N   . ARG A 1 92  ? -3.491  -5.155  14.713  1.00 29.74 ? 92  ARG A N   1 
ATOM   698  C CA  . ARG A 1 92  ? -4.531  -5.103  15.727  1.00 31.29 ? 92  ARG A CA  1 
ATOM   699  C C   . ARG A 1 92  ? -5.062  -3.670  15.763  1.00 34.08 ? 92  ARG A C   1 
ATOM   700  O O   . ARG A 1 92  ? -4.297  -2.728  15.567  1.00 29.60 ? 92  ARG A O   1 
ATOM   701  C CB  . ARG A 1 92  ? -3.945  -5.462  17.091  1.00 34.40 ? 92  ARG A CB  1 
ATOM   702  C CG  . ARG A 1 92  ? -3.193  -6.784  17.133  1.00 32.49 ? 92  ARG A CG  1 
ATOM   703  C CD  . ARG A 1 92  ? -4.101  -7.916  17.556  1.00 31.68 ? 92  ARG A CD  1 
ATOM   704  N NE  . ARG A 1 92  ? -3.772  -8.377  18.913  1.00 43.26 ? 92  ARG A NE  1 
ATOM   705  C CZ  . ARG A 1 92  ? -4.658  -8.756  19.833  1.00 34.49 ? 92  ARG A CZ  1 
ATOM   706  N NH1 . ARG A 1 92  ? -5.953  -8.732  19.572  1.00 33.28 ? 92  ARG A NH1 1 
ATOM   707  N NH2 . ARG A 1 92  ? -4.244  -9.152  21.028  1.00 44.38 ? 92  ARG A NH2 1 
ATOM   708  N N   . ASP A 1 93  ? -6.360  -3.490  16.002  1.00 33.67 ? 93  ASP A N   1 
ATOM   709  C CA  . ASP A 1 93  ? -6.895  -2.134  16.144  1.00 36.39 ? 93  ASP A CA  1 
ATOM   710  C C   . ASP A 1 93  ? -6.949  -1.721  17.630  1.00 36.62 ? 93  ASP A C   1 
ATOM   711  O O   . ASP A 1 93  ? -6.330  -2.363  18.479  1.00 36.66 ? 93  ASP A O   1 
ATOM   712  C CB  . ASP A 1 93  ? -8.262  -1.976  15.444  1.00 30.70 ? 93  ASP A CB  1 
ATOM   713  C CG  . ASP A 1 93  ? -9.408  -2.707  16.187  1.00 38.84 ? 93  ASP A CG  1 
ATOM   714  O OD1 . ASP A 1 93  ? -9.170  -3.373  17.223  1.00 37.22 ? 93  ASP A OD1 1 
ATOM   715  O OD2 . ASP A 1 93  ? -10.563 -2.622  15.719  1.00 40.64 ? 93  ASP A OD2 1 
ATOM   716  N N   . GLY A 1 94  ? -7.694  -0.657  17.932  1.00 37.21 ? 94  GLY A N   1 
ATOM   717  C CA  . GLY A 1 94  ? -7.805  -0.157  19.290  1.00 35.08 ? 94  GLY A CA  1 
ATOM   718  C C   . GLY A 1 94  ? -8.364  -1.156  20.285  1.00 36.14 ? 94  GLY A C   1 
ATOM   719  O O   . GLY A 1 94  ? -7.854  -1.262  21.389  1.00 34.58 ? 94  GLY A O   1 
ATOM   720  N N   . ALA A 1 95  ? -9.398  -1.899  19.891  1.00 41.77 ? 95  ALA A N   1 
ATOM   721  C CA  . ALA A 1 95  ? -10.005 -2.899  20.774  1.00 37.82 ? 95  ALA A CA  1 
ATOM   722  C C   . ALA A 1 95  ? -9.285  -4.241  20.702  1.00 43.02 ? 95  ALA A C   1 
ATOM   723  O O   . ALA A 1 95  ? -9.690  -5.214  21.348  1.00 46.80 ? 95  ALA A O   1 
ATOM   724  C CB  . ALA A 1 95  ? -11.484 -3.075  20.454  1.00 36.18 ? 95  ALA A CB  1 
ATOM   725  N N   . GLY A 1 96  ? -8.222  -4.309  19.909  1.00 41.02 ? 96  GLY A N   1 
ATOM   726  C CA  . GLY A 1 96  ? -7.490  -5.556  19.763  1.00 36.66 ? 96  GLY A CA  1 
ATOM   727  C C   . GLY A 1 96  ? -8.120  -6.556  18.803  1.00 41.26 ? 96  GLY A C   1 
ATOM   728  O O   . GLY A 1 96  ? -7.896  -7.761  18.938  1.00 41.90 ? 96  GLY A O   1 
ATOM   729  N N   . LYS A 1 97  ? -8.916  -6.075  17.845  1.00 35.60 ? 97  LYS A N   1 
ATOM   730  C CA  . LYS A 1 97  ? -9.393  -6.917  16.754  1.00 31.69 ? 97  LYS A CA  1 
ATOM   731  C C   . LYS A 1 97  ? -8.233  -7.182  15.804  1.00 34.81 ? 97  LYS A C   1 
ATOM   732  O O   . LYS A 1 97  ? -7.239  -6.465  15.829  1.00 41.32 ? 97  LYS A O   1 
ATOM   733  C CB  . LYS A 1 97  ? -10.509 -6.217  15.988  1.00 36.20 ? 97  LYS A CB  1 
ATOM   734  C CG  . LYS A 1 97  ? -11.855 -6.258  16.665  1.00 32.96 ? 97  LYS A CG  1 
ATOM   735  C CD  . LYS A 1 97  ? -12.900 -5.718  15.743  1.00 35.60 ? 97  LYS A CD  1 
ATOM   736  C CE  . LYS A 1 97  ? -14.239 -6.375  15.979  1.00 41.75 ? 97  LYS A CE  1 
ATOM   737  N NZ  . LYS A 1 97  ? -14.594 -6.399  17.430  1.00 50.20 ? 97  LYS A NZ  1 
ATOM   738  N N   . TYR A 1 98  ? -8.352  -8.195  14.956  1.00 34.12 ? 98  TYR A N   1 
ATOM   739  C CA  . TYR A 1 98  ? -7.266  -8.537  14.039  1.00 35.00 ? 98  TYR A CA  1 
ATOM   740  C C   . TYR A 1 98  ? -7.662  -8.207  12.596  1.00 32.27 ? 98  TYR A C   1 
ATOM   741  O O   . TYR A 1 98  ? -8.853  -8.252  12.248  1.00 30.68 ? 98  TYR A O   1 
ATOM   742  C CB  . TYR A 1 98  ? -6.906  -10.026 14.154  1.00 34.25 ? 98  TYR A CB  1 
ATOM   743  C CG  . TYR A 1 98  ? -6.624  -10.524 15.563  1.00 35.46 ? 98  TYR A CG  1 
ATOM   744  C CD1 . TYR A 1 98  ? -5.330  -10.849 15.966  1.00 37.77 ? 98  TYR A CD1 1 
ATOM   745  C CD2 . TYR A 1 98  ? -7.653  -10.710 16.481  1.00 36.90 ? 98  TYR A CD2 1 
ATOM   746  C CE1 . TYR A 1 98  ? -5.070  -11.335 17.256  1.00 33.03 ? 98  TYR A CE1 1 
ATOM   747  C CE2 . TYR A 1 98  ? -7.396  -11.183 17.770  1.00 35.88 ? 98  TYR A CE2 1 
ATOM   748  C CZ  . TYR A 1 98  ? -6.104  -11.492 18.146  1.00 34.94 ? 98  TYR A CZ  1 
ATOM   749  O OH  . TYR A 1 98  ? -5.860  -11.965 19.430  1.00 38.81 ? 98  TYR A OH  1 
ATOM   750  N N   . PHE A 1 99  ? -6.662  -7.863  11.780  1.00 33.17 ? 99  PHE A N   1 
ATOM   751  C CA  . PHE A 1 99  ? -6.824  -7.593  10.330  1.00 29.75 ? 99  PHE A CA  1 
ATOM   752  C C   . PHE A 1 99  ? -5.488  -7.434  9.592   1.00 28.76 ? 99  PHE A C   1 
ATOM   753  O O   . PHE A 1 99  ? -4.418  -7.452  10.209  1.00 28.88 ? 99  PHE A O   1 
ATOM   754  C CB  . PHE A 1 99  ? -7.764  -6.411  10.041  1.00 26.26 ? 99  PHE A CB  1 
ATOM   755  C CG  . PHE A 1 99  ? -7.253  -5.071  10.516  1.00 29.46 ? 99  PHE A CG  1 
ATOM   756  C CD1 . PHE A 1 99  ? -6.923  -4.068  9.604   1.00 32.54 ? 99  PHE A CD1 1 
ATOM   757  C CD2 . PHE A 1 99  ? -7.144  -4.791  11.872  1.00 32.73 ? 99  PHE A CD2 1 
ATOM   758  C CE1 . PHE A 1 99  ? -6.469  -2.813  10.046  1.00 35.43 ? 99  PHE A CE1 1 
ATOM   759  C CE2 . PHE A 1 99  ? -6.698  -3.526  12.323  1.00 33.55 ? 99  PHE A CE2 1 
ATOM   760  C CZ  . PHE A 1 99  ? -6.356  -2.548  11.418  1.00 29.51 ? 99  PHE A CZ  1 
ATOM   761  N N   . LEU A 1 100 ? -5.545  -7.287  8.272   1.00 28.30 ? 100 LEU A N   1 
ATOM   762  C CA  . LEU A 1 100 ? -4.327  -7.267  7.469   1.00 25.99 ? 100 LEU A CA  1 
ATOM   763  C C   . LEU A 1 100 ? -4.090  -5.906  6.799   1.00 30.48 ? 100 LEU A C   1 
ATOM   764  O O   . LEU A 1 100 ? -2.949  -5.466  6.634   1.00 34.26 ? 100 LEU A O   1 
ATOM   765  C CB  . LEU A 1 100 ? -4.389  -8.370  6.400   1.00 30.08 ? 100 LEU A CB  1 
ATOM   766  C CG  . LEU A 1 100 ? -4.343  -9.850  6.811   1.00 34.92 ? 100 LEU A CG  1 
ATOM   767  C CD1 . LEU A 1 100 ? -4.245  -10.785 5.601   1.00 23.90 ? 100 LEU A CD1 1 
ATOM   768  C CD2 . LEU A 1 100 ? -3.199  -10.119 7.776   1.00 35.65 ? 100 LEU A CD2 1 
ATOM   769  N N   . TRP A 1 101 ? -5.167  -5.232  6.414   1.00 27.92 ? 101 TRP A N   1 
ATOM   770  C CA  . TRP A 1 101 ? -5.038  -4.019  5.614   1.00 32.99 ? 101 TRP A CA  1 
ATOM   771  C C   . TRP A 1 101 ? -5.867  -2.849  6.151   1.00 32.36 ? 101 TRP A C   1 
ATOM   772  O O   . TRP A 1 101 ? -7.080  -2.955  6.287   1.00 36.40 ? 101 TRP A O   1 
ATOM   773  C CB  . TRP A 1 101 ? -5.464  -4.303  4.164   1.00 28.77 ? 101 TRP A CB  1 
ATOM   774  C CG  . TRP A 1 101 ? -4.592  -5.310  3.436   1.00 32.88 ? 101 TRP A CG  1 
ATOM   775  C CD1 . TRP A 1 101 ? -4.907  -6.616  3.128   1.00 29.27 ? 101 TRP A CD1 1 
ATOM   776  C CD2 . TRP A 1 101 ? -3.276  -5.082  2.911   1.00 30.49 ? 101 TRP A CD2 1 
ATOM   777  N NE1 . TRP A 1 101 ? -3.868  -7.203  2.444   1.00 30.88 ? 101 TRP A NE1 1 
ATOM   778  C CE2 . TRP A 1 101 ? -2.855  -6.289  2.302   1.00 32.57 ? 101 TRP A CE2 1 
ATOM   779  C CE3 . TRP A 1 101 ? -2.414  -3.975  2.897   1.00 28.79 ? 101 TRP A CE3 1 
ATOM   780  C CZ2 . TRP A 1 101 ? -1.612  -6.416  1.682   1.00 31.16 ? 101 TRP A CZ2 1 
ATOM   781  C CZ3 . TRP A 1 101 ? -1.181  -4.097  2.282   1.00 30.93 ? 101 TRP A CZ3 1 
ATOM   782  C CH2 . TRP A 1 101 ? -0.791  -5.309  1.677   1.00 34.74 ? 101 TRP A CH2 1 
ATOM   783  N N   . VAL A 1 102 ? -5.230  -1.719  6.427   1.00 31.95 ? 102 VAL A N   1 
ATOM   784  C CA  . VAL A 1 102 ? -5.996  -0.543  6.827   1.00 37.36 ? 102 VAL A CA  1 
ATOM   785  C C   . VAL A 1 102 ? -6.702  0.012   5.605   1.00 36.04 ? 102 VAL A C   1 
ATOM   786  O O   . VAL A 1 102 ? -6.052  0.343   4.617   1.00 37.64 ? 102 VAL A O   1 
ATOM   787  C CB  . VAL A 1 102 ? -5.109  0.574   7.424   1.00 34.35 ? 102 VAL A CB  1 
ATOM   788  C CG1 . VAL A 1 102 ? -5.923  1.802   7.663   1.00 33.89 ? 102 VAL A CG1 1 
ATOM   789  C CG2 . VAL A 1 102 ? -4.440  0.122   8.713   1.00 30.49 ? 102 VAL A CG2 1 
ATOM   790  N N   . GLY A 1 103 ? -8.028  0.089   5.670   1.00 36.69 ? 103 GLY A N   1 
ATOM   791  C CA  . GLY A 1 103 ? -8.821  0.765   4.660   1.00 35.85 ? 103 GLY A CA  1 
ATOM   792  C C   . GLY A 1 103 ? -9.296  -0.157  3.559   1.00 43.07 ? 103 GLY A C   1 
ATOM   793  O O   . GLY A 1 103 ? -9.730  -1.272  3.821   1.00 42.99 ? 103 GLY A O   1 
ATOM   794  N N   . GLY A 1 104 ? -9.220  0.314   2.318   1.00 39.05 ? 104 GLY A N   1 
ATOM   795  C CA  . GLY A 1 104 ? -9.571  -0.516  1.180   1.00 41.04 ? 104 GLY A CA  1 
ATOM   796  C C   . GLY A 1 104 ? -9.346  0.169   -0.161  1.00 41.10 ? 104 GLY A C   1 
ATOM   797  O O   . GLY A 1 104 ? -9.005  1.363   -0.223  1.00 34.20 ? 104 GLY A O   1 
ATOM   798  N N   . SER A 1 105 ? -9.541  -0.577  -1.248  1.00 34.42 ? 105 SER A N   1 
ATOM   799  C CA  . SER A 1 105 ? -9.488  0.025   -2.572  1.00 36.40 ? 105 SER A CA  1 
ATOM   800  C C   . SER A 1 105 ? -10.581 1.090   -2.673  1.00 41.23 ? 105 SER A C   1 
ATOM   801  O O   . SER A 1 105 ? -11.324 1.344   -1.721  1.00 43.73 ? 105 SER A O   1 
ATOM   802  C CB  . SER A 1 105 ? -9.679  -1.031  -3.644  1.00 35.55 ? 105 SER A CB  1 
ATOM   803  O OG  . SER A 1 105 ? -10.983 -1.577  -3.567  1.00 35.92 ? 105 SER A OG  1 
ATOM   804  N N   . GLY A 1 106 ? -10.703 1.736   -3.813  1.00 44.76 ? 106 GLY A N   1 
ATOM   805  C CA  . GLY A 1 106 ? -11.682 2.802   -3.853  1.00 48.47 ? 106 GLY A CA  1 
ATOM   806  C C   . GLY A 1 106 ? -12.990 2.330   -4.424  1.00 46.85 ? 106 GLY A C   1 
ATOM   807  O O   . GLY A 1 106 ? -13.915 3.116   -4.613  1.00 47.92 ? 106 GLY A O   1 
ATOM   808  N N   . GLY A 1 107 ? -13.059 1.031   -4.687  1.00 44.76 ? 107 GLY A N   1 
ATOM   809  C CA  . GLY A 1 107 ? -13.943 0.537   -5.719  1.00 46.47 ? 107 GLY A CA  1 
ATOM   810  C C   . GLY A 1 107 ? -13.142 0.794   -6.979  1.00 50.94 ? 107 GLY A C   1 
ATOM   811  O O   . GLY A 1 107 ? -13.667 0.780   -8.101  1.00 52.38 ? 107 GLY A O   1 
ATOM   812  N N   . SER A 1 108 ? -11.849 1.047   -6.773  1.00 47.57 ? 108 SER A N   1 
ATOM   813  C CA  . SER A 1 108 ? -10.951 1.411   -7.853  1.00 49.84 ? 108 SER A CA  1 
ATOM   814  C C   . SER A 1 108 ? -9.968  0.292   -8.137  1.00 47.30 ? 108 SER A C   1 
ATOM   815  O O   . SER A 1 108 ? -9.618  -0.474  -7.232  1.00 38.68 ? 108 SER A O   1 
ATOM   816  C CB  . SER A 1 108 ? -10.174 2.671   -7.507  1.00 44.44 ? 108 SER A CB  1 
ATOM   817  O OG  . SER A 1 108 ? -9.342  3.030   -8.595  1.00 57.87 ? 108 SER A OG  1 
ATOM   818  N N   . VAL A 1 109 ? -9.505  0.227   -9.389  1.00 49.86 ? 109 VAL A N   1 
ATOM   819  C CA  . VAL A 1 109 ? -8.645  -0.869  -9.847  1.00 47.36 ? 109 VAL A CA  1 
ATOM   820  C C   . VAL A 1 109 ? -7.236  -0.405  -10.213 1.00 47.34 ? 109 VAL A C   1 
ATOM   821  O O   . VAL A 1 109 ? -6.437  -1.179  -10.755 1.00 43.79 ? 109 VAL A O   1 
ATOM   822  C CB  . VAL A 1 109 ? -9.253  -1.591  -11.063 1.00 45.65 ? 109 VAL A CB  1 
ATOM   823  C CG1 . VAL A 1 109 ? -8.811  -3.044  -11.081 1.00 53.53 ? 109 VAL A CG1 1 
ATOM   824  C CG2 . VAL A 1 109 ? -10.767 -1.516  -11.019 1.00 47.19 ? 109 VAL A CG2 1 
ATOM   825  N N   . SER A 1 110 ? -6.934  0.854   -9.911  1.00 44.15 ? 110 SER A N   1 
ATOM   826  C CA  . SER A 1 110 ? -5.667  1.454   -10.307 1.00 36.50 ? 110 SER A CA  1 
ATOM   827  C C   . SER A 1 110 ? -5.052  2.220   -9.151  1.00 39.46 ? 110 SER A C   1 
ATOM   828  O O   . SER A 1 110 ? -5.772  2.716   -8.287  1.00 37.27 ? 110 SER A O   1 
ATOM   829  C CB  . SER A 1 110 ? -5.927  2.406   -11.477 1.00 41.05 ? 110 SER A CB  1 
ATOM   830  O OG  . SER A 1 110 ? -4.788  3.183   -11.803 1.00 42.47 ? 110 SER A OG  1 
ATOM   831  N N   . SER A 1 111 ? -3.728  2.350   -9.139  1.00 38.90 ? 111 SER A N   1 
ATOM   832  C CA  . SER A 1 111 ? -3.070  3.191   -8.129  1.00 37.61 ? 111 SER A CA  1 
ATOM   833  C C   . SER A 1 111 ? -2.828  4.679   -8.553  1.00 41.80 ? 111 SER A C   1 
ATOM   834  O O   . SER A 1 111 ? -2.122  5.436   -7.882  1.00 41.44 ? 111 SER A O   1 
ATOM   835  C CB  . SER A 1 111 ? -1.776  2.533   -7.649  1.00 34.68 ? 111 SER A CB  1 
ATOM   836  O OG  . SER A 1 111 ? -0.731  2.723   -8.577  1.00 41.03 ? 111 SER A OG  1 
ATOM   837  N N   . VAL A 1 112 ? -3.426  5.099   -9.660  1.00 40.43 ? 112 VAL A N   1 
ATOM   838  C CA  . VAL A 1 112 ? -3.296  6.477   -10.119 1.00 42.04 ? 112 VAL A CA  1 
ATOM   839  C C   . VAL A 1 112 ? -4.295  7.329   -9.351  1.00 37.64 ? 112 VAL A C   1 
ATOM   840  O O   . VAL A 1 112 ? -5.468  6.969   -9.277  1.00 42.82 ? 112 VAL A O   1 
ATOM   841  C CB  . VAL A 1 112 ? -3.599  6.597   -11.649 1.00 42.66 ? 112 VAL A CB  1 
ATOM   842  C CG1 . VAL A 1 112 ? -3.502  8.044   -12.108 1.00 37.24 ? 112 VAL A CG1 1 
ATOM   843  C CG2 . VAL A 1 112 ? -2.657  5.710   -12.474 1.00 38.57 ? 112 VAL A CG2 1 
ATOM   844  N N   . PRO A 1 113 ? -3.841  8.468   -8.791  1.00 41.33 ? 113 PRO A N   1 
ATOM   845  C CA  . PRO A 1 113 ? -4.726  9.424   -8.103  1.00 37.86 ? 113 PRO A CA  1 
ATOM   846  C C   . PRO A 1 113 ? -5.911  9.754   -8.996  1.00 41.75 ? 113 PRO A C   1 
ATOM   847  O O   . PRO A 1 113 ? -5.738  9.750   -10.205 1.00 49.81 ? 113 PRO A O   1 
ATOM   848  C CB  . PRO A 1 113 ? -3.846  10.658  -7.950  1.00 37.95 ? 113 PRO A CB  1 
ATOM   849  C CG  . PRO A 1 113 ? -2.442  10.127  -7.950  1.00 40.66 ? 113 PRO A CG  1 
ATOM   850  C CD  . PRO A 1 113 ? -2.451  8.961   -8.881  1.00 40.13 ? 113 PRO A CD  1 
ATOM   851  N N   . THR A 1 114 ? -7.093  10.014  -8.454  1.00 44.64 ? 114 THR A N   1 
ATOM   852  C CA  . THR A 1 114 ? -8.260  10.063  -9.333  1.00 46.60 ? 114 THR A CA  1 
ATOM   853  C C   . THR A 1 114 ? -8.805  11.461  -9.615  1.00 50.40 ? 114 THR A C   1 
ATOM   854  O O   . THR A 1 114 ? -9.230  11.738  -10.739 1.00 55.36 ? 114 THR A O   1 
ATOM   855  C CB  . THR A 1 114 ? -9.374  9.098   -8.892  1.00 46.92 ? 114 THR A CB  1 
ATOM   856  O OG1 . THR A 1 114 ? -9.978  9.572   -7.683  1.00 50.92 ? 114 THR A OG1 1 
ATOM   857  C CG2 . THR A 1 114 ? -8.803  7.708   -8.673  1.00 45.75 ? 114 THR A CG2 1 
ATOM   858  N N   . LYS A 1 115 ? -8.815  12.339  -8.619  1.00 44.86 ? 115 LYS A N   1 
ATOM   859  C CA  . LYS A 1 115 ? -9.085  13.735  -8.920  1.00 42.49 ? 115 LYS A CA  1 
ATOM   860  C C   . LYS A 1 115 ? -7.743  14.393  -8.826  1.00 44.55 ? 115 LYS A C   1 
ATOM   861  O O   . LYS A 1 115 ? -6.874  13.932  -8.070  1.00 42.50 ? 115 LYS A O   1 
ATOM   862  C CB  . LYS A 1 115 ? -10.047 14.380  -7.921  1.00 43.68 ? 115 LYS A CB  1 
ATOM   863  N N   . LEU A 1 116 ? -7.555  15.415  -9.650  1.00 38.11 ? 116 LEU A N   1 
ATOM   864  C CA  . LEU A 1 116 ? -6.465  16.366  -9.504  1.00 36.37 ? 116 LEU A CA  1 
ATOM   865  C C   . LEU A 1 116 ? -7.048  17.691  -9.964  1.00 34.95 ? 116 LEU A C   1 
ATOM   866  O O   . LEU A 1 116 ? -7.504  17.812  -11.102 1.00 33.50 ? 116 LEU A O   1 
ATOM   867  C CB  . LEU A 1 116 ? -5.249  15.985  -10.343 1.00 27.97 ? 116 LEU A CB  1 
ATOM   868  C CG  . LEU A 1 116 ? -4.116  17.021  -10.276 1.00 33.29 ? 116 LEU A CG  1 
ATOM   869  C CD1 . LEU A 1 116 ? -3.705  17.377  -8.837  1.00 22.97 ? 116 LEU A CD1 1 
ATOM   870  C CD2 . LEU A 1 116 ? -2.902  16.560  -11.086 1.00 32.92 ? 116 LEU A CD2 1 
ATOM   871  N N   . GLU A 1 117 ? -7.041  18.677  -9.074  1.00 30.93 ? 117 GLU A N   1 
ATOM   872  C CA  . GLU A 1 117 ? -7.821  19.888  -9.268  1.00 28.81 ? 117 GLU A CA  1 
ATOM   873  C C   . GLU A 1 117 ? -7.060  21.063  -8.671  1.00 31.89 ? 117 GLU A C   1 
ATOM   874  O O   . GLU A 1 117 ? -6.243  20.877  -7.758  1.00 33.19 ? 117 GLU A O   1 
ATOM   875  C CB  . GLU A 1 117 ? -9.164  19.735  -8.550  1.00 32.42 ? 117 GLU A CB  1 
ATOM   876  C CG  . GLU A 1 117 ? -8.977  19.457  -7.047  1.00 40.59 ? 117 GLU A CG  1 
ATOM   877  C CD  . GLU A 1 117 ? -10.238 18.981  -6.332  1.00 54.48 ? 117 GLU A CD  1 
ATOM   878  O OE1 . GLU A 1 117 ? -11.307 19.577  -6.588  1.00 53.39 ? 117 GLU A OE1 1 
ATOM   879  O OE2 . GLU A 1 117 ? -10.151 18.012  -5.515  1.00 55.07 ? 117 GLU A OE2 1 
ATOM   880  N N   . VAL A 1 118 ? -7.312  22.269  -9.179  1.00 31.56 ? 118 VAL A N   1 
ATOM   881  C CA  . VAL A 1 118 ? -6.775  23.467  -8.553  1.00 29.49 ? 118 VAL A CA  1 
ATOM   882  C C   . VAL A 1 118 ? -7.846  24.035  -7.609  1.00 37.45 ? 118 VAL A C   1 
ATOM   883  O O   . VAL A 1 118 ? -8.939  24.381  -8.065  1.00 44.88 ? 118 VAL A O   1 
ATOM   884  C CB  . VAL A 1 118 ? -6.378  24.522  -9.591  1.00 28.51 ? 118 VAL A CB  1 
ATOM   885  C CG1 . VAL A 1 118 ? -6.255  25.888  -8.925  1.00 30.34 ? 118 VAL A CG1 1 
ATOM   886  C CG2 . VAL A 1 118 ? -5.060  24.146  -10.265 1.00 26.74 ? 118 VAL A CG2 1 
ATOM   887  N N   . VAL A 1 119 ? -7.548  24.120  -6.306  1.00 29.26 ? 119 VAL A N   1 
ATOM   888  C CA  . VAL A 1 119 ? -8.526  24.615  -5.333  1.00 30.36 ? 119 VAL A CA  1 
ATOM   889  C C   . VAL A 1 119 ? -8.622  26.134  -5.353  1.00 34.06 ? 119 VAL A C   1 
ATOM   890  O O   . VAL A 1 119 ? -9.714  26.703  -5.413  1.00 36.47 ? 119 VAL A O   1 
ATOM   891  C CB  . VAL A 1 119 ? -8.205  24.162  -3.891  1.00 31.10 ? 119 VAL A CB  1 
ATOM   892  C CG1 . VAL A 1 119 ? -9.279  24.638  -2.946  1.00 29.76 ? 119 VAL A CG1 1 
ATOM   893  C CG2 . VAL A 1 119 ? -8.100  22.651  -3.811  1.00 29.92 ? 119 VAL A CG2 1 
ATOM   894  N N   . ALA A 1 120 ? -7.470  26.788  -5.288  1.00 30.15 ? 120 ALA A N   1 
ATOM   895  C CA  . ALA A 1 120 ? -7.409  28.238  -5.331  1.00 32.25 ? 120 ALA A CA  1 
ATOM   896  C C   . ALA A 1 120 ? -6.102  28.649  -5.985  1.00 34.03 ? 120 ALA A C   1 
ATOM   897  O O   . ALA A 1 120 ? -5.145  27.867  -6.017  1.00 29.34 ? 120 ALA A O   1 
ATOM   898  C CB  . ALA A 1 120 ? -7.512  28.823  -3.929  1.00 30.40 ? 120 ALA A CB  1 
ATOM   899  N N   . ALA A 1 121 ? -6.062  29.878  -6.495  1.00 33.62 ? 121 ALA A N   1 
ATOM   900  C CA  . ALA A 1 121 ? -4.964  30.310  -7.343  1.00 35.67 ? 121 ALA A CA  1 
ATOM   901  C C   . ALA A 1 121 ? -4.818  31.818  -7.335  1.00 38.09 ? 121 ALA A C   1 
ATOM   902  O O   . ALA A 1 121 ? -5.810  32.536  -7.370  1.00 37.65 ? 121 ALA A O   1 
ATOM   903  C CB  . ALA A 1 121 ? -5.182  29.810  -8.762  1.00 32.46 ? 121 ALA A CB  1 
ATOM   904  N N   . THR A 1 122 ? -3.573  32.286  -7.273  1.00 41.02 ? 122 THR A N   1 
ATOM   905  C CA  . THR A 1 122 ? -3.247  33.700  -7.443  1.00 37.99 ? 122 THR A CA  1 
ATOM   906  C C   . THR A 1 122 ? -2.325  33.730  -8.669  1.00 44.92 ? 122 THR A C   1 
ATOM   907  O O   . THR A 1 122 ? -2.003  32.670  -9.217  1.00 39.51 ? 122 THR A O   1 
ATOM   908  C CB  . THR A 1 122 ? -2.535  34.255  -6.210  1.00 37.28 ? 122 THR A CB  1 
ATOM   909  O OG1 . THR A 1 122 ? -1.128  34.037  -6.337  1.00 39.93 ? 122 THR A OG1 1 
ATOM   910  C CG2 . THR A 1 122 ? -3.041  33.582  -4.936  1.00 34.99 ? 122 THR A CG2 1 
ATOM   911  N N   . PRO A 1 123 ? -1.897  34.919  -9.128  1.00 44.36 ? 123 PRO A N   1 
ATOM   912  C CA  . PRO A 1 123 ? -1.119  34.810  -10.369 1.00 41.69 ? 123 PRO A CA  1 
ATOM   913  C C   . PRO A 1 123 ? 0.273   34.217  -10.168 1.00 40.79 ? 123 PRO A C   1 
ATOM   914  O O   . PRO A 1 123 ? 0.961   33.960  -11.160 1.00 44.30 ? 123 PRO A O   1 
ATOM   915  C CB  . PRO A 1 123 ? -1.000  36.267  -10.838 1.00 41.95 ? 123 PRO A CB  1 
ATOM   916  C CG  . PRO A 1 123 ? -2.072  37.005  -10.088 1.00 44.24 ? 123 PRO A CG  1 
ATOM   917  C CD  . PRO A 1 123 ? -2.170  36.321  -8.776  1.00 42.93 ? 123 PRO A CD  1 
ATOM   918  N N   . THR A 1 124 ? 0.696   34.000  -8.927  1.00 36.47 ? 124 THR A N   1 
ATOM   919  C CA  . THR A 1 124 ? 2.019   33.418  -8.701  1.00 41.53 ? 124 THR A CA  1 
ATOM   920  C C   . THR A 1 124 ? 2.019   32.176  -7.812  1.00 40.18 ? 124 THR A C   1 
ATOM   921  O O   . THR A 1 124 ? 3.077   31.739  -7.369  1.00 41.15 ? 124 THR A O   1 
ATOM   922  C CB  . THR A 1 124 ? 3.018   34.425  -8.093  1.00 40.79 ? 124 THR A CB  1 
ATOM   923  O OG1 . THR A 1 124 ? 2.700   34.638  -6.711  1.00 41.82 ? 124 THR A OG1 1 
ATOM   924  C CG2 . THR A 1 124 ? 3.001   35.745  -8.858  1.00 37.24 ? 124 THR A CG2 1 
ATOM   925  N N   . SER A 1 125 ? 0.854   31.597  -7.554  1.00 42.02 ? 125 SER A N   1 
ATOM   926  C CA  . SER A 1 125 ? 0.812   30.421  -6.687  1.00 42.97 ? 125 SER A CA  1 
ATOM   927  C C   . SER A 1 125 ? -0.438  29.556  -6.869  1.00 44.18 ? 125 SER A C   1 
ATOM   928  O O   . SER A 1 125 ? -1.492  30.043  -7.294  1.00 40.70 ? 125 SER A O   1 
ATOM   929  C CB  . SER A 1 125 ? 0.945   30.841  -5.222  1.00 37.63 ? 125 SER A CB  1 
ATOM   930  O OG  . SER A 1 125 ? -0.240  31.482  -4.800  1.00 45.19 ? 125 SER A OG  1 
ATOM   931  N N   . LEU A 1 126 ? -0.308  28.271  -6.535  1.00 37.77 ? 126 LEU A N   1 
ATOM   932  C CA  . LEU A 1 126 ? -1.418  27.334  -6.630  1.00 37.58 ? 126 LEU A CA  1 
ATOM   933  C C   . LEU A 1 126 ? -1.625  26.550  -5.331  1.00 40.44 ? 126 LEU A C   1 
ATOM   934  O O   . LEU A 1 126 ? -0.666  26.172  -4.644  1.00 36.49 ? 126 LEU A O   1 
ATOM   935  C CB  . LEU A 1 126 ? -1.168  26.331  -7.751  1.00 36.64 ? 126 LEU A CB  1 
ATOM   936  C CG  . LEU A 1 126 ? -1.301  26.848  -9.168  1.00 42.26 ? 126 LEU A CG  1 
ATOM   937  C CD1 . LEU A 1 126 ? -0.938  25.759  -10.130 1.00 35.21 ? 126 LEU A CD1 1 
ATOM   938  C CD2 . LEU A 1 126 ? -2.730  27.311  -9.398  1.00 44.85 ? 126 LEU A CD2 1 
ATOM   939  N N   . LEU A 1 127 ? -2.890  26.307  -5.011  1.00 36.08 ? 127 LEU A N   1 
ATOM   940  C CA  . LEU A 1 127 ? -3.261  25.347  -3.990  1.00 32.78 ? 127 LEU A CA  1 
ATOM   941  C C   . LEU A 1 127 ? -3.994  24.240  -4.724  1.00 31.67 ? 127 LEU A C   1 
ATOM   942  O O   . LEU A 1 127 ? -5.055  24.476  -5.315  1.00 28.13 ? 127 LEU A O   1 
ATOM   943  C CB  . LEU A 1 127 ? -4.159  25.999  -2.940  1.00 33.74 ? 127 LEU A CB  1 
ATOM   944  C CG  . LEU A 1 127 ? -4.787  25.116  -1.856  1.00 36.06 ? 127 LEU A CG  1 
ATOM   945  C CD1 . LEU A 1 127 ? -3.793  24.120  -1.320  1.00 35.16 ? 127 LEU A CD1 1 
ATOM   946  C CD2 . LEU A 1 127 ? -5.304  25.983  -0.735  1.00 34.63 ? 127 LEU A CD2 1 
ATOM   947  N N   . ILE A 1 128 ? -3.414  23.040  -4.715  1.00 31.08 ? 128 ILE A N   1 
ATOM   948  C CA  . ILE A 1 128 ? -4.004  21.915  -5.443  1.00 32.97 ? 128 ILE A CA  1 
ATOM   949  C C   . ILE A 1 128 ? -4.431  20.801  -4.523  1.00 30.94 ? 128 ILE A C   1 
ATOM   950  O O   . ILE A 1 128 ? -3.934  20.665  -3.408  1.00 31.19 ? 128 ILE A O   1 
ATOM   951  C CB  . ILE A 1 128 ? -3.045  21.308  -6.477  1.00 30.66 ? 128 ILE A CB  1 
ATOM   952  C CG1 . ILE A 1 128 ? -1.841  20.675  -5.784  1.00 23.49 ? 128 ILE A CG1 1 
ATOM   953  C CG2 . ILE A 1 128 ? -2.609  22.360  -7.485  1.00 25.24 ? 128 ILE A CG2 1 
ATOM   954  C CD1 . ILE A 1 128 ? -0.942  19.928  -6.720  1.00 30.66 ? 128 ILE A CD1 1 
ATOM   955  N N   . SER A 1 129 ? -5.343  19.985  -5.018  1.00 32.77 ? 129 SER A N   1 
ATOM   956  C CA  . SER A 1 129 ? -5.864  18.893  -4.235  1.00 34.87 ? 129 SER A CA  1 
ATOM   957  C C   . SER A 1 129 ? -5.976  17.668  -5.119  1.00 30.60 ? 129 SER A C   1 
ATOM   958  O O   . SER A 1 129 ? -6.032  17.790  -6.336  1.00 30.64 ? 129 SER A O   1 
ATOM   959  C CB  . SER A 1 129 ? -7.235  19.269  -3.677  1.00 36.19 ? 129 SER A CB  1 
ATOM   960  O OG  . SER A 1 129 ? -7.636  18.361  -2.672  1.00 43.59 ? 129 SER A OG  1 
ATOM   961  N N   . TRP A 1 130 ? -6.000  16.494  -4.498  1.00 33.94 ? 130 TRP A N   1 
ATOM   962  C CA  . TRP A 1 130 ? -6.185  15.240  -5.219  1.00 32.88 ? 130 TRP A CA  1 
ATOM   963  C C   . TRP A 1 130 ? -6.802  14.154  -4.336  1.00 34.42 ? 130 TRP A C   1 
ATOM   964  O O   . TRP A 1 130 ? -6.834  14.260  -3.104  1.00 32.55 ? 130 TRP A O   1 
ATOM   965  C CB  . TRP A 1 130 ? -4.864  14.749  -5.829  1.00 33.18 ? 130 TRP A CB  1 
ATOM   966  C CG  . TRP A 1 130 ? -3.828  14.456  -4.810  1.00 34.41 ? 130 TRP A CG  1 
ATOM   967  C CD1 . TRP A 1 130 ? -3.656  13.279  -4.109  1.00 30.61 ? 130 TRP A CD1 1 
ATOM   968  C CD2 . TRP A 1 130 ? -2.812  15.354  -4.350  1.00 31.94 ? 130 TRP A CD2 1 
ATOM   969  N NE1 . TRP A 1 130 ? -2.591  13.405  -3.249  1.00 29.89 ? 130 TRP A NE1 1 
ATOM   970  C CE2 . TRP A 1 130 ? -2.064  14.668  -3.370  1.00 30.99 ? 130 TRP A CE2 1 
ATOM   971  C CE3 . TRP A 1 130 ? -2.452  16.663  -4.683  1.00 31.08 ? 130 TRP A CE3 1 
ATOM   972  C CZ2 . TRP A 1 130 ? -0.983  15.257  -2.715  1.00 30.44 ? 130 TRP A CZ2 1 
ATOM   973  C CZ3 . TRP A 1 130 ? -1.378  17.242  -4.033  1.00 30.82 ? 130 TRP A CZ3 1 
ATOM   974  C CH2 . TRP A 1 130 ? -0.656  16.538  -3.056  1.00 27.63 ? 130 TRP A CH2 1 
ATOM   975  N N   . ASP A 1 131 ? -7.286  13.105  -4.991  1.00 37.70 ? 131 ASP A N   1 
ATOM   976  C CA  . ASP A 1 131 ? -7.957  12.001  -4.328  1.00 38.72 ? 131 ASP A CA  1 
ATOM   977  C C   . ASP A 1 131 ? -7.265  10.685  -4.629  1.00 38.96 ? 131 ASP A C   1 
ATOM   978  O O   . ASP A 1 131 ? -7.349  10.187  -5.745  1.00 38.14 ? 131 ASP A O   1 
ATOM   979  C CB  . ASP A 1 131 ? -9.383  11.878  -4.846  1.00 41.58 ? 131 ASP A CB  1 
ATOM   980  C CG  . ASP A 1 131 ? -10.277 12.983  -4.363  1.00 45.34 ? 131 ASP A CG  1 
ATOM   981  O OD1 . ASP A 1 131 ? -10.073 13.480  -3.230  1.00 46.99 ? 131 ASP A OD1 1 
ATOM   982  O OD2 . ASP A 1 131 ? -11.195 13.342  -5.127  1.00 51.87 ? 131 ASP A OD2 1 
ATOM   983  N N   . ALA A 1 132 ? -6.593  10.108  -3.645  1.00 35.24 ? 132 ALA A N   1 
ATOM   984  C CA  . ALA A 1 132 ? -6.115  8.750   -3.804  1.00 32.41 ? 132 ALA A CA  1 
ATOM   985  C C   . ALA A 1 132 ? -7.148  7.883   -3.115  1.00 34.23 ? 132 ALA A C   1 
ATOM   986  O O   . ALA A 1 132 ? -7.456  8.096   -1.935  1.00 35.15 ? 132 ALA A O   1 
ATOM   987  C CB  . ALA A 1 132 ? -4.768  8.579   -3.167  1.00 30.75 ? 132 ALA A CB  1 
ATOM   988  N N   . ILE A 1 133 ? -7.714  6.926   -3.843  1.00 28.46 ? 133 ILE A N   1 
ATOM   989  C CA  . ILE A 1 133 ? -8.756  6.110   -3.255  1.00 32.86 ? 133 ILE A CA  1 
ATOM   990  C C   . ILE A 1 133 ? -8.282  4.687   -3.047  1.00 33.36 ? 133 ILE A C   1 
ATOM   991  O O   . ILE A 1 133 ? -8.773  3.987   -2.165  1.00 31.38 ? 133 ILE A O   1 
ATOM   992  C CB  . ILE A 1 133 ? -10.057 6.148   -4.053  1.00 37.74 ? 133 ILE A CB  1 
ATOM   993  C CG1 . ILE A 1 133 ? -10.164 7.455   -4.820  1.00 45.01 ? 133 ILE A CG1 1 
ATOM   994  C CG2 . ILE A 1 133 ? -11.223 6.080   -3.094  1.00 48.86 ? 133 ILE A CG2 1 
ATOM   995  C CD1 . ILE A 1 133 ? -11.587 7.876   -5.133  1.00 52.73 ? 133 ILE A CD1 1 
ATOM   996  N N   . TRP A 1 134 ? -7.302  4.281   -3.846  1.00 33.84 ? 134 TRP A N   1 
ATOM   997  C CA  . TRP A 1 134 ? -6.722  2.962   -3.738  1.00 32.33 ? 134 TRP A CA  1 
ATOM   998  C C   . TRP A 1 134 ? -5.722  2.886   -2.579  1.00 30.96 ? 134 TRP A C   1 
ATOM   999  O O   . TRP A 1 134 ? -4.586  3.362   -2.695  1.00 29.12 ? 134 TRP A O   1 
ATOM   1000 C CB  . TRP A 1 134 ? -6.040  2.584   -5.052  1.00 31.14 ? 134 TRP A CB  1 
ATOM   1001 C CG  . TRP A 1 134 ? -5.887  1.104   -5.226  1.00 32.23 ? 134 TRP A CG  1 
ATOM   1002 C CD1 . TRP A 1 134 ? -6.827  0.232   -5.710  1.00 34.23 ? 134 TRP A CD1 1 
ATOM   1003 C CD2 . TRP A 1 134 ? -4.728  0.319   -4.920  1.00 33.05 ? 134 TRP A CD2 1 
ATOM   1004 N NE1 . TRP A 1 134 ? -6.327  -1.047  -5.705  1.00 33.74 ? 134 TRP A NE1 1 
ATOM   1005 C CE2 . TRP A 1 134 ? -5.042  -1.022  -5.230  1.00 30.17 ? 134 TRP A CE2 1 
ATOM   1006 C CE3 . TRP A 1 134 ? -3.461  0.616   -4.404  1.00 28.80 ? 134 TRP A CE3 1 
ATOM   1007 C CZ2 . TRP A 1 134 ? -4.132  -2.057  -5.049  1.00 27.91 ? 134 TRP A CZ2 1 
ATOM   1008 C CZ3 . TRP A 1 134 ? -2.567  -0.401  -4.223  1.00 26.84 ? 134 TRP A CZ3 1 
ATOM   1009 C CH2 . TRP A 1 134 ? -2.899  -1.727  -4.552  1.00 30.43 ? 134 TRP A CH2 1 
ATOM   1010 N N   . TYR A 1 135 ? -6.153  2.286   -1.469  1.00 32.79 ? 135 TYR A N   1 
ATOM   1011 C CA  . TYR A 1 135 ? -5.318  2.126   -0.265  1.00 30.11 ? 135 TYR A CA  1 
ATOM   1012 C C   . TYR A 1 135 ? -4.439  3.328   0.128   1.00 30.82 ? 135 TYR A C   1 
ATOM   1013 O O   . TYR A 1 135 ? -3.222  3.173   0.341   1.00 30.68 ? 135 TYR A O   1 
ATOM   1014 C CB  . TYR A 1 135 ? -4.457  0.871   -0.394  1.00 29.54 ? 135 TYR A CB  1 
ATOM   1015 C CG  . TYR A 1 135 ? -5.294  -0.378  -0.430  1.00 33.29 ? 135 TYR A CG  1 
ATOM   1016 C CD1 . TYR A 1 135 ? -5.741  -0.975  0.751   1.00 34.77 ? 135 TYR A CD1 1 
ATOM   1017 C CD2 . TYR A 1 135 ? -5.673  -0.942  -1.637  1.00 31.33 ? 135 TYR A CD2 1 
ATOM   1018 C CE1 . TYR A 1 135 ? -6.531  -2.116  0.724   1.00 33.94 ? 135 TYR A CE1 1 
ATOM   1019 C CE2 . TYR A 1 135 ? -6.450  -2.084  -1.675  1.00 34.25 ? 135 TYR A CE2 1 
ATOM   1020 C CZ  . TYR A 1 135 ? -6.874  -2.667  -0.492  1.00 35.70 ? 135 TYR A CZ  1 
ATOM   1021 O OH  . TYR A 1 135 ? -7.655  -3.795  -0.532  1.00 34.01 ? 135 TYR A OH  1 
ATOM   1022 N N   . PRO A 1 136 ? -5.053  4.518   0.257   1.00 28.29 ? 136 PRO A N   1 
ATOM   1023 C CA  . PRO A 1 136 ? -4.321  5.757   0.564   1.00 21.79 ? 136 PRO A CA  1 
ATOM   1024 C C   . PRO A 1 136 ? -3.347  5.645   1.739   1.00 29.01 ? 136 PRO A C   1 
ATOM   1025 O O   . PRO A 1 136 ? -2.331  6.341   1.738   1.00 26.48 ? 136 PRO A O   1 
ATOM   1026 C CB  . PRO A 1 136 ? -5.440  6.747   0.911   1.00 22.66 ? 136 PRO A CB  1 
ATOM   1027 C CG  . PRO A 1 136 ? -6.653  5.919   1.151   1.00 24.45 ? 136 PRO A CG  1 
ATOM   1028 C CD  . PRO A 1 136 ? -6.512  4.729   0.267   1.00 26.84 ? 136 PRO A CD  1 
ATOM   1029 N N   . TYR A 1 137 ? -3.635  4.776   2.712   1.00 29.75 ? 137 TYR A N   1 
ATOM   1030 C CA  . TYR A 1 137 ? -2.737  4.601   3.840   1.00 25.65 ? 137 TYR A CA  1 
ATOM   1031 C C   . TYR A 1 137 ? -1.420  3.956   3.436   1.00 29.64 ? 137 TYR A C   1 
ATOM   1032 O O   . TYR A 1 137 ? -0.490  3.889   4.239   1.00 32.77 ? 137 TYR A O   1 
ATOM   1033 C CB  . TYR A 1 137 ? -3.390  3.765   4.936   1.00 31.32 ? 137 TYR A CB  1 
ATOM   1034 C CG  . TYR A 1 137 ? -4.241  4.546   5.901   1.00 27.63 ? 137 TYR A CG  1 
ATOM   1035 C CD1 . TYR A 1 137 ? -3.774  4.869   7.171   1.00 33.43 ? 137 TYR A CD1 1 
ATOM   1036 C CD2 . TYR A 1 137 ? -5.520  4.945   5.554   1.00 29.66 ? 137 TYR A CD2 1 
ATOM   1037 C CE1 . TYR A 1 137 ? -4.568  5.592   8.066   1.00 28.26 ? 137 TYR A CE1 1 
ATOM   1038 C CE2 . TYR A 1 137 ? -6.317  5.650   6.440   1.00 27.69 ? 137 TYR A CE2 1 
ATOM   1039 C CZ  . TYR A 1 137 ? -5.836  5.977   7.680   1.00 25.90 ? 137 TYR A CZ  1 
ATOM   1040 O OH  . TYR A 1 137 ? -6.640  6.687   8.531   1.00 36.41 ? 137 TYR A OH  1 
ATOM   1041 N N   . TYR A 1 138 ? -1.323  3.478   2.197   1.00 31.03 ? 138 TYR A N   1 
ATOM   1042 C CA  . TYR A 1 138 ? -0.122  2.755   1.799   1.00 29.23 ? 138 TYR A CA  1 
ATOM   1043 C C   . TYR A 1 138 ? 0.825   3.545   0.887   1.00 37.23 ? 138 TYR A C   1 
ATOM   1044 O O   . TYR A 1 138 ? 1.898   3.042   0.503   1.00 35.99 ? 138 TYR A O   1 
ATOM   1045 C CB  . TYR A 1 138 ? -0.491  1.361   1.285   1.00 28.90 ? 138 TYR A CB  1 
ATOM   1046 C CG  . TYR A 1 138 ? -1.024  0.563   2.433   1.00 31.80 ? 138 TYR A CG  1 
ATOM   1047 C CD1 . TYR A 1 138 ? -0.163  -0.159  3.266   1.00 33.35 ? 138 TYR A CD1 1 
ATOM   1048 C CD2 . TYR A 1 138 ? -2.378  0.606   2.761   1.00 28.42 ? 138 TYR A CD2 1 
ATOM   1049 C CE1 . TYR A 1 138 ? -0.647  -0.848  4.364   1.00 29.24 ? 138 TYR A CE1 1 
ATOM   1050 C CE2 . TYR A 1 138 ? -2.864  -0.072  3.866   1.00 31.01 ? 138 TYR A CE2 1 
ATOM   1051 C CZ  . TYR A 1 138 ? -1.998  -0.793  4.654   1.00 30.95 ? 138 TYR A CZ  1 
ATOM   1052 O OH  . TYR A 1 138 ? -2.494  -1.469  5.738   1.00 38.09 ? 138 TYR A OH  1 
ATOM   1053 N N   . VAL A 1 139 ? 0.448   4.794   0.587   1.00 29.38 ? 139 VAL A N   1 
ATOM   1054 C CA  . VAL A 1 139 ? 1.305   5.686   -0.175  1.00 27.10 ? 139 VAL A CA  1 
ATOM   1055 C C   . VAL A 1 139 ? 2.367   6.231   0.758   1.00 31.34 ? 139 VAL A C   1 
ATOM   1056 O O   . VAL A 1 139 ? 2.030   6.825   1.788   1.00 33.73 ? 139 VAL A O   1 
ATOM   1057 C CB  . VAL A 1 139 ? 0.517   6.904   -0.719  1.00 32.64 ? 139 VAL A CB  1 
ATOM   1058 C CG1 . VAL A 1 139 ? 1.435   7.826   -1.517  1.00 29.37 ? 139 VAL A CG1 1 
ATOM   1059 C CG2 . VAL A 1 139 ? -0.678  6.466   -1.546  1.00 22.50 ? 139 VAL A CG2 1 
ATOM   1060 N N   . SER A 1 140 ? 3.643   6.064   0.417   1.00 29.90 ? 140 SER A N   1 
ATOM   1061 C CA  . SER A 1 140 ? 4.679   6.718   1.223   1.00 36.09 ? 140 SER A CA  1 
ATOM   1062 C C   . SER A 1 140 ? 4.861   8.213   0.912   1.00 33.88 ? 140 SER A C   1 
ATOM   1063 O O   . SER A 1 140 ? 5.107   9.003   1.818   1.00 38.97 ? 140 SER A O   1 
ATOM   1064 C CB  . SER A 1 140 ? 6.013   5.957   1.221   1.00 35.00 ? 140 SER A CB  1 
ATOM   1065 O OG  . SER A 1 140 ? 6.251   5.335   -0.015  1.00 47.83 ? 140 SER A OG  1 
ATOM   1066 N N   . TYR A 1 141 ? 4.704   8.600   -0.348  1.00 33.05 ? 141 TYR A N   1 
ATOM   1067 C CA  . TYR A 1 141 ? 4.752   10.017  -0.721  1.00 33.82 ? 141 TYR A CA  1 
ATOM   1068 C C   . TYR A 1 141 ? 4.260   10.247  -2.137  1.00 31.90 ? 141 TYR A C   1 
ATOM   1069 O O   . TYR A 1 141 ? 4.118   9.312   -2.935  1.00 34.37 ? 141 TYR A O   1 
ATOM   1070 C CB  . TYR A 1 141 ? 6.164   10.610  -0.565  1.00 31.04 ? 141 TYR A CB  1 
ATOM   1071 C CG  . TYR A 1 141 ? 7.215   9.996   -1.467  1.00 33.42 ? 141 TYR A CG  1 
ATOM   1072 C CD1 . TYR A 1 141 ? 7.526   10.564  -2.690  1.00 35.43 ? 141 TYR A CD1 1 
ATOM   1073 C CD2 . TYR A 1 141 ? 7.897   8.843   -1.088  1.00 38.01 ? 141 TYR A CD2 1 
ATOM   1074 C CE1 . TYR A 1 141 ? 8.489   10.007  -3.516  1.00 33.88 ? 141 TYR A CE1 1 
ATOM   1075 C CE2 . TYR A 1 141 ? 8.855   8.277   -1.904  1.00 36.44 ? 141 TYR A CE2 1 
ATOM   1076 C CZ  . TYR A 1 141 ? 9.150   8.862   -3.124  1.00 42.36 ? 141 TYR A CZ  1 
ATOM   1077 O OH  . TYR A 1 141 ? 10.108  8.294   -3.952  1.00 43.26 ? 141 TYR A OH  1 
ATOM   1078 N N   . TYR A 1 142 ? 3.986   11.504  -2.443  1.00 33.48 ? 142 TYR A N   1 
ATOM   1079 C CA  . TYR A 1 142 ? 3.582   11.890  -3.783  1.00 29.21 ? 142 TYR A CA  1 
ATOM   1080 C C   . TYR A 1 142 ? 4.687   12.765  -4.301  1.00 28.82 ? 142 TYR A C   1 
ATOM   1081 O O   . TYR A 1 142 ? 5.198   13.588  -3.549  1.00 29.36 ? 142 TYR A O   1 
ATOM   1082 C CB  . TYR A 1 142 ? 2.277   12.683  -3.743  1.00 25.40 ? 142 TYR A CB  1 
ATOM   1083 C CG  . TYR A 1 142 ? 1.091   11.879  -3.269  1.00 27.35 ? 142 TYR A CG  1 
ATOM   1084 C CD1 . TYR A 1 142 ? 0.352   11.115  -4.156  1.00 25.58 ? 142 TYR A CD1 1 
ATOM   1085 C CD2 . TYR A 1 142 ? 0.712   11.877  -1.924  1.00 30.64 ? 142 TYR A CD2 1 
ATOM   1086 C CE1 . TYR A 1 142 ? -0.740  10.359  -3.720  1.00 28.11 ? 142 TYR A CE1 1 
ATOM   1087 C CE2 . TYR A 1 142 ? -0.378  11.122  -1.476  1.00 25.13 ? 142 TYR A CE2 1 
ATOM   1088 C CZ  . TYR A 1 142 ? -1.091  10.372  -2.380  1.00 26.23 ? 142 TYR A CZ  1 
ATOM   1089 O OH  . TYR A 1 142 ? -2.155  9.635   -1.950  1.00 27.84 ? 142 TYR A OH  1 
ATOM   1090 N N   . ARG A 1 143 ? 5.070   12.593  -5.565  1.00 25.74 ? 143 ARG A N   1 
ATOM   1091 C CA  . ARG A 1 143 ? 5.949   13.563  -6.208  1.00 29.93 ? 143 ARG A CA  1 
ATOM   1092 C C   . ARG A 1 143 ? 5.121   14.527  -7.064  1.00 27.87 ? 143 ARG A C   1 
ATOM   1093 O O   . ARG A 1 143 ? 4.321   14.092  -7.889  1.00 29.12 ? 143 ARG A O   1 
ATOM   1094 C CB  . ARG A 1 143 ? 7.033   12.870  -7.044  1.00 35.86 ? 143 ARG A CB  1 
ATOM   1095 C CG  . ARG A 1 143 ? 7.964   13.857  -7.754  1.00 35.32 ? 143 ARG A CG  1 
ATOM   1096 C CD  . ARG A 1 143 ? 9.282   13.213  -8.169  1.00 42.54 ? 143 ARG A CD  1 
ATOM   1097 N NE  . ARG A 1 143 ? 10.055  12.734  -7.024  1.00 45.32 ? 143 ARG A NE  1 
ATOM   1098 C CZ  . ARG A 1 143 ? 11.005  13.436  -6.410  1.00 49.16 ? 143 ARG A CZ  1 
ATOM   1099 N NH1 . ARG A 1 143 ? 11.309  14.662  -6.829  1.00 39.12 ? 143 ARG A NH1 1 
ATOM   1100 N NH2 . ARG A 1 143 ? 11.654  12.909  -5.378  1.00 50.19 ? 143 ARG A NH2 1 
ATOM   1101 N N   . ILE A 1 144 ? 5.293   15.829  -6.848  1.00 31.93 ? 144 ILE A N   1 
ATOM   1102 C CA  . ILE A 1 144 ? 4.565   16.857  -7.601  1.00 29.29 ? 144 ILE A CA  1 
ATOM   1103 C C   . ILE A 1 144 ? 5.530   17.545  -8.553  1.00 29.91 ? 144 ILE A C   1 
ATOM   1104 O O   . ILE A 1 144 ? 6.517   18.142  -8.112  1.00 33.30 ? 144 ILE A O   1 
ATOM   1105 C CB  . ILE A 1 144 ? 3.965   17.967  -6.682  1.00 32.70 ? 144 ILE A CB  1 
ATOM   1106 C CG1 . ILE A 1 144 ? 2.765   17.449  -5.879  1.00 34.50 ? 144 ILE A CG1 1 
ATOM   1107 C CG2 . ILE A 1 144 ? 3.521   19.174  -7.504  1.00 27.56 ? 144 ILE A CG2 1 
ATOM   1108 C CD1 . ILE A 1 144 ? 3.130   16.506  -4.796  1.00 30.46 ? 144 ILE A CD1 1 
ATOM   1109 N N   . THR A 1 145 ? 5.264   17.473  -9.849  1.00 28.70 ? 145 THR A N   1 
ATOM   1110 C CA  . THR A 1 145 ? 6.079   18.221  -10.809 1.00 32.76 ? 145 THR A CA  1 
ATOM   1111 C C   . THR A 1 145 ? 5.251   19.315  -11.480 1.00 31.72 ? 145 THR A C   1 
ATOM   1112 O O   . THR A 1 145 ? 4.035   19.170  -11.644 1.00 29.19 ? 145 THR A O   1 
ATOM   1113 C CB  . THR A 1 145 ? 6.693   17.304  -11.881 1.00 29.66 ? 145 THR A CB  1 
ATOM   1114 O OG1 . THR A 1 145 ? 5.668   16.905  -12.790 1.00 29.45 ? 145 THR A OG1 1 
ATOM   1115 C CG2 . THR A 1 145 ? 7.318   16.060  -11.245 1.00 25.73 ? 145 THR A CG2 1 
ATOM   1116 N N   . TYR A 1 146 ? 5.913   20.407  -11.854 1.00 30.99 ? 146 TYR A N   1 
ATOM   1117 C CA  . TYR A 1 146 ? 5.256   21.514  -12.542 1.00 34.26 ? 146 TYR A CA  1 
ATOM   1118 C C   . TYR A 1 146 ? 6.268   22.322  -13.351 1.00 40.74 ? 146 TYR A C   1 
ATOM   1119 O O   . TYR A 1 146 ? 7.363   22.623  -12.864 1.00 38.69 ? 146 TYR A O   1 
ATOM   1120 C CB  . TYR A 1 146 ? 4.521   22.439  -11.553 1.00 31.77 ? 146 TYR A CB  1 
ATOM   1121 C CG  . TYR A 1 146 ? 5.428   23.216  -10.627 1.00 30.92 ? 146 TYR A CG  1 
ATOM   1122 C CD1 . TYR A 1 146 ? 5.930   24.467  -10.988 1.00 33.94 ? 146 TYR A CD1 1 
ATOM   1123 C CD2 . TYR A 1 146 ? 5.786   22.704  -9.392  1.00 32.20 ? 146 TYR A CD2 1 
ATOM   1124 C CE1 . TYR A 1 146 ? 6.764   25.182  -10.134 1.00 34.68 ? 146 TYR A CE1 1 
ATOM   1125 C CE2 . TYR A 1 146 ? 6.618   23.412  -8.533  1.00 33.17 ? 146 TYR A CE2 1 
ATOM   1126 C CZ  . TYR A 1 146 ? 7.104   24.643  -8.909  1.00 33.37 ? 146 TYR A CZ  1 
ATOM   1127 O OH  . TYR A 1 146 ? 7.933   25.333  -8.057  1.00 35.69 ? 146 TYR A OH  1 
ATOM   1128 N N   . GLY A 1 147 ? 5.897   22.654  -14.590 1.00 41.26 ? 147 GLY A N   1 
ATOM   1129 C CA  . GLY A 1 147 ? 6.681   23.530  -15.441 1.00 38.17 ? 147 GLY A CA  1 
ATOM   1130 C C   . GLY A 1 147 ? 5.836   24.128  -16.560 1.00 36.70 ? 147 GLY A C   1 
ATOM   1131 O O   . GLY A 1 147 ? 4.688   23.718  -16.764 1.00 35.25 ? 147 GLY A O   1 
ATOM   1132 N N   . GLU A 1 148 ? 6.393   25.096  -17.284 1.00 39.98 ? 148 GLU A N   1 
ATOM   1133 C CA  . GLU A 1 148 ? 5.687   25.682  -18.426 1.00 46.73 ? 148 GLU A CA  1 
ATOM   1134 C C   . GLU A 1 148 ? 5.271   24.604  -19.429 1.00 47.57 ? 148 GLU A C   1 
ATOM   1135 O O   . GLU A 1 148 ? 6.066   23.716  -19.756 1.00 41.26 ? 148 GLU A O   1 
ATOM   1136 C CB  . GLU A 1 148 ? 6.570   26.694  -19.149 1.00 49.08 ? 148 GLU A CB  1 
ATOM   1137 C CG  . GLU A 1 148 ? 7.090   27.841  -18.309 1.00 51.34 ? 148 GLU A CG  1 
ATOM   1138 C CD  . GLU A 1 148 ? 7.850   28.867  -19.157 1.00 66.68 ? 148 GLU A CD  1 
ATOM   1139 O OE1 . GLU A 1 148 ? 9.019   29.161  -18.809 1.00 73.78 ? 148 GLU A OE1 1 
ATOM   1140 O OE2 . GLU A 1 148 ? 7.284   29.368  -20.169 1.00 48.00 ? 148 GLU A OE2 1 
ATOM   1141 N N   . THR A 1 149 ? 4.027   24.671  -19.908 1.00 42.54 ? 149 THR A N   1 
ATOM   1142 C CA  . THR A 1 149 ? 3.584   23.744  -20.946 1.00 47.34 ? 149 THR A CA  1 
ATOM   1143 C C   . THR A 1 149 ? 4.342   24.055  -22.221 1.00 50.38 ? 149 THR A C   1 
ATOM   1144 O O   . THR A 1 149 ? 4.362   25.194  -22.664 1.00 51.18 ? 149 THR A O   1 
ATOM   1145 C CB  . THR A 1 149 ? 2.086   23.867  -21.237 1.00 47.59 ? 149 THR A CB  1 
ATOM   1146 O OG1 . THR A 1 149 ? 1.331   23.483  -20.080 1.00 44.20 ? 149 THR A OG1 1 
ATOM   1147 C CG2 . THR A 1 149 ? 1.711   22.966  -22.402 1.00 47.19 ? 149 THR A CG2 1 
ATOM   1148 N N   . GLY A 1 150 ? 4.970   23.041  -22.806 1.00 60.17 ? 150 GLY A N   1 
ATOM   1149 C CA  . GLY A 1 150 ? 5.834   23.233  -23.963 1.00 60.09 ? 150 GLY A CA  1 
ATOM   1150 C C   . GLY A 1 150 ? 7.288   23.266  -23.523 1.00 69.86 ? 150 GLY A C   1 
ATOM   1151 O O   . GLY A 1 150 ? 7.680   22.515  -22.614 1.00 75.01 ? 150 GLY A O   1 
ATOM   1152 N N   . GLY A 1 151 ? 8.094   24.131  -24.144 1.00 63.09 ? 151 GLY A N   1 
ATOM   1153 C CA  . GLY A 1 151 ? 9.470   24.324  -23.702 1.00 71.34 ? 151 GLY A CA  1 
ATOM   1154 C C   . GLY A 1 151 ? 9.457   24.994  -22.337 1.00 66.37 ? 151 GLY A C   1 
ATOM   1155 O O   . GLY A 1 151 ? 8.385   25.396  -21.874 1.00 63.29 ? 151 GLY A O   1 
ATOM   1156 N N   . ASN A 1 152 ? 10.603  25.130  -21.672 1.00 65.44 ? 152 ASN A N   1 
ATOM   1157 C CA  . ASN A 1 152 ? 11.910  24.692  -22.140 1.00 63.07 ? 152 ASN A CA  1 
ATOM   1158 C C   . ASN A 1 152 ? 12.722  24.150  -20.964 1.00 59.03 ? 152 ASN A C   1 
ATOM   1159 O O   . ASN A 1 152 ? 13.196  23.019  -20.987 1.00 67.07 ? 152 ASN A O   1 
ATOM   1160 C CB  . ASN A 1 152 ? 12.656  25.876  -22.771 1.00 70.21 ? 152 ASN A CB  1 
ATOM   1161 C CG  . ASN A 1 152 ? 12.557  27.162  -21.924 1.00 74.83 ? 152 ASN A CG  1 
ATOM   1162 O OD1 . ASN A 1 152 ? 13.325  27.363  -20.972 1.00 70.13 ? 152 ASN A OD1 1 
ATOM   1163 N ND2 . ASN A 1 152 ? 11.609  28.033  -22.275 1.00 69.27 ? 152 ASN A ND2 1 
ATOM   1164 N N   . SER A 1 153 ? 12.841  24.972  -19.923 1.00 64.07 ? 153 SER A N   1 
ATOM   1165 C CA  . SER A 1 153 ? 13.689  24.716  -18.755 1.00 63.96 ? 153 SER A CA  1 
ATOM   1166 C C   . SER A 1 153 ? 13.263  23.519  -17.881 1.00 57.05 ? 153 SER A C   1 
ATOM   1167 O O   . SER A 1 153 ? 12.185  22.959  -18.078 1.00 54.78 ? 153 SER A O   1 
ATOM   1168 C CB  . SER A 1 153 ? 13.801  26.003  -17.913 1.00 60.22 ? 153 SER A CB  1 
ATOM   1169 O OG  . SER A 1 153 ? 12.534  26.580  -17.688 1.00 61.28 ? 153 SER A OG  1 
ATOM   1170 N N   . PRO A 1 154 ? 14.140  23.098  -16.946 1.00 56.05 ? 154 PRO A N   1 
ATOM   1171 C CA  . PRO A 1 154 ? 13.830  22.057  -15.965 1.00 53.96 ? 154 PRO A CA  1 
ATOM   1172 C C   . PRO A 1 154 ? 12.435  22.184  -15.355 1.00 45.43 ? 154 PRO A C   1 
ATOM   1173 O O   . PRO A 1 154 ? 12.080  23.279  -14.912 1.00 44.28 ? 154 PRO A O   1 
ATOM   1174 C CB  . PRO A 1 154 ? 14.878  22.309  -14.869 1.00 49.71 ? 154 PRO A CB  1 
ATOM   1175 C CG  . PRO A 1 154 ? 16.007  23.089  -15.548 1.00 46.24 ? 154 PRO A CG  1 
ATOM   1176 C CD  . PRO A 1 154 ? 15.588  23.372  -16.963 1.00 57.70 ? 154 PRO A CD  1 
ATOM   1177 N N   . VAL A 1 155 ? 11.661  21.098  -15.343 1.00 38.31 ? 155 VAL A N   1 
ATOM   1178 C CA  . VAL A 1 155 ? 10.443  21.091  -14.549 1.00 38.50 ? 155 VAL A CA  1 
ATOM   1179 C C   . VAL A 1 155 ? 10.862  21.114  -13.068 1.00 34.80 ? 155 VAL A C   1 
ATOM   1180 O O   . VAL A 1 155 ? 11.914  20.582  -12.703 1.00 30.19 ? 155 VAL A O   1 
ATOM   1181 C CB  . VAL A 1 155 ? 9.499   19.896  -14.882 1.00 36.21 ? 155 VAL A CB  1 
ATOM   1182 C CG1 . VAL A 1 155 ? 9.536   19.568  -16.372 1.00 32.50 ? 155 VAL A CG1 1 
ATOM   1183 C CG2 . VAL A 1 155 ? 9.861   18.679  -14.070 1.00 38.49 ? 155 VAL A CG2 1 
ATOM   1184 N N   . GLN A 1 156 ? 10.070  21.785  -12.235 1.00 36.22 ? 156 GLN A N   1 
ATOM   1185 C CA  . GLN A 1 156 ? 10.328  21.832  -10.801 1.00 35.54 ? 156 GLN A CA  1 
ATOM   1186 C C   . GLN A 1 156 ? 9.626   20.653  -10.124 1.00 33.08 ? 156 GLN A C   1 
ATOM   1187 O O   . GLN A 1 156 ? 8.553   20.226  -10.561 1.00 33.55 ? 156 GLN A O   1 
ATOM   1188 C CB  . GLN A 1 156 ? 9.818   23.142  -10.217 1.00 37.63 ? 156 GLN A CB  1 
ATOM   1189 C CG  . GLN A 1 156 ? 10.394  24.387  -10.867 1.00 37.74 ? 156 GLN A CG  1 
ATOM   1190 C CD  . GLN A 1 156 ? 11.816  24.655  -10.434 1.00 40.92 ? 156 GLN A CD  1 
ATOM   1191 O OE1 . GLN A 1 156 ? 12.104  24.778  -9.240  1.00 43.64 ? 156 GLN A OE1 1 
ATOM   1192 N NE2 . GLN A 1 156 ? 12.722  24.735  -11.402 1.00 43.38 ? 156 GLN A NE2 1 
ATOM   1193 N N   . GLU A 1 157 ? 10.240  20.109  -9.077  1.00 33.82 ? 157 GLU A N   1 
ATOM   1194 C CA  . GLU A 1 157 ? 9.656   18.986  -8.342  1.00 34.50 ? 157 GLU A CA  1 
ATOM   1195 C C   . GLU A 1 157 ? 9.768   19.148  -6.827  1.00 38.22 ? 157 GLU A C   1 
ATOM   1196 O O   . GLU A 1 157 ? 10.665  19.825  -6.312  1.00 34.95 ? 157 GLU A O   1 
ATOM   1197 C CB  . GLU A 1 157 ? 10.336  17.671  -8.716  1.00 28.47 ? 157 GLU A CB  1 
ATOM   1198 C CG  . GLU A 1 157 ? 10.898  17.616  -10.120 1.00 41.47 ? 157 GLU A CG  1 
ATOM   1199 C CD  . GLU A 1 157 ? 11.664  16.331  -10.380 1.00 45.88 ? 157 GLU A CD  1 
ATOM   1200 O OE1 . GLU A 1 157 ? 11.358  15.319  -9.694  1.00 44.59 ? 157 GLU A OE1 1 
ATOM   1201 O OE2 . GLU A 1 157 ? 12.571  16.342  -11.252 1.00 42.92 ? 157 GLU A OE2 1 
ATOM   1202 N N   . PHE A 1 158 ? 8.858   18.492  -6.120  1.00 33.90 ? 158 PHE A N   1 
ATOM   1203 C CA  . PHE A 1 158 ? 8.974   18.334  -4.690  1.00 33.18 ? 158 PHE A CA  1 
ATOM   1204 C C   . PHE A 1 158 ? 8.117   17.141  -4.287  1.00 28.60 ? 158 PHE A C   1 
ATOM   1205 O O   . PHE A 1 158 ? 7.294   16.671  -5.073  1.00 28.14 ? 158 PHE A O   1 
ATOM   1206 C CB  . PHE A 1 158 ? 8.585   19.622  -3.937  1.00 30.09 ? 158 PHE A CB  1 
ATOM   1207 C CG  . PHE A 1 158 ? 7.144   20.049  -4.112  1.00 31.27 ? 158 PHE A CG  1 
ATOM   1208 C CD1 . PHE A 1 158 ? 6.147   19.549  -3.280  1.00 28.42 ? 158 PHE A CD1 1 
ATOM   1209 C CD2 . PHE A 1 158 ? 6.794   20.998  -5.069  1.00 32.39 ? 158 PHE A CD2 1 
ATOM   1210 C CE1 . PHE A 1 158 ? 4.822   19.960  -3.439  1.00 30.15 ? 158 PHE A CE1 1 
ATOM   1211 C CE2 . PHE A 1 158 ? 5.474   21.418  -5.215  1.00 30.72 ? 158 PHE A CE2 1 
ATOM   1212 C CZ  . PHE A 1 158 ? 4.492   20.897  -4.405  1.00 26.85 ? 158 PHE A CZ  1 
ATOM   1213 N N   . THR A 1 159 ? 8.330   16.628  -3.084  1.00 29.26 ? 159 THR A N   1 
ATOM   1214 C CA  . THR A 1 159 ? 7.537   15.502  -2.600  1.00 29.26 ? 159 THR A CA  1 
ATOM   1215 C C   . THR A 1 159 ? 6.736   15.938  -1.392  1.00 28.96 ? 159 THR A C   1 
ATOM   1216 O O   . THR A 1 159 ? 7.208   16.747  -0.598  1.00 35.80 ? 159 THR A O   1 
ATOM   1217 C CB  . THR A 1 159 ? 8.427   14.329  -2.182  1.00 31.84 ? 159 THR A CB  1 
ATOM   1218 O OG1 . THR A 1 159 ? 9.128   14.689  -0.992  1.00 32.42 ? 159 THR A OG1 1 
ATOM   1219 C CG2 . THR A 1 159 ? 9.437   13.987  -3.287  1.00 31.09 ? 159 THR A CG2 1 
ATOM   1220 N N   . VAL A 1 160 ? 5.510   15.444  -1.270  1.00 31.05 ? 160 VAL A N   1 
ATOM   1221 C CA  . VAL A 1 160 ? 4.722   15.693  -0.066  1.00 30.41 ? 160 VAL A CA  1 
ATOM   1222 C C   . VAL A 1 160 ? 4.436   14.330  0.522   1.00 34.83 ? 160 VAL A C   1 
ATOM   1223 O O   . VAL A 1 160 ? 4.345   13.347  -0.210  1.00 29.03 ? 160 VAL A O   1 
ATOM   1224 C CB  . VAL A 1 160 ? 3.405   16.449  -0.349  1.00 34.51 ? 160 VAL A CB  1 
ATOM   1225 C CG1 . VAL A 1 160 ? 3.692   17.829  -0.959  1.00 35.35 ? 160 VAL A CG1 1 
ATOM   1226 C CG2 . VAL A 1 160 ? 2.497   15.651  -1.264  1.00 32.08 ? 160 VAL A CG2 1 
ATOM   1227 N N   . PRO A 1 161 ? 4.341   14.251  1.855   1.00 39.37 ? 161 PRO A N   1 
ATOM   1228 C CA  . PRO A 1 161 ? 4.158   12.944  2.497   1.00 33.17 ? 161 PRO A CA  1 
ATOM   1229 C C   . PRO A 1 161 ? 2.845   12.277  2.101   1.00 34.15 ? 161 PRO A C   1 
ATOM   1230 O O   . PRO A 1 161 ? 1.915   12.969  1.660   1.00 33.89 ? 161 PRO A O   1 
ATOM   1231 C CB  . PRO A 1 161 ? 4.164   13.294  3.986   1.00 36.81 ? 161 PRO A CB  1 
ATOM   1232 C CG  . PRO A 1 161 ? 5.022   14.540  4.051   1.00 37.64 ? 161 PRO A CG  1 
ATOM   1233 C CD  . PRO A 1 161 ? 4.627   15.319  2.832   1.00 36.69 ? 161 PRO A CD  1 
ATOM   1234 N N   . GLY A 1 162 ? 2.776   10.953  2.251   1.00 29.56 ? 162 GLY A N   1 
ATOM   1235 C CA  . GLY A 1 162 ? 1.602   10.192  1.854   1.00 28.97 ? 162 GLY A CA  1 
ATOM   1236 C C   . GLY A 1 162 ? 0.349   10.508  2.648   1.00 30.22 ? 162 GLY A C   1 
ATOM   1237 O O   . GLY A 1 162 ? -0.766  10.282  2.177   1.00 37.23 ? 162 GLY A O   1 
ATOM   1238 N N   . TYR A 1 163 ? 0.520   11.035  3.852   1.00 30.11 ? 163 TYR A N   1 
ATOM   1239 C CA  . TYR A 1 163 ? -0.625  11.352  4.696   1.00 35.00 ? 163 TYR A CA  1 
ATOM   1240 C C   . TYR A 1 163 ? -1.287  12.669  4.282   1.00 38.65 ? 163 TYR A C   1 
ATOM   1241 O O   . TYR A 1 163 ? -2.191  13.167  4.965   1.00 43.15 ? 163 TYR A O   1 
ATOM   1242 C CB  . TYR A 1 163 ? -0.227  11.364  6.186   1.00 36.06 ? 163 TYR A CB  1 
ATOM   1243 C CG  . TYR A 1 163 ? 0.962   12.252  6.566   1.00 37.47 ? 163 TYR A CG  1 
ATOM   1244 C CD1 . TYR A 1 163 ? 0.876   13.631  6.487   1.00 42.76 ? 163 TYR A CD1 1 
ATOM   1245 C CD2 . TYR A 1 163 ? 2.158   11.707  7.029   1.00 38.18 ? 163 TYR A CD2 1 
ATOM   1246 C CE1 . TYR A 1 163 ? 1.943   14.454  6.846   1.00 46.24 ? 163 TYR A CE1 1 
ATOM   1247 C CE2 . TYR A 1 163 ? 3.237   12.518  7.385   1.00 38.66 ? 163 TYR A CE2 1 
ATOM   1248 C CZ  . TYR A 1 163 ? 3.119   13.894  7.294   1.00 41.82 ? 163 TYR A CZ  1 
ATOM   1249 O OH  . TYR A 1 163 ? 4.167   14.733  7.639   1.00 49.05 ? 163 TYR A OH  1 
ATOM   1250 N N   . SER A 1 164 ? -0.832  13.213  3.154   1.00 38.00 ? 164 SER A N   1 
ATOM   1251 C CA  . SER A 1 164 ? -1.263  14.512  2.651   1.00 33.52 ? 164 SER A CA  1 
ATOM   1252 C C   . SER A 1 164 ? -2.048  14.401  1.327   1.00 32.98 ? 164 SER A C   1 
ATOM   1253 O O   . SER A 1 164 ? -1.773  13.532  0.504   1.00 39.85 ? 164 SER A O   1 
ATOM   1254 C CB  . SER A 1 164 ? -0.030  15.392  2.463   1.00 37.72 ? 164 SER A CB  1 
ATOM   1255 O OG  . SER A 1 164 ? -0.351  16.630  1.850   1.00 44.66 ? 164 SER A OG  1 
ATOM   1256 N N   . SER A 1 165 ? -2.990  15.314  1.114   1.00 31.62 ? 165 SER A N   1 
ATOM   1257 C CA  . SER A 1 165 ? -3.921  15.257  -0.001  1.00 26.41 ? 165 SER A CA  1 
ATOM   1258 C C   . SER A 1 165 ? -3.928  16.575  -0.782  1.00 33.24 ? 165 SER A C   1 
ATOM   1259 O O   . SER A 1 165 ? -4.740  16.785  -1.696  1.00 31.60 ? 165 SER A O   1 
ATOM   1260 C CB  . SER A 1 165 ? -5.307  15.073  0.575   1.00 24.30 ? 165 SER A CB  1 
ATOM   1261 O OG  . SER A 1 165 ? -5.881  13.894  0.109   1.00 36.91 ? 165 SER A OG  1 
ATOM   1262 N N   . THR A 1 166 ? -3.053  17.493  -0.392  1.00 32.62 ? 166 THR A N   1 
ATOM   1263 C CA  . THR A 1 166 ? -3.048  18.829  -0.968  1.00 27.35 ? 166 THR A CA  1 
ATOM   1264 C C   . THR A 1 166 ? -1.611  19.312  -1.021  1.00 29.51 ? 166 THR A C   1 
ATOM   1265 O O   . THR A 1 166 ? -0.750  18.783  -0.324  1.00 33.07 ? 166 THR A O   1 
ATOM   1266 C CB  . THR A 1 166 ? -3.817  19.811  -0.065  1.00 29.24 ? 166 THR A CB  1 
ATOM   1267 O OG1 . THR A 1 166 ? -3.245  19.773  1.245   1.00 29.18 ? 166 THR A OG1 1 
ATOM   1268 C CG2 . THR A 1 166 ? -5.309  19.455  0.019   1.00 27.37 ? 166 THR A CG2 1 
ATOM   1269 N N   . ALA A 1 167 ? -1.342  20.326  -1.827  1.00 28.40 ? 167 ALA A N   1 
ATOM   1270 C CA  . ALA A 1 167 ? -0.026  20.930  -1.795  1.00 27.38 ? 167 ALA A CA  1 
ATOM   1271 C C   . ALA A 1 167 ? -0.113  22.350  -2.274  1.00 32.51 ? 167 ALA A C   1 
ATOM   1272 O O   . ALA A 1 167 ? -1.128  22.765  -2.841  1.00 32.70 ? 167 ALA A O   1 
ATOM   1273 C CB  . ALA A 1 167 ? 0.947   20.154  -2.643  1.00 28.69 ? 167 ALA A CB  1 
ATOM   1274 N N   . THR A 1 168 ? 0.975   23.081  -2.048  1.00 35.89 ? 168 THR A N   1 
ATOM   1275 C CA  . THR A 1 168 ? 1.084   24.478  -2.433  1.00 38.21 ? 168 THR A CA  1 
ATOM   1276 C C   . THR A 1 168 ? 2.252   24.694  -3.384  1.00 34.04 ? 168 THR A C   1 
ATOM   1277 O O   . THR A 1 168 ? 3.391   24.392  -3.054  1.00 32.50 ? 168 THR A O   1 
ATOM   1278 C CB  . THR A 1 168 ? 1.268   25.388  -1.215  1.00 32.39 ? 168 THR A CB  1 
ATOM   1279 O OG1 . THR A 1 168 ? 0.016   25.506  -0.534  1.00 35.17 ? 168 THR A OG1 1 
ATOM   1280 C CG2 . THR A 1 168 ? 1.714   26.779  -1.664  1.00 42.31 ? 168 THR A CG2 1 
ATOM   1281 N N   . ILE A 1 169 ? 1.956   25.224  -4.563  1.00 35.30 ? 169 ILE A N   1 
ATOM   1282 C CA  . ILE A 1 169 ? 2.982   25.519  -5.544  1.00 35.49 ? 169 ILE A CA  1 
ATOM   1283 C C   . ILE A 1 169 ? 3.165   27.019  -5.551  1.00 42.37 ? 169 ILE A C   1 
ATOM   1284 O O   . ILE A 1 169 ? 2.189   27.766  -5.593  1.00 46.20 ? 169 ILE A O   1 
ATOM   1285 C CB  . ILE A 1 169 ? 2.556   25.040  -6.921  1.00 35.31 ? 169 ILE A CB  1 
ATOM   1286 C CG1 . ILE A 1 169 ? 2.467   23.512  -6.916  1.00 32.90 ? 169 ILE A CG1 1 
ATOM   1287 C CG2 . ILE A 1 169 ? 3.508   25.558  -7.994  1.00 34.95 ? 169 ILE A CG2 1 
ATOM   1288 C CD1 . ILE A 1 169 ? 1.966   22.936  -8.191  1.00 34.15 ? 169 ILE A CD1 1 
ATOM   1289 N N   . SER A 1 170 ? 4.410   27.468  -5.506  1.00 43.71 ? 170 SER A N   1 
ATOM   1290 C CA  . SER A 1 170 ? 4.674   28.887  -5.350  1.00 36.86 ? 170 SER A CA  1 
ATOM   1291 C C   . SER A 1 170 ? 5.748   29.381  -6.315  1.00 37.81 ? 170 SER A C   1 
ATOM   1292 O O   . SER A 1 170 ? 6.361   28.592  -7.035  1.00 38.46 ? 170 SER A O   1 
ATOM   1293 C CB  . SER A 1 170 ? 5.075   29.163  -3.911  1.00 35.37 ? 170 SER A CB  1 
ATOM   1294 O OG  . SER A 1 170 ? 5.353   30.527  -3.748  1.00 48.67 ? 170 SER A OG  1 
ATOM   1295 N N   . GLY A 1 171 ? 5.960   30.691  -6.340  1.00 44.36 ? 171 GLY A N   1 
ATOM   1296 C CA  . GLY A 1 171 ? 6.932   31.294  -7.239  1.00 42.30 ? 171 GLY A CA  1 
ATOM   1297 C C   . GLY A 1 171 ? 6.661   31.030  -8.708  1.00 41.97 ? 171 GLY A C   1 
ATOM   1298 O O   . GLY A 1 171 ? 7.565   30.635  -9.448  1.00 37.42 ? 171 GLY A O   1 
ATOM   1299 N N   . LEU A 1 172 ? 5.419   31.236  -9.140  1.00 41.80 ? 172 LEU A N   1 
ATOM   1300 C CA  . LEU A 1 172 ? 5.081   31.056  -10.554 1.00 43.50 ? 172 LEU A CA  1 
ATOM   1301 C C   . LEU A 1 172 ? 5.000   32.409  -11.273 1.00 42.06 ? 172 LEU A C   1 
ATOM   1302 O O   . LEU A 1 172 ? 4.772   33.441  -10.634 1.00 41.68 ? 172 LEU A O   1 
ATOM   1303 C CB  . LEU A 1 172 ? 3.762   30.294  -10.694 1.00 40.26 ? 172 LEU A CB  1 
ATOM   1304 C CG  . LEU A 1 172 ? 3.714   28.890  -10.079 1.00 43.40 ? 172 LEU A CG  1 
ATOM   1305 C CD1 . LEU A 1 172 ? 2.283   28.330  -10.089 1.00 36.59 ? 172 LEU A CD1 1 
ATOM   1306 C CD2 . LEU A 1 172 ? 4.693   27.940  -10.795 1.00 31.96 ? 172 LEU A CD2 1 
ATOM   1307 N N   . SER A 1 173 ? 5.196   32.406  -12.591 1.00 39.65 ? 173 SER A N   1 
ATOM   1308 C CA  . SER A 1 173 ? 5.075   33.633  -13.389 1.00 43.54 ? 173 SER A CA  1 
ATOM   1309 C C   . SER A 1 173 ? 3.627   33.850  -13.799 1.00 44.37 ? 173 SER A C   1 
ATOM   1310 O O   . SER A 1 173 ? 2.970   32.911  -14.258 1.00 46.36 ? 173 SER A O   1 
ATOM   1311 C CB  . SER A 1 173 ? 5.911   33.547  -14.672 1.00 42.53 ? 173 SER A CB  1 
ATOM   1312 O OG  . SER A 1 173 ? 7.078   32.768  -14.487 1.00 50.58 ? 173 SER A OG  1 
ATOM   1313 N N   . PRO A 1 174 ? 3.121   35.084  -13.652 1.00 40.00 ? 174 PRO A N   1 
ATOM   1314 C CA  . PRO A 1 174 ? 1.775   35.371  -14.160 1.00 39.99 ? 174 PRO A CA  1 
ATOM   1315 C C   . PRO A 1 174 ? 1.744   35.173  -15.675 1.00 45.41 ? 174 PRO A C   1 
ATOM   1316 O O   . PRO A 1 174 ? 2.774   35.354  -16.330 1.00 50.26 ? 174 PRO A O   1 
ATOM   1317 C CB  . PRO A 1 174 ? 1.579   36.855  -13.821 1.00 38.68 ? 174 PRO A CB  1 
ATOM   1318 C CG  . PRO A 1 174 ? 2.517   37.120  -12.694 1.00 40.86 ? 174 PRO A CG  1 
ATOM   1319 C CD  . PRO A 1 174 ? 3.716   36.236  -12.954 1.00 40.35 ? 174 PRO A CD  1 
ATOM   1320 N N   . GLY A 1 175 ? 0.598   34.780  -16.222 1.00 43.49 ? 175 GLY A N   1 
ATOM   1321 C CA  . GLY A 1 175 ? 0.449   34.691  -17.660 1.00 36.48 ? 175 GLY A CA  1 
ATOM   1322 C C   . GLY A 1 175 ? 0.955   33.426  -18.330 1.00 45.58 ? 175 GLY A C   1 
ATOM   1323 O O   . GLY A 1 175 ? 0.803   33.286  -19.547 1.00 47.19 ? 175 GLY A O   1 
ATOM   1324 N N   . VAL A 1 176 ? 1.533   32.501  -17.561 1.00 43.64 ? 176 VAL A N   1 
ATOM   1325 C CA  . VAL A 1 176 ? 2.119   31.285  -18.136 1.00 39.38 ? 176 VAL A CA  1 
ATOM   1326 C C   . VAL A 1 176 ? 1.214   30.058  -17.973 1.00 36.39 ? 176 VAL A C   1 
ATOM   1327 O O   . VAL A 1 176 ? 0.600   29.869  -16.926 1.00 44.17 ? 176 VAL A O   1 
ATOM   1328 C CB  . VAL A 1 176 ? 3.509   30.992  -17.500 1.00 48.09 ? 176 VAL A CB  1 
ATOM   1329 C CG1 . VAL A 1 176 ? 3.937   29.532  -17.698 1.00 40.70 ? 176 VAL A CG1 1 
ATOM   1330 C CG2 . VAL A 1 176 ? 4.566   31.949  -18.036 1.00 39.58 ? 176 VAL A CG2 1 
ATOM   1331 N N   . ASP A 1 177 ? 1.125   29.224  -19.001 1.00 38.35 ? 177 ASP A N   1 
ATOM   1332 C CA  . ASP A 1 177 ? 0.436   27.939  -18.873 1.00 42.09 ? 177 ASP A CA  1 
ATOM   1333 C C   . ASP A 1 177 ? 1.367   26.876  -18.259 1.00 42.18 ? 177 ASP A C   1 
ATOM   1334 O O   . ASP A 1 177 ? 2.440   26.600  -18.804 1.00 45.48 ? 177 ASP A O   1 
ATOM   1335 C CB  . ASP A 1 177 ? -0.067  27.473  -20.246 1.00 37.17 ? 177 ASP A CB  1 
ATOM   1336 C CG  . ASP A 1 177 ? -1.062  26.324  -20.156 1.00 43.34 ? 177 ASP A CG  1 
ATOM   1337 O OD1 . ASP A 1 177 ? -1.901  26.308  -19.227 1.00 40.83 ? 177 ASP A OD1 1 
ATOM   1338 O OD2 . ASP A 1 177 ? -1.008  25.430  -21.029 1.00 50.73 ? 177 ASP A OD2 1 
ATOM   1339 N N   . TYR A 1 178 ? 0.952   26.273  -17.144 1.00 38.09 ? 178 TYR A N   1 
ATOM   1340 C CA  . TYR A 1 178 ? 1.725   25.204  -16.491 1.00 35.05 ? 178 TYR A CA  1 
ATOM   1341 C C   . TYR A 1 178 ? 1.112   23.819  -16.658 1.00 34.47 ? 178 TYR A C   1 
ATOM   1342 O O   . TYR A 1 178 ? -0.105  23.644  -16.583 1.00 37.08 ? 178 TYR A O   1 
ATOM   1343 C CB  . TYR A 1 178 ? 1.877   25.476  -14.980 1.00 35.86 ? 178 TYR A CB  1 
ATOM   1344 C CG  . TYR A 1 178 ? 2.787   26.626  -14.662 1.00 37.52 ? 178 TYR A CG  1 
ATOM   1345 C CD1 . TYR A 1 178 ? 4.150   26.428  -14.465 1.00 36.32 ? 178 TYR A CD1 1 
ATOM   1346 C CD2 . TYR A 1 178 ? 2.290   27.918  -14.582 1.00 38.61 ? 178 TYR A CD2 1 
ATOM   1347 C CE1 . TYR A 1 178 ? 4.993   27.498  -14.186 1.00 41.44 ? 178 TYR A CE1 1 
ATOM   1348 C CE2 . TYR A 1 178 ? 3.120   28.994  -14.300 1.00 40.69 ? 178 TYR A CE2 1 
ATOM   1349 C CZ  . TYR A 1 178 ? 4.465   28.782  -14.104 1.00 44.44 ? 178 TYR A CZ  1 
ATOM   1350 O OH  . TYR A 1 178 ? 5.271   29.866  -13.827 1.00 43.60 ? 178 TYR A OH  1 
ATOM   1351 N N   . THR A 1 179 ? 1.962   22.821  -16.849 1.00 32.12 ? 179 THR A N   1 
ATOM   1352 C CA  . THR A 1 179 ? 1.523   21.438  -16.750 1.00 32.06 ? 179 THR A CA  1 
ATOM   1353 C C   . THR A 1 179 ? 1.865   20.947  -15.340 1.00 28.71 ? 179 THR A C   1 
ATOM   1354 O O   . THR A 1 179 ? 3.023   21.014  -14.925 1.00 32.11 ? 179 THR A O   1 
ATOM   1355 C CB  . THR A 1 179 ? 2.190   20.569  -17.845 1.00 38.25 ? 179 THR A CB  1 
ATOM   1356 O OG1 . THR A 1 179 ? 1.803   21.054  -19.145 1.00 40.62 ? 179 THR A OG1 1 
ATOM   1357 C CG2 . THR A 1 179 ? 1.800   19.106  -17.711 1.00 25.01 ? 179 THR A CG2 1 
ATOM   1358 N N   . ILE A 1 180 ? 0.853   20.519  -14.586 1.00 30.03 ? 180 ILE A N   1 
ATOM   1359 C CA  . ILE A 1 180 ? 1.040   20.061  -13.201 1.00 29.10 ? 180 ILE A CA  1 
ATOM   1360 C C   . ILE A 1 180 ? 0.755   18.559  -13.092 1.00 30.27 ? 180 ILE A C   1 
ATOM   1361 O O   . ILE A 1 180 ? -0.328  18.096  -13.464 1.00 31.05 ? 180 ILE A O   1 
ATOM   1362 C CB  . ILE A 1 180 ? 0.120   20.799  -12.190 1.00 30.42 ? 180 ILE A CB  1 
ATOM   1363 C CG1 . ILE A 1 180 ? 0.560   22.250  -12.006 1.00 29.14 ? 180 ILE A CG1 1 
ATOM   1364 C CG2 . ILE A 1 180 ? 0.156   20.109  -10.821 1.00 27.12 ? 180 ILE A CG2 1 
ATOM   1365 C CD1 . ILE A 1 180 ? -0.460  23.222  -12.477 1.00 34.29 ? 180 ILE A CD1 1 
ATOM   1366 N N   . THR A 1 181 ? 1.716   17.810  -12.563 1.00 27.00 ? 181 THR A N   1 
ATOM   1367 C CA  . THR A 1 181 ? 1.630   16.352  -12.547 1.00 29.39 ? 181 THR A CA  1 
ATOM   1368 C C   . THR A 1 181 ? 1.940   15.767  -11.163 1.00 31.95 ? 181 THR A C   1 
ATOM   1369 O O   . THR A 1 181 ? 2.788   16.279  -10.419 1.00 29.21 ? 181 THR A O   1 
ATOM   1370 C CB  . THR A 1 181 ? 2.605   15.769  -13.570 1.00 28.70 ? 181 THR A CB  1 
ATOM   1371 O OG1 . THR A 1 181 ? 2.469   16.505  -14.793 1.00 40.80 ? 181 THR A OG1 1 
ATOM   1372 C CG2 . THR A 1 181 ? 2.333   14.294  -13.822 1.00 27.07 ? 181 THR A CG2 1 
ATOM   1373 N N   . ILE A 1 182 ? 1.255   14.686  -10.820 1.00 30.49 ? 182 ILE A N   1 
ATOM   1374 C CA  . ILE A 1 182 ? 1.511   14.043  -9.551  1.00 29.32 ? 182 ILE A CA  1 
ATOM   1375 C C   . ILE A 1 182 ? 1.727   12.523  -9.694  1.00 31.28 ? 182 ILE A C   1 
ATOM   1376 O O   . ILE A 1 182 ? 0.984   11.822  -10.389 1.00 31.08 ? 182 ILE A O   1 
ATOM   1377 C CB  . ILE A 1 182 ? 0.402   14.395  -8.557  1.00 33.71 ? 182 ILE A CB  1 
ATOM   1378 C CG1 . ILE A 1 182 ? 0.541   13.592  -7.273  1.00 29.78 ? 182 ILE A CG1 1 
ATOM   1379 C CG2 . ILE A 1 182 ? -0.940  14.125  -9.166  1.00 37.84 ? 182 ILE A CG2 1 
ATOM   1380 C CD1 . ILE A 1 182 ? -0.541  13.932  -6.299  1.00 35.18 ? 182 ILE A CD1 1 
ATOM   1381 N N   . TYR A 1 183 ? 2.785   12.034  -9.057  1.00 31.83 ? 183 TYR A N   1 
ATOM   1382 C CA  . TYR A 1 183 ? 3.134   10.623  -9.091  1.00 30.30 ? 183 TYR A CA  1 
ATOM   1383 C C   . TYR A 1 183 ? 2.968   10.097  -7.701  1.00 30.96 ? 183 TYR A C   1 
ATOM   1384 O O   . TYR A 1 183 ? 3.405   10.723  -6.736  1.00 30.12 ? 183 TYR A O   1 
ATOM   1385 C CB  . TYR A 1 183 ? 4.590   10.419  -9.498  1.00 30.92 ? 183 TYR A CB  1 
ATOM   1386 C CG  . TYR A 1 183 ? 4.920   10.956  -10.860 1.00 32.13 ? 183 TYR A CG  1 
ATOM   1387 C CD1 . TYR A 1 183 ? 5.047   10.108  -11.960 1.00 34.49 ? 183 TYR A CD1 1 
ATOM   1388 C CD2 . TYR A 1 183 ? 5.100   12.313  -11.053 1.00 28.87 ? 183 TYR A CD2 1 
ATOM   1389 C CE1 . TYR A 1 183 ? 5.347   10.607  -13.211 1.00 26.10 ? 183 TYR A CE1 1 
ATOM   1390 C CE2 . TYR A 1 183 ? 5.396   12.810  -12.290 1.00 32.22 ? 183 TYR A CE2 1 
ATOM   1391 C CZ  . TYR A 1 183 ? 5.522   11.966  -13.360 1.00 27.65 ? 183 TYR A CZ  1 
ATOM   1392 O OH  . TYR A 1 183 ? 5.816   12.515  -14.583 1.00 28.02 ? 183 TYR A OH  1 
ATOM   1393 N N   . ALA A 1 184 ? 2.334   8.945   -7.592  1.00 32.43 ? 184 ALA A N   1 
ATOM   1394 C CA  . ALA A 1 184 ? 2.154   8.339   -6.296  1.00 30.31 ? 184 ALA A CA  1 
ATOM   1395 C C   . ALA A 1 184 ? 3.223   7.267   -6.134  1.00 31.43 ? 184 ALA A C   1 
ATOM   1396 O O   . ALA A 1 184 ? 3.517   6.520   -7.072  1.00 30.42 ? 184 ALA A O   1 
ATOM   1397 C CB  . ALA A 1 184 ? 0.765   7.766   -6.172  1.00 29.44 ? 184 ALA A CB  1 
ATOM   1398 N N   . LYS A 1 185 ? 3.847   7.240   -4.963  1.00 27.85 ? 185 LYS A N   1 
ATOM   1399 C CA  . LYS A 1 185 ? 4.847   6.226   -4.668  1.00 36.42 ? 185 LYS A CA  1 
ATOM   1400 C C   . LYS A 1 185 ? 4.383   5.391   -3.469  1.00 35.34 ? 185 LYS A C   1 
ATOM   1401 O O   . LYS A 1 185 ? 4.499   5.813   -2.317  1.00 31.05 ? 185 LYS A O   1 
ATOM   1402 C CB  . LYS A 1 185 ? 6.219   6.861   -4.418  1.00 35.48 ? 185 LYS A CB  1 
ATOM   1403 C CG  . LYS A 1 185 ? 7.336   5.862   -4.122  1.00 35.50 ? 185 LYS A CG  1 
ATOM   1404 C CD  . LYS A 1 185 ? 7.464   4.817   -5.244  1.00 37.66 ? 185 LYS A CD  1 
ATOM   1405 C CE  . LYS A 1 185 ? 8.542   3.784   -4.939  1.00 40.77 ? 185 LYS A CE  1 
ATOM   1406 N NZ  . LYS A 1 185 ? 8.328   3.091   -3.612  1.00 46.08 ? 185 LYS A NZ  1 
ATOM   1407 N N   . TYR A 1 186 ? 3.831   4.217   -3.762  1.00 29.56 ? 186 TYR A N   1 
ATOM   1408 C CA  . TYR A 1 186 ? 3.336   3.326   -2.734  1.00 29.38 ? 186 TYR A CA  1 
ATOM   1409 C C   . TYR A 1 186 ? 4.478   2.622   -2.029  1.00 36.64 ? 186 TYR A C   1 
ATOM   1410 O O   . TYR A 1 186 ? 5.557   2.410   -2.595  1.00 41.07 ? 186 TYR A O   1 
ATOM   1411 C CB  . TYR A 1 186 ? 2.356   2.307   -3.322  1.00 30.99 ? 186 TYR A CB  1 
ATOM   1412 C CG  . TYR A 1 186 ? 0.985   2.880   -3.518  1.00 28.29 ? 186 TYR A CG  1 
ATOM   1413 C CD1 . TYR A 1 186 ? 0.735   3.809   -4.531  1.00 27.98 ? 186 TYR A CD1 1 
ATOM   1414 C CD2 . TYR A 1 186 ? -0.055  2.552   -2.646  1.00 26.21 ? 186 TYR A CD2 1 
ATOM   1415 C CE1 . TYR A 1 186 ? -0.534  4.382   -4.692  1.00 26.11 ? 186 TYR A CE1 1 
ATOM   1416 C CE2 . TYR A 1 186 ? -1.326  3.109   -2.802  1.00 28.81 ? 186 TYR A CE2 1 
ATOM   1417 C CZ  . TYR A 1 186 ? -1.559  4.026   -3.829  1.00 27.28 ? 186 TYR A CZ  1 
ATOM   1418 O OH  . TYR A 1 186 ? -2.817  4.564   -3.986  1.00 25.18 ? 186 TYR A OH  1 
ATOM   1419 N N   . HIS A 1 187 ? 4.229   2.295   -0.771  1.00 39.60 ? 187 HIS A N   1 
ATOM   1420 C CA  . HIS A 1 187 ? 5.134   1.498   0.031   1.00 49.56 ? 187 HIS A CA  1 
ATOM   1421 C C   . HIS A 1 187 ? 4.731   0.039   -0.151  1.00 50.80 ? 187 HIS A C   1 
ATOM   1422 O O   . HIS A 1 187 ? 3.594   -0.321  0.167   1.00 53.41 ? 187 HIS A O   1 
ATOM   1423 C CB  . HIS A 1 187 ? 4.930   1.884   1.497   1.00 46.72 ? 187 HIS A CB  1 
ATOM   1424 C CG  . HIS A 1 187 ? 6.095   1.569   2.369   1.00 55.43 ? 187 HIS A CG  1 
ATOM   1425 N ND1 . HIS A 1 187 ? 6.058   0.583   3.332   1.00 58.17 ? 187 HIS A ND1 1 
ATOM   1426 C CD2 . HIS A 1 187 ? 7.341   2.094   2.415   1.00 64.06 ? 187 HIS A CD2 1 
ATOM   1427 C CE1 . HIS A 1 187 ? 7.231   0.519   3.937   1.00 60.27 ? 187 HIS A CE1 1 
ATOM   1428 N NE2 . HIS A 1 187 ? 8.027   1.425   3.399   1.00 67.33 ? 187 HIS A NE2 1 
ATOM   1429 N N   . ARG A 1 188 ? 5.602   -0.809  -0.686  1.00 47.36 ? 188 ARG A N   1 
ATOM   1430 C CA  . ARG A 1 188 ? 6.830   -0.425  -1.341  1.00 53.53 ? 188 ARG A CA  1 
ATOM   1431 C C   . ARG A 1 188 ? 6.741   -1.038  -2.733  1.00 50.25 ? 188 ARG A C   1 
ATOM   1432 O O   . ARG A 1 188 ? 7.059   -2.204  -2.946  1.00 47.94 ? 188 ARG A O   1 
ATOM   1433 C CB  . ARG A 1 188 ? 8.043   -0.999  -0.613  1.00 63.98 ? 188 ARG A CB  1 
ATOM   1434 C CG  . ARG A 1 188 ? 8.119   -0.638  0.862   1.00 70.77 ? 188 ARG A CG  1 
ATOM   1435 C CD  . ARG A 1 188 ? 9.102   -1.531  1.628   1.00 72.16 ? 188 ARG A CD  1 
ATOM   1436 N NE  . ARG A 1 188 ? 8.844   -2.956  1.406   1.00 73.46 ? 188 ARG A NE  1 
ATOM   1437 C CZ  . ARG A 1 188 ? 8.357   -3.792  2.321   1.00 67.29 ? 188 ARG A CZ  1 
ATOM   1438 N NH1 . ARG A 1 188 ? 8.083   -3.346  3.547   1.00 56.42 ? 188 ARG A NH1 1 
ATOM   1439 N NH2 . ARG A 1 188 ? 8.166   -5.079  2.009   1.00 57.30 ? 188 ARG A NH2 1 
ATOM   1440 N N   . ALA A 1 189 ? 6.241   -0.247  -3.663  1.00 45.75 ? 189 ALA A N   1 
ATOM   1441 C CA  . ALA A 1 189 ? 6.240   -0.609  -5.051  1.00 47.59 ? 189 ALA A CA  1 
ATOM   1442 C C   . ALA A 1 189 ? 7.633   -0.263  -5.561  1.00 48.82 ? 189 ALA A C   1 
ATOM   1443 O O   . ALA A 1 189 ? 8.292   0.628   -5.017  1.00 40.53 ? 189 ALA A O   1 
ATOM   1444 C CB  . ALA A 1 189 ? 5.162   0.185   -5.791  1.00 37.03 ? 189 ALA A CB  1 
ATOM   1445 N N   . LYS A 1 190 ? 8.092   -0.976  -6.585  1.00 53.22 ? 190 LYS A N   1 
ATOM   1446 C CA  . LYS A 1 190 ? 9.396   -0.688  -7.163  1.00 49.83 ? 190 LYS A CA  1 
ATOM   1447 C C   . LYS A 1 190 ? 9.327   0.665   -7.868  1.00 45.98 ? 190 LYS A C   1 
ATOM   1448 O O   . LYS A 1 190 ? 10.211  1.502   -7.714  1.00 49.32 ? 190 LYS A O   1 
ATOM   1449 C CB  . LYS A 1 190 ? 9.816   -1.797  -8.138  1.00 44.39 ? 190 LYS A CB  1 
ATOM   1450 N N   . TYR A 1 191 ? 8.245   0.871   -8.615  1.00 44.13 ? 191 TYR A N   1 
ATOM   1451 C CA  . TYR A 1 191 ? 8.067   2.050   -9.448  1.00 44.88 ? 191 TYR A CA  1 
ATOM   1452 C C   . TYR A 1 191 ? 7.020   3.000   -8.866  1.00 42.76 ? 191 TYR A C   1 
ATOM   1453 O O   . TYR A 1 191 ? 6.051   2.557   -8.240  1.00 41.20 ? 191 TYR A O   1 
ATOM   1454 C CB  . TYR A 1 191 ? 7.547   1.632   -10.818 1.00 47.08 ? 191 TYR A CB  1 
ATOM   1455 C CG  . TYR A 1 191 ? 8.501   0.866   -11.713 1.00 57.03 ? 191 TYR A CG  1 
ATOM   1456 C CD1 . TYR A 1 191 ? 8.602   1.186   -13.067 1.00 58.98 ? 191 TYR A CD1 1 
ATOM   1457 C CD2 . TYR A 1 191 ? 9.271   -0.191  -11.228 1.00 55.30 ? 191 TYR A CD2 1 
ATOM   1458 C CE1 . TYR A 1 191 ? 9.456   0.493   -13.913 1.00 67.63 ? 191 TYR A CE1 1 
ATOM   1459 C CE2 . TYR A 1 191 ? 10.140  -0.891  -12.066 1.00 61.89 ? 191 TYR A CE2 1 
ATOM   1460 C CZ  . TYR A 1 191 ? 10.225  -0.545  -13.411 1.00 74.70 ? 191 TYR A CZ  1 
ATOM   1461 O OH  . TYR A 1 191 ? 11.071  -1.230  -14.260 1.00 68.95 ? 191 TYR A OH  1 
ATOM   1462 N N   . TYR A 1 192 ? 7.197   4.298   -9.117  1.00 39.04 ? 192 TYR A N   1 
ATOM   1463 C CA  . TYR A 1 192 ? 6.112   5.266   -9.007  1.00 38.27 ? 192 TYR A CA  1 
ATOM   1464 C C   . TYR A 1 192 ? 4.901   4.729   -9.750  1.00 37.10 ? 192 TYR A C   1 
ATOM   1465 O O   . TYR A 1 192 ? 5.042   3.932   -10.678 1.00 40.57 ? 192 TYR A O   1 
ATOM   1466 C CB  . TYR A 1 192 ? 6.505   6.582   -9.677  1.00 37.45 ? 192 TYR A CB  1 
ATOM   1467 C CG  . TYR A 1 192 ? 7.419   7.465   -8.864  1.00 40.42 ? 192 TYR A CG  1 
ATOM   1468 C CD1 . TYR A 1 192 ? 6.912   8.301   -7.869  1.00 39.05 ? 192 TYR A CD1 1 
ATOM   1469 C CD2 . TYR A 1 192 ? 8.785   7.486   -9.104  1.00 41.03 ? 192 TYR A CD2 1 
ATOM   1470 C CE1 . TYR A 1 192 ? 7.753   9.127   -7.126  1.00 36.36 ? 192 TYR A CE1 1 
ATOM   1471 C CE2 . TYR A 1 192 ? 9.633   8.303   -8.364  1.00 42.50 ? 192 TYR A CE2 1 
ATOM   1472 C CZ  . TYR A 1 192 ? 9.114   9.122   -7.382  1.00 39.22 ? 192 TYR A CZ  1 
ATOM   1473 O OH  . TYR A 1 192 ? 9.970   9.926   -6.655  1.00 44.67 ? 192 TYR A OH  1 
ATOM   1474 N N   . SER A 1 193 ? 3.707   5.166   -9.367  1.00 37.51 ? 193 SER A N   1 
ATOM   1475 C CA  . SER A 1 193 ? 2.531   4.832   -10.163 1.00 37.57 ? 193 SER A CA  1 
ATOM   1476 C C   . SER A 1 193 ? 2.590   5.719   -11.400 1.00 34.02 ? 193 SER A C   1 
ATOM   1477 O O   . SER A 1 193 ? 3.385   6.653   -11.452 1.00 38.30 ? 193 SER A O   1 
ATOM   1478 C CB  . SER A 1 193 ? 1.233   5.029   -9.371  1.00 35.26 ? 193 SER A CB  1 
ATOM   1479 O OG  . SER A 1 193 ? 0.899   6.400   -9.239  1.00 48.42 ? 193 SER A OG  1 
ATOM   1480 N N   . SER A 1 194 ? 1.794   5.431   -12.414 1.00 31.77 ? 194 SER A N   1 
ATOM   1481 C CA  . SER A 1 194 ? 1.859   6.268   -13.600 1.00 34.66 ? 194 SER A CA  1 
ATOM   1482 C C   . SER A 1 194 ? 1.125   7.557   -13.282 1.00 37.13 ? 194 SER A C   1 
ATOM   1483 O O   . SER A 1 194 ? 0.429   7.637   -12.258 1.00 40.22 ? 194 SER A O   1 
ATOM   1484 C CB  . SER A 1 194 ? 1.345   5.537   -14.857 1.00 44.84 ? 194 SER A CB  1 
ATOM   1485 O OG  . SER A 1 194 ? 0.179   4.789   -14.608 1.00 56.35 ? 194 SER A OG  1 
ATOM   1486 N N   . PRO A 1 195 ? 1.310   8.594   -14.116 1.00 34.39 ? 195 PRO A N   1 
ATOM   1487 C CA  . PRO A 1 195 ? 0.901   9.917   -13.610 1.00 30.20 ? 195 PRO A CA  1 
ATOM   1488 C C   . PRO A 1 195 ? -0.521  10.352  -13.945 1.00 32.11 ? 195 PRO A C   1 
ATOM   1489 O O   . PRO A 1 195 ? -1.221  9.734   -14.741 1.00 32.66 ? 195 PRO A O   1 
ATOM   1490 C CB  . PRO A 1 195 ? 1.887   10.854  -14.298 1.00 35.32 ? 195 PRO A CB  1 
ATOM   1491 C CG  . PRO A 1 195 ? 2.167   10.156  -15.643 1.00 31.65 ? 195 PRO A CG  1 
ATOM   1492 C CD  . PRO A 1 195 ? 2.167   8.688   -15.317 1.00 27.48 ? 195 PRO A CD  1 
ATOM   1493 N N   . ILE A 1 196 ? -0.935  11.439  -13.310 1.00 33.25 ? 196 ILE A N   1 
ATOM   1494 C CA  . ILE A 1 196 ? -2.162  12.131  -13.658 1.00 27.78 ? 196 ILE A CA  1 
ATOM   1495 C C   . ILE A 1 196 ? -1.774  13.598  -13.673 1.00 30.52 ? 196 ILE A C   1 
ATOM   1496 O O   . ILE A 1 196 ? -1.110  14.085  -12.755 1.00 33.45 ? 196 ILE A O   1 
ATOM   1497 C CB  . ILE A 1 196 ? -3.305  11.848  -12.646 1.00 36.57 ? 196 ILE A CB  1 
ATOM   1498 C CG1 . ILE A 1 196 ? -4.616  12.515  -13.061 1.00 33.36 ? 196 ILE A CG1 1 
ATOM   1499 C CG2 . ILE A 1 196 ? -2.954  12.302  -11.232 1.00 32.74 ? 196 ILE A CG2 1 
ATOM   1500 C CD1 . ILE A 1 196 ? -5.678  12.455  -11.972 1.00 31.63 ? 196 ILE A CD1 1 
ATOM   1501 N N   . SER A 1 197 ? -2.133  14.310  -14.732 1.00 30.85 ? 197 SER A N   1 
ATOM   1502 C CA  . SER A 1 197 ? -1.773  15.720  -14.777 1.00 32.08 ? 197 SER A CA  1 
ATOM   1503 C C   . SER A 1 197 ? -2.894  16.642  -15.206 1.00 30.81 ? 197 SER A C   1 
ATOM   1504 O O   . SER A 1 197 ? -3.956  16.207  -15.659 1.00 31.75 ? 197 SER A O   1 
ATOM   1505 C CB  . SER A 1 197 ? -0.532  15.953  -15.643 1.00 32.27 ? 197 SER A CB  1 
ATOM   1506 O OG  . SER A 1 197 ? -0.709  15.401  -16.925 1.00 37.56 ? 197 SER A OG  1 
ATOM   1507 N N   . ILE A 1 198 ? -2.619  17.931  -15.075 1.00 27.63 ? 198 ILE A N   1 
ATOM   1508 C CA  . ILE A 1 198 ? -3.622  18.953  -15.214 1.00 26.91 ? 198 ILE A CA  1 
ATOM   1509 C C   . ILE A 1 198 ? -2.896  20.102  -15.887 1.00 35.52 ? 198 ILE A C   1 
ATOM   1510 O O   . ILE A 1 198 ? -1.660  20.140  -15.833 1.00 32.67 ? 198 ILE A O   1 
ATOM   1511 C CB  . ILE A 1 198 ? -4.129  19.342  -13.802 1.00 31.19 ? 198 ILE A CB  1 
ATOM   1512 C CG1 . ILE A 1 198 ? -5.640  19.391  -13.787 1.00 34.46 ? 198 ILE A CG1 1 
ATOM   1513 C CG2 . ILE A 1 198 ? -3.476  20.616  -13.263 1.00 32.08 ? 198 ILE A CG2 1 
ATOM   1514 C CD1 . ILE A 1 198 ? -6.209  18.116  -14.304 1.00 34.39 ? 198 ILE A CD1 1 
ATOM   1515 N N   . ASN A 1 199 ? -3.630  21.000  -16.554 1.00 35.56 ? 199 ASN A N   1 
ATOM   1516 C CA  . ASN A 1 199 ? -3.060  22.278  -17.006 1.00 32.46 ? 199 ASN A CA  1 
ATOM   1517 C C   . ASN A 1 199 ? -3.732  23.479  -16.357 1.00 36.60 ? 199 ASN A C   1 
ATOM   1518 O O   . ASN A 1 199 ? -4.941  23.481  -16.109 1.00 36.07 ? 199 ASN A O   1 
ATOM   1519 C CB  . ASN A 1 199 ? -3.169  22.447  -18.512 1.00 37.10 ? 199 ASN A CB  1 
ATOM   1520 C CG  . ASN A 1 199 ? -2.308  21.466  -19.262 1.00 42.70 ? 199 ASN A CG  1 
ATOM   1521 O OD1 . ASN A 1 199 ? -1.083  21.614  -19.332 1.00 41.30 ? 199 ASN A OD1 1 
ATOM   1522 N ND2 . ASN A 1 199 ? -2.942  20.452  -19.834 1.00 42.07 ? 199 ASN A ND2 1 
ATOM   1523 N N   . TYR A 1 200 ? -2.954  24.517  -16.094 1.00 31.78 ? 200 TYR A N   1 
ATOM   1524 C CA  . TYR A 1 200 ? -3.529  25.721  -15.538 1.00 33.22 ? 200 TYR A CA  1 
ATOM   1525 C C   . TYR A 1 200 ? -2.682  26.898  -15.971 1.00 35.41 ? 200 TYR A C   1 
ATOM   1526 O O   . TYR A 1 200 ? -1.456  26.791  -16.037 1.00 36.09 ? 200 TYR A O   1 
ATOM   1527 C CB  . TYR A 1 200 ? -3.610  25.627  -14.007 1.00 34.63 ? 200 TYR A CB  1 
ATOM   1528 C CG  . TYR A 1 200 ? -4.003  26.928  -13.387 1.00 30.87 ? 200 TYR A CG  1 
ATOM   1529 C CD1 . TYR A 1 200 ? -5.335  27.310  -13.327 1.00 28.15 ? 200 TYR A CD1 1 
ATOM   1530 C CD2 . TYR A 1 200 ? -3.041  27.796  -12.890 1.00 31.53 ? 200 TYR A CD2 1 
ATOM   1531 C CE1 . TYR A 1 200 ? -5.704  28.516  -12.768 1.00 34.28 ? 200 TYR A CE1 1 
ATOM   1532 C CE2 . TYR A 1 200 ? -3.396  29.008  -12.324 1.00 35.28 ? 200 TYR A CE2 1 
ATOM   1533 C CZ  . TYR A 1 200 ? -4.727  29.365  -12.265 1.00 36.17 ? 200 TYR A CZ  1 
ATOM   1534 O OH  . TYR A 1 200 ? -5.073  30.577  -11.722 1.00 34.01 ? 200 TYR A OH  1 
ATOM   1535 N N   . ARG A 1 201 ? -3.330  28.010  -16.298 1.00 32.73 ? 201 ARG A N   1 
ATOM   1536 C CA  . ARG A 1 201 ? -2.599  29.188  -16.720 1.00 36.30 ? 201 ARG A CA  1 
ATOM   1537 C C   . ARG A 1 201 ? -2.743  30.262  -15.666 1.00 36.76 ? 201 ARG A C   1 
ATOM   1538 O O   . ARG A 1 201 ? -3.856  30.592  -15.264 1.00 35.32 ? 201 ARG A O   1 
ATOM   1539 C CB  . ARG A 1 201 ? -3.112  29.703  -18.059 1.00 38.02 ? 201 ARG A CB  1 
ATOM   1540 C CG  . ARG A 1 201 ? -2.410  30.982  -18.494 1.00 38.54 ? 201 ARG A CG  1 
ATOM   1541 C CD  . ARG A 1 201 ? -2.864  31.441  -19.863 1.00 39.52 ? 201 ARG A CD  1 
ATOM   1542 N NE  . ARG A 1 201 ? -1.853  31.235  -20.903 1.00 41.80 ? 201 ARG A NE  1 
ATOM   1543 C CZ  . ARG A 1 201 ? -1.824  30.182  -21.713 1.00 45.22 ? 201 ARG A CZ  1 
ATOM   1544 N NH1 . ARG A 1 201 ? -0.891  30.083  -22.657 1.00 45.50 ? 201 ARG A NH1 1 
ATOM   1545 N NH2 . ARG A 1 201 ? -2.739  29.224  -21.581 1.00 50.64 ? 201 ARG A NH2 1 
ATOM   1546 N N   . THR A 1 202 ? -1.616  30.799  -15.212 1.00 40.40 ? 202 THR A N   1 
ATOM   1547 C CA  . THR A 1 202 ? -1.614  31.766  -14.109 1.00 43.35 ? 202 THR A CA  1 
ATOM   1548 C C   . THR A 1 202 ? -2.182  33.124  -14.532 1.00 48.03 ? 202 THR A C   1 
ATOM   1549 O O   . THR A 1 202 ? -2.778  33.838  -13.717 1.00 51.28 ? 202 THR A O   1 
ATOM   1550 C CB  . THR A 1 202 ? -0.196  31.939  -13.507 1.00 41.24 ? 202 THR A CB  1 
ATOM   1551 O OG1 . THR A 1 202 ? 0.759   32.061  -14.572 1.00 45.24 ? 202 THR A OG1 1 
ATOM   1552 C CG2 . THR A 1 202 ? 0.173   30.728  -12.658 1.00 37.95 ? 202 THR A CG2 1 
ATOM   1553 O OXT . THR A 1 202 ? -2.069  33.528  -15.697 1.00 47.39 ? 202 THR A OXT 1 
ATOM   1554 N N   . HIS B 2 4   ? 12.651  -8.815  8.946   1.00 50.14 ? 237 HIS B N   1 
ATOM   1555 C CA  . HIS B 2 4   ? 12.025  -7.643  9.556   1.00 56.32 ? 237 HIS B CA  1 
ATOM   1556 C C   . HIS B 2 4   ? 11.181  -6.754  8.616   1.00 53.20 ? 237 HIS B C   1 
ATOM   1557 O O   . HIS B 2 4   ? 10.518  -5.833  9.086   1.00 55.92 ? 237 HIS B O   1 
ATOM   1558 C CB  . HIS B 2 4   ? 13.046  -6.804  10.356  1.00 58.02 ? 237 HIS B CB  1 
ATOM   1559 C CG  . HIS B 2 4   ? 14.218  -6.325  9.550   1.00 65.52 ? 237 HIS B CG  1 
ATOM   1560 N ND1 . HIS B 2 4   ? 14.092  -5.787  8.286   1.00 63.81 ? 237 HIS B ND1 1 
ATOM   1561 C CD2 . HIS B 2 4   ? 15.541  -6.294  9.842   1.00 65.83 ? 237 HIS B CD2 1 
ATOM   1562 C CE1 . HIS B 2 4   ? 15.287  -5.454  7.831   1.00 69.31 ? 237 HIS B CE1 1 
ATOM   1563 N NE2 . HIS B 2 4   ? 16.185  -5.752  8.754   1.00 71.27 ? 237 HIS B NE2 1 
ATOM   1564 N N   . GLN B 2 5   ? 11.180  -7.027  7.312   1.00 55.29 ? 238 GLN B N   1 
ATOM   1565 C CA  . GLN B 2 5   ? 10.305  -6.284  6.382   1.00 52.40 ? 238 GLN B CA  1 
ATOM   1566 C C   . GLN B 2 5   ? 9.092   -7.107  5.917   1.00 52.24 ? 238 GLN B C   1 
ATOM   1567 O O   . GLN B 2 5   ? 9.237   -8.276  5.539   1.00 49.21 ? 238 GLN B O   1 
ATOM   1568 C CB  . GLN B 2 5   ? 11.085  -5.789  5.163   1.00 51.99 ? 238 GLN B CB  1 
ATOM   1569 C CG  . GLN B 2 5   ? 11.491  -4.334  5.237   1.00 53.84 ? 238 GLN B CG  1 
ATOM   1570 C CD  . GLN B 2 5   ? 11.837  -3.761  3.877   1.00 66.62 ? 238 GLN B CD  1 
ATOM   1571 O OE1 . GLN B 2 5   ? 12.354  -4.469  3.008   1.00 64.86 ? 238 GLN B OE1 1 
ATOM   1572 N NE2 . GLN B 2 5   ? 11.540  -2.473  3.677   1.00 68.86 ? 238 GLN B NE2 1 
HETATM 1573 N N   . PTR B 2 6   ? 7.908   -6.486  5.924   1.00 45.10 ? 239 PTR B N   1 
HETATM 1574 C CA  . PTR B 2 6   ? 6.648   -7.191  5.643   1.00 42.19 ? 239 PTR B CA  1 
HETATM 1575 C C   . PTR B 2 6   ? 5.864   -6.646  4.451   1.00 39.86 ? 239 PTR B C   1 
HETATM 1576 O O   . PTR B 2 6   ? 5.764   -5.429  4.284   1.00 43.51 ? 239 PTR B O   1 
HETATM 1577 C CB  . PTR B 2 6   ? 5.716   -7.136  6.861   1.00 42.26 ? 239 PTR B CB  1 
HETATM 1578 C CG  . PTR B 2 6   ? 6.313   -7.774  8.091   1.00 45.26 ? 239 PTR B CG  1 
HETATM 1579 C CD1 . PTR B 2 6   ? 6.192   -9.148  8.317   1.00 41.35 ? 239 PTR B CD1 1 
HETATM 1580 C CD2 . PTR B 2 6   ? 7.011   -7.007  9.020   1.00 40.49 ? 239 PTR B CD2 1 
HETATM 1581 C CE1 . PTR B 2 6   ? 6.742   -9.730  9.443   1.00 43.79 ? 239 PTR B CE1 1 
HETATM 1582 C CE2 . PTR B 2 6   ? 7.570   -7.585  10.145  1.00 48.94 ? 239 PTR B CE2 1 
HETATM 1583 C CZ  . PTR B 2 6   ? 7.443   -8.946  10.347  1.00 47.42 ? 239 PTR B CZ  1 
HETATM 1584 O OH  . PTR B 2 6   ? 7.965   -9.460  11.425  1.00 53.75 ? 239 PTR B OH  1 
HETATM 1585 P P   . PTR B 2 6   ? 8.799   -10.845 11.491  1.00 50.83 ? 239 PTR B P   1 
HETATM 1586 O O1P . PTR B 2 6   ? 7.967   -11.817 12.227  1.00 48.38 ? 239 PTR B O1P 1 
HETATM 1587 O O2P . PTR B 2 6   ? 10.093  -10.549 12.278  1.00 56.80 ? 239 PTR B O2P 1 
HETATM 1588 O O3P . PTR B 2 6   ? 9.155   -11.424 10.105  1.00 45.85 ? 239 PTR B O3P 1 
HETATM 1589 N N   . PTR B 2 7   ? 5.273   -7.550  3.669   1.00 31.70 ? 240 PTR B N   1 
HETATM 1590 C CA  . PTR B 2 7   ? 4.500   -7.206  2.476   1.00 33.63 ? 240 PTR B CA  1 
HETATM 1591 C C   . PTR B 2 7   ? 3.374   -6.188  2.697   1.00 38.89 ? 240 PTR B C   1 
HETATM 1592 O O   . PTR B 2 7   ? 3.043   -5.450  1.761   1.00 35.81 ? 240 PTR B O   1 
HETATM 1593 C CB  . PTR B 2 7   ? 3.911   -8.505  1.932   1.00 32.80 ? 240 PTR B CB  1 
HETATM 1594 C CG  . PTR B 2 7   ? 3.043   -8.403  0.679   1.00 34.43 ? 240 PTR B CG  1 
HETATM 1595 C CD1 . PTR B 2 7   ? 3.587   -8.563  -0.592  1.00 34.17 ? 240 PTR B CD1 1 
HETATM 1596 C CD2 . PTR B 2 7   ? 1.670   -8.226  0.777   1.00 29.90 ? 240 PTR B CD2 1 
HETATM 1597 C CE1 . PTR B 2 7   ? 2.793   -8.506  -1.723  1.00 33.06 ? 240 PTR B CE1 1 
HETATM 1598 C CE2 . PTR B 2 7   ? 0.868   -8.174  -0.340  1.00 32.07 ? 240 PTR B CE2 1 
HETATM 1599 C CZ  . PTR B 2 7   ? 1.432   -8.313  -1.594  1.00 36.67 ? 240 PTR B CZ  1 
HETATM 1600 O OH  . PTR B 2 7   ? 0.663   -8.271  -2.654  1.00 34.31 ? 240 PTR B OH  1 
HETATM 1601 P P   . PTR B 2 7   ? -0.157  -6.919  -3.002  1.00 34.70 ? 240 PTR B P   1 
HETATM 1602 O O1P . PTR B 2 7   ? -0.694  -7.068  -4.374  1.00 31.06 ? 240 PTR B O1P 1 
HETATM 1603 O O2P . PTR B 2 7   ? 0.857   -5.787  -2.876  1.00 30.41 ? 240 PTR B O2P 1 
HETATM 1604 O O3P . PTR B 2 7   ? -1.340  -6.718  -2.018  1.00 30.95 ? 240 PTR B O3P 1 
ATOM   1605 N N   . ASN B 2 8   ? 2.799   -6.154  3.903   1.00 38.88 ? 241 ASN B N   1 
ATOM   1606 C CA  . ASN B 2 8   ? 1.677   -5.261  4.215   1.00 32.49 ? 241 ASN B CA  1 
ATOM   1607 C C   . ASN B 2 8   ? 2.048   -4.158  5.198   1.00 30.27 ? 241 ASN B C   1 
ATOM   1608 O O   . ASN B 2 8   ? 1.182   -3.650  5.910   1.00 35.57 ? 241 ASN B O   1 
ATOM   1609 C CB  . ASN B 2 8   ? 0.483   -6.054  4.760   1.00 26.26 ? 241 ASN B CB  1 
ATOM   1610 C CG  . ASN B 2 8   ? 0.747   -6.632  6.142   1.00 30.91 ? 241 ASN B CG  1 
ATOM   1611 O OD1 . ASN B 2 8   ? 1.894   -6.907  6.497   1.00 30.85 ? 241 ASN B OD1 1 
ATOM   1612 N ND2 . ASN B 2 8   ? -0.320  -6.806  6.938   1.00 31.73 ? 241 ASN B ND2 1 
ATOM   1613 N N   . ASP B 2 9   ? 3.328   -3.790  5.239   1.00 34.61 ? 242 ASP B N   1 
ATOM   1614 C CA  . ASP B 2 9   ? 3.802   -2.694  6.097   1.00 42.29 ? 242 ASP B CA  1 
ATOM   1615 C C   . ASP B 2 9   ? 3.185   -1.337  5.729   1.00 46.19 ? 242 ASP B C   1 
ATOM   1616 O O   . ASP B 2 9   ? 2.559   -1.191  4.681   1.00 44.00 ? 242 ASP B O   1 
ATOM   1617 C CB  . ASP B 2 9   ? 5.330   -2.587  6.026   1.00 41.65 ? 242 ASP B CB  1 
ATOM   1618 C CG  . ASP B 2 9   ? 6.039   -3.482  7.040   1.00 44.84 ? 242 ASP B CG  1 
ATOM   1619 O OD1 . ASP B 2 9   ? 5.515   -3.665  8.160   1.00 45.46 ? 242 ASP B OD1 1 
ATOM   1620 O OD2 . ASP B 2 9   ? 7.131   -3.991  6.719   1.00 45.96 ? 242 ASP B OD2 1 
ATOM   1621 N N   . PHE B 2 10  ? 3.371   -0.348  6.603   1.00 50.33 ? 243 PHE B N   1 
ATOM   1622 C CA  . PHE B 2 10  ? 3.026   1.041   6.304   1.00 45.78 ? 243 PHE B CA  1 
ATOM   1623 C C   . PHE B 2 10  ? 4.257   1.782   5.840   1.00 52.67 ? 243 PHE B C   1 
ATOM   1624 O O   . PHE B 2 10  ? 5.379   1.325   6.054   1.00 56.82 ? 243 PHE B O   1 
ATOM   1625 C CB  . PHE B 2 10  ? 2.526   1.765   7.551   1.00 41.70 ? 243 PHE B CB  1 
ATOM   1626 C CG  . PHE B 2 10  ? 1.369   1.102   8.207   1.00 44.11 ? 243 PHE B CG  1 
ATOM   1627 C CD1 . PHE B 2 10  ? 0.143   1.054   7.575   1.00 42.41 ? 243 PHE B CD1 1 
ATOM   1628 C CD2 . PHE B 2 10  ? 1.509   0.513   9.460   1.00 43.49 ? 243 PHE B CD2 1 
ATOM   1629 C CE1 . PHE B 2 10  ? -0.925  0.419   8.181   1.00 44.84 ? 243 PHE B CE1 1 
ATOM   1630 C CE2 . PHE B 2 10  ? 0.451   -0.117  10.071  1.00 33.86 ? 243 PHE B CE2 1 
ATOM   1631 C CZ  . PHE B 2 10  ? -0.767  -0.164  9.434   1.00 42.42 ? 243 PHE B CZ  1 
ATOM   1632 N N   . PRO B 2 11  ? 4.054   2.938   5.198   1.00 52.33 ? 244 PRO B N   1 
ATOM   1633 C CA  . PRO B 2 11  ? 5.161   3.893   5.123   1.00 53.04 ? 244 PRO B CA  1 
ATOM   1634 C C   . PRO B 2 11  ? 5.535   4.315   6.535   1.00 47.60 ? 244 PRO B C   1 
ATOM   1635 O O   . PRO B 2 11  ? 4.596   4.555   7.306   1.00 51.39 ? 244 PRO B O   1 
ATOM   1636 C CB  . PRO B 2 11  ? 4.552   5.091   4.372   1.00 46.54 ? 244 PRO B CB  1 
ATOM   1637 C CG  . PRO B 2 11  ? 3.065   4.875   4.375   1.00 43.67 ? 244 PRO B CG  1 
ATOM   1638 C CD  . PRO B 2 11  ? 2.867   3.383   4.447   1.00 46.76 ? 244 PRO B CD  1 
HETATM 1639 O O   . HOH C 3 .   ? -6.828  -8.186  1.018   1.00 31.27 ? 301 HOH A O   1 
HETATM 1640 O O   . HOH C 3 .   ? -5.799  2.690   2.989   1.00 25.63 ? 302 HOH A O   1 
HETATM 1641 O O   . HOH C 3 .   ? 5.733   -0.975  -8.814  1.00 35.60 ? 303 HOH A O   1 
HETATM 1642 O O   . HOH C 3 .   ? 1.089   -1.235  0.165   1.00 26.57 ? 304 HOH A O   1 
HETATM 1643 O O   . HOH C 3 .   ? -8.809  3.345   2.446   1.00 31.97 ? 305 HOH A O   1 
HETATM 1644 O O   . HOH C 3 .   ? -3.529  6.734   -5.544  1.00 28.35 ? 306 HOH A O   1 
HETATM 1645 O O   . HOH D 3 .   ? 3.037   -5.282  -1.095  1.00 31.37 ? 301 HOH B O   1 
# 
